data_5XV9
#
_entry.id   5XV9
#
_entity_poly.entity_id   1
_entity_poly.type   'polypeptide(L)'
_entity_poly.pdbx_seq_one_letter_code
;MSKGIVKWFNSDKGFGFITPEDGSKDLFVHHSEIQSGGEYATLADGQTVEYEVGQGQKGPCANKVVAV
;
_entity_poly.pdbx_strand_id   A
#
# COMPACT_ATOMS: atom_id res chain seq x y z
N MET A 1 6.32 -0.58 10.38
CA MET A 1 5.72 -1.18 11.60
C MET A 1 4.27 -1.55 11.31
N SER A 2 3.47 -0.56 10.93
CA SER A 2 2.06 -0.78 10.63
C SER A 2 1.91 -1.59 9.34
N LYS A 3 0.82 -2.36 9.27
CA LYS A 3 0.55 -3.18 8.09
C LYS A 3 -0.95 -3.47 7.97
N GLY A 4 -1.44 -3.50 6.74
CA GLY A 4 -2.86 -3.75 6.49
C GLY A 4 -3.04 -4.69 5.31
N ILE A 5 -4.27 -4.73 4.78
CA ILE A 5 -4.59 -5.58 3.64
C ILE A 5 -5.05 -4.74 2.47
N VAL A 6 -4.44 -4.98 1.31
CA VAL A 6 -4.75 -4.21 0.10
C VAL A 6 -6.14 -4.57 -0.42
N LYS A 7 -6.99 -3.53 -0.57
CA LYS A 7 -8.34 -3.73 -1.09
C LYS A 7 -8.23 -4.20 -2.54
N TRP A 8 -7.36 -3.52 -3.31
CA TRP A 8 -7.11 -3.89 -4.70
C TRP A 8 -5.89 -3.17 -5.24
N PHE A 9 -5.03 -3.93 -5.93
CA PHE A 9 -3.81 -3.36 -6.52
C PHE A 9 -3.81 -3.53 -8.04
N ASN A 10 -3.58 -2.42 -8.76
CA ASN A 10 -3.53 -2.46 -10.23
C ASN A 10 -2.30 -1.73 -10.74
N SER A 11 -1.27 -2.53 -11.09
CA SER A 11 -0.01 -1.99 -11.60
C SER A 11 -0.22 -1.29 -12.94
N ASP A 12 -1.20 -1.76 -13.73
CA ASP A 12 -1.47 -1.14 -15.04
C ASP A 12 -1.82 0.33 -14.82
N LYS A 13 -2.66 0.59 -13.82
CA LYS A 13 -3.04 1.95 -13.47
C LYS A 13 -1.87 2.64 -12.76
N GLY A 14 -1.03 1.83 -12.09
CA GLY A 14 0.15 2.35 -11.37
C GLY A 14 -0.17 2.66 -9.90
N PHE A 15 -1.36 2.27 -9.43
CA PHE A 15 -1.74 2.54 -8.04
C PHE A 15 -2.83 1.59 -7.55
N GLY A 16 -3.12 1.68 -6.25
CA GLY A 16 -4.13 0.85 -5.62
C GLY A 16 -4.56 1.45 -4.30
N PHE A 17 -5.56 0.83 -3.68
CA PHE A 17 -6.08 1.29 -2.38
C PHE A 17 -5.91 0.20 -1.35
N ILE A 18 -5.55 0.58 -0.13
CA ILE A 18 -5.36 -0.38 0.95
C ILE A 18 -6.34 -0.16 2.08
N THR A 19 -6.76 -1.27 2.70
CA THR A 19 -7.70 -1.23 3.81
C THR A 19 -6.94 -1.36 5.14
N PRO A 20 -6.80 -0.28 5.92
CA PRO A 20 -6.07 -0.32 7.23
C PRO A 20 -6.61 -1.41 8.16
N GLU A 21 -5.68 -2.14 8.76
CA GLU A 21 -6.02 -3.22 9.69
C GLU A 21 -6.80 -2.67 10.88
N ASP A 22 -6.39 -1.51 11.39
CA ASP A 22 -7.05 -0.90 12.54
C ASP A 22 -8.49 -0.49 12.22
N GLY A 23 -8.84 -0.44 10.94
CA GLY A 23 -10.19 -0.05 10.52
C GLY A 23 -10.22 1.40 10.05
N SER A 24 -9.04 2.01 9.87
CA SER A 24 -8.95 3.39 9.41
C SER A 24 -9.34 3.49 7.95
N LYS A 25 -9.55 4.72 7.47
CA LYS A 25 -9.95 4.95 6.08
C LYS A 25 -8.85 4.50 5.12
N ASP A 26 -9.26 4.09 3.92
CA ASP A 26 -8.32 3.60 2.90
C ASP A 26 -7.25 4.64 2.60
N LEU A 27 -6.03 4.16 2.36
CA LEU A 27 -4.89 5.03 2.05
C LEU A 27 -4.39 4.78 0.62
N PHE A 28 -3.90 5.85 -0.01
CA PHE A 28 -3.38 5.76 -1.37
C PHE A 28 -2.01 5.10 -1.39
N VAL A 29 -1.84 4.11 -2.26
CA VAL A 29 -0.58 3.39 -2.39
C VAL A 29 -0.18 3.30 -3.87
N HIS A 30 1.07 3.64 -4.18
CA HIS A 30 1.57 3.59 -5.55
C HIS A 30 2.55 2.44 -5.74
N HIS A 31 2.58 1.87 -6.95
CA HIS A 31 3.48 0.77 -7.27
C HIS A 31 4.94 1.20 -7.11
N SER A 32 5.27 2.35 -7.67
CA SER A 32 6.65 2.87 -7.63
C SER A 32 7.12 3.19 -6.21
N GLU A 33 6.18 3.34 -5.28
CA GLU A 33 6.54 3.67 -3.88
C GLU A 33 6.90 2.45 -3.04
N ILE A 34 6.89 1.25 -3.63
CA ILE A 34 7.22 0.03 -2.87
C ILE A 34 8.70 0.06 -2.45
N GLN A 35 9.01 -0.64 -1.36
CA GLN A 35 10.38 -0.70 -0.86
C GLN A 35 10.77 -2.16 -0.59
N SER A 36 11.48 -2.75 -1.54
CA SER A 36 11.92 -4.14 -1.41
C SER A 36 13.15 -4.41 -2.28
N GLY A 37 14.06 -5.23 -1.78
CA GLY A 37 15.28 -5.57 -2.52
C GLY A 37 14.95 -6.27 -3.82
N GLY A 38 13.97 -7.18 -3.77
CA GLY A 38 13.55 -7.94 -4.95
C GLY A 38 12.77 -7.05 -5.92
N GLU A 39 12.95 -7.31 -7.22
CA GLU A 39 12.26 -6.56 -8.26
C GLU A 39 11.04 -7.32 -8.83
N TYR A 40 10.75 -8.50 -8.28
CA TYR A 40 9.62 -9.31 -8.76
C TYR A 40 8.40 -9.19 -7.84
N ALA A 41 8.43 -8.26 -6.88
CA ALA A 41 7.32 -8.08 -5.96
C ALA A 41 6.04 -7.75 -6.72
N THR A 42 4.95 -8.44 -6.37
CA THR A 42 3.66 -8.23 -7.02
C THR A 42 2.58 -7.95 -5.97
N LEU A 43 1.49 -7.32 -6.42
CA LEU A 43 0.36 -7.00 -5.54
C LEU A 43 -0.95 -7.24 -6.28
N ALA A 44 -1.99 -7.64 -5.53
CA ALA A 44 -3.31 -7.90 -6.12
C ALA A 44 -4.41 -7.53 -5.12
N ASP A 45 -5.59 -8.17 -5.22
CA ASP A 45 -6.71 -7.88 -4.32
C ASP A 45 -6.61 -8.73 -3.05
N GLY A 46 -6.34 -8.08 -1.92
CA GLY A 46 -6.22 -8.78 -0.63
C GLY A 46 -4.76 -8.99 -0.22
N GLN A 47 -3.81 -8.57 -1.06
CA GLN A 47 -2.39 -8.72 -0.76
C GLN A 47 -2.04 -8.01 0.54
N THR A 48 -1.36 -8.73 1.43
CA THR A 48 -0.96 -8.18 2.74
C THR A 48 0.38 -7.45 2.58
N VAL A 49 0.42 -6.21 3.08
CA VAL A 49 1.65 -5.41 2.98
C VAL A 49 1.91 -4.61 4.26
N GLU A 50 3.14 -4.13 4.37
CA GLU A 50 3.55 -3.30 5.50
C GLU A 50 3.74 -1.88 5.00
N TYR A 51 3.25 -0.89 5.76
CA TYR A 51 3.37 0.51 5.33
C TYR A 51 3.37 1.48 6.51
N GLU A 52 3.78 2.71 6.21
CA GLU A 52 3.80 3.78 7.20
C GLU A 52 2.81 4.85 6.78
N VAL A 53 2.02 5.33 7.74
CA VAL A 53 1.01 6.35 7.45
C VAL A 53 1.62 7.74 7.70
N GLY A 54 1.70 8.54 6.63
CA GLY A 54 2.25 9.89 6.72
C GLY A 54 1.25 10.93 6.22
N GLN A 55 0.86 11.84 7.11
CA GLN A 55 -0.11 12.88 6.77
C GLN A 55 0.34 13.68 5.56
N GLY A 56 -0.64 14.22 4.83
CA GLY A 56 -0.39 15.01 3.64
C GLY A 56 -1.45 16.10 3.51
N GLN A 57 -1.29 16.96 2.50
CA GLN A 57 -2.23 18.06 2.30
C GLN A 57 -3.61 17.52 1.96
N LYS A 58 -3.66 16.49 1.12
CA LYS A 58 -4.93 15.87 0.73
C LYS A 58 -5.37 14.84 1.78
N GLY A 59 -4.40 14.34 2.55
CA GLY A 59 -4.67 13.34 3.59
C GLY A 59 -3.46 12.40 3.76
N PRO A 60 -3.52 11.43 4.66
CA PRO A 60 -2.39 10.47 4.88
C PRO A 60 -2.21 9.48 3.72
N CYS A 61 -0.97 9.05 3.53
CA CYS A 61 -0.63 8.09 2.47
C CYS A 61 0.16 6.93 3.06
N ALA A 62 0.38 5.88 2.26
CA ALA A 62 1.13 4.72 2.72
C ALA A 62 2.43 4.58 1.91
N ASN A 63 3.56 4.50 2.61
CA ASN A 63 4.87 4.38 1.95
C ASN A 63 5.62 3.16 2.45
N LYS A 64 6.67 2.79 1.71
CA LYS A 64 7.50 1.62 2.06
C LYS A 64 6.66 0.34 2.09
N VAL A 65 6.04 0.04 0.94
CA VAL A 65 5.19 -1.14 0.82
C VAL A 65 6.07 -2.39 0.71
N VAL A 66 5.87 -3.31 1.66
CA VAL A 66 6.61 -4.57 1.70
C VAL A 66 5.64 -5.74 1.64
N ALA A 67 5.83 -6.61 0.65
CA ALA A 67 4.96 -7.77 0.48
C ALA A 67 5.19 -8.79 1.59
N VAL A 68 4.09 -9.32 2.12
CA VAL A 68 4.16 -10.32 3.20
C VAL A 68 3.09 -11.38 3.02
N MET A 1 5.81 -1.29 13.00
CA MET A 1 5.49 -0.96 11.58
C MET A 1 4.05 -1.38 11.29
N SER A 2 3.23 -0.41 10.88
CA SER A 2 1.82 -0.66 10.56
C SER A 2 1.71 -1.50 9.29
N LYS A 3 0.63 -2.27 9.19
CA LYS A 3 0.38 -3.12 8.04
C LYS A 3 -1.10 -3.48 7.93
N GLY A 4 -1.59 -3.63 6.71
CA GLY A 4 -3.00 -3.95 6.48
C GLY A 4 -3.17 -4.84 5.25
N ILE A 5 -4.41 -4.92 4.76
CA ILE A 5 -4.71 -5.73 3.59
C ILE A 5 -5.17 -4.84 2.45
N VAL A 6 -4.54 -5.02 1.29
CA VAL A 6 -4.85 -4.19 0.12
C VAL A 6 -6.25 -4.50 -0.41
N LYS A 7 -7.09 -3.46 -0.46
CA LYS A 7 -8.45 -3.59 -0.96
C LYS A 7 -8.40 -3.92 -2.45
N TRP A 8 -7.54 -3.21 -3.18
CA TRP A 8 -7.38 -3.41 -4.61
C TRP A 8 -6.06 -2.81 -5.08
N PHE A 9 -5.22 -3.63 -5.74
CA PHE A 9 -3.93 -3.14 -6.25
C PHE A 9 -3.96 -3.04 -7.77
N ASN A 10 -3.72 -1.84 -8.30
CA ASN A 10 -3.72 -1.63 -9.75
C ASN A 10 -2.39 -1.04 -10.24
N SER A 11 -1.46 -1.93 -10.62
CA SER A 11 -0.15 -1.50 -11.10
C SER A 11 -0.26 -0.69 -12.39
N ASP A 12 -1.29 -1.00 -13.20
CA ASP A 12 -1.50 -0.28 -14.45
C ASP A 12 -1.69 1.20 -14.16
N LYS A 13 -2.54 1.49 -13.17
CA LYS A 13 -2.77 2.86 -12.74
C LYS A 13 -1.57 3.38 -11.93
N GLY A 14 -0.76 2.45 -11.39
CA GLY A 14 0.41 2.81 -10.60
C GLY A 14 0.09 3.03 -9.12
N PHE A 15 -1.14 2.70 -8.71
CA PHE A 15 -1.54 2.87 -7.31
C PHE A 15 -2.72 1.97 -6.94
N GLY A 16 -3.05 1.97 -5.66
CA GLY A 16 -4.15 1.15 -5.15
C GLY A 16 -4.63 1.67 -3.80
N PHE A 17 -5.69 1.05 -3.28
CA PHE A 17 -6.25 1.43 -1.99
C PHE A 17 -6.09 0.29 -1.01
N ILE A 18 -5.67 0.60 0.23
CA ILE A 18 -5.46 -0.43 1.24
C ILE A 18 -6.45 -0.26 2.39
N THR A 19 -6.87 -1.40 2.94
CA THR A 19 -7.82 -1.42 4.04
C THR A 19 -7.08 -1.65 5.38
N PRO A 20 -6.94 -0.63 6.24
CA PRO A 20 -6.25 -0.80 7.56
C PRO A 20 -6.87 -1.93 8.38
N GLU A 21 -6.02 -2.80 8.91
CA GLU A 21 -6.48 -3.93 9.74
C GLU A 21 -7.16 -3.44 11.02
N ASP A 22 -6.73 -2.27 11.51
CA ASP A 22 -7.29 -1.68 12.73
C ASP A 22 -8.73 -1.18 12.50
N GLY A 23 -9.09 -0.97 11.23
CA GLY A 23 -10.43 -0.47 10.89
C GLY A 23 -10.40 1.01 10.47
N SER A 24 -9.19 1.56 10.30
CA SER A 24 -9.03 2.96 9.90
C SER A 24 -9.41 3.14 8.44
N LYS A 25 -9.54 4.40 8.02
CA LYS A 25 -9.92 4.71 6.64
C LYS A 25 -8.81 4.28 5.66
N ASP A 26 -9.22 3.95 4.43
CA ASP A 26 -8.28 3.49 3.42
C ASP A 26 -7.19 4.53 3.15
N LEU A 27 -5.98 4.03 2.88
CA LEU A 27 -4.83 4.89 2.61
C LEU A 27 -4.31 4.66 1.19
N PHE A 28 -3.72 5.70 0.60
CA PHE A 28 -3.19 5.61 -0.77
C PHE A 28 -1.81 4.95 -0.75
N VAL A 29 -1.63 3.98 -1.65
CA VAL A 29 -0.36 3.25 -1.75
C VAL A 29 0.08 3.18 -3.22
N HIS A 30 1.37 3.46 -3.47
CA HIS A 30 1.91 3.44 -4.83
C HIS A 30 2.83 2.23 -5.02
N HIS A 31 2.85 1.72 -6.25
CA HIS A 31 3.70 0.57 -6.60
C HIS A 31 5.18 0.91 -6.43
N SER A 32 5.57 2.08 -6.93
CA SER A 32 6.97 2.53 -6.88
C SER A 32 7.52 2.64 -5.46
N GLU A 33 6.63 2.74 -4.47
CA GLU A 33 7.06 2.88 -3.07
C GLU A 33 7.71 1.61 -2.52
N ILE A 34 7.39 0.45 -3.10
CA ILE A 34 7.96 -0.82 -2.63
C ILE A 34 9.49 -0.82 -2.80
N GLN A 35 10.18 -1.31 -1.77
CA GLN A 35 11.65 -1.38 -1.78
C GLN A 35 12.12 -2.77 -1.37
N SER A 36 13.32 -3.14 -1.84
CA SER A 36 13.89 -4.46 -1.52
C SER A 36 12.96 -5.58 -2.00
N GLY A 37 13.23 -6.81 -1.57
CA GLY A 37 12.41 -7.96 -1.96
C GLY A 37 12.82 -8.46 -3.35
N GLY A 38 11.91 -9.19 -4.00
CA GLY A 38 12.18 -9.73 -5.33
C GLY A 38 12.28 -8.61 -6.36
N GLU A 39 12.89 -8.93 -7.51
CA GLU A 39 13.07 -7.94 -8.57
C GLU A 39 11.70 -7.44 -9.06
N TYR A 40 10.76 -8.37 -9.21
CA TYR A 40 9.42 -8.02 -9.67
C TYR A 40 8.39 -8.35 -8.59
N ALA A 41 7.76 -7.31 -8.03
CA ALA A 41 6.75 -7.49 -6.99
C ALA A 41 5.36 -7.47 -7.58
N THR A 42 4.54 -8.47 -7.23
CA THR A 42 3.18 -8.57 -7.74
C THR A 42 2.19 -8.32 -6.60
N LEU A 43 1.21 -7.46 -6.86
CA LEU A 43 0.17 -7.14 -5.88
C LEU A 43 -1.19 -7.10 -6.57
N ALA A 44 -2.24 -7.52 -5.85
CA ALA A 44 -3.59 -7.54 -6.41
C ALA A 44 -4.63 -7.22 -5.30
N ASP A 45 -5.84 -7.81 -5.40
CA ASP A 45 -6.89 -7.56 -4.41
C ASP A 45 -6.75 -8.50 -3.22
N GLY A 46 -6.38 -7.94 -2.06
CA GLY A 46 -6.22 -8.74 -0.84
C GLY A 46 -4.75 -8.96 -0.46
N GLN A 47 -3.83 -8.37 -1.23
CA GLN A 47 -2.40 -8.52 -0.95
C GLN A 47 -2.04 -7.89 0.40
N THR A 48 -1.33 -8.64 1.24
CA THR A 48 -0.94 -8.16 2.57
C THR A 48 0.38 -7.42 2.46
N VAL A 49 0.43 -6.18 2.96
CA VAL A 49 1.64 -5.37 2.90
C VAL A 49 1.85 -4.56 4.19
N GLU A 50 3.05 -4.01 4.33
CA GLU A 50 3.40 -3.18 5.48
C GLU A 50 3.58 -1.75 4.99
N TYR A 51 3.08 -0.78 5.75
CA TYR A 51 3.19 0.63 5.36
C TYR A 51 3.17 1.57 6.55
N GLU A 52 3.60 2.80 6.32
CA GLU A 52 3.62 3.83 7.35
C GLU A 52 2.80 5.03 6.86
N VAL A 53 1.91 5.51 7.74
CA VAL A 53 1.05 6.65 7.41
C VAL A 53 1.90 7.88 7.07
N GLY A 54 1.33 8.74 6.22
CA GLY A 54 2.00 9.96 5.79
C GLY A 54 0.97 11.08 5.60
N GLN A 55 1.45 12.32 5.52
CA GLN A 55 0.56 13.47 5.36
C GLN A 55 0.52 13.92 3.91
N GLY A 56 -0.68 14.28 3.45
CA GLY A 56 -0.88 14.75 2.07
C GLY A 56 -1.95 15.83 2.02
N GLN A 57 -1.87 16.69 1.01
CA GLN A 57 -2.83 17.78 0.85
C GLN A 57 -4.24 17.26 0.61
N LYS A 58 -4.35 16.22 -0.23
CA LYS A 58 -5.65 15.62 -0.53
C LYS A 58 -6.05 14.57 0.51
N GLY A 59 -5.06 14.03 1.22
CA GLY A 59 -5.30 13.01 2.24
C GLY A 59 -4.00 12.29 2.60
N PRO A 60 -4.00 11.38 3.58
CA PRO A 60 -2.76 10.64 3.99
C PRO A 60 -2.35 9.59 2.96
N CYS A 61 -1.05 9.29 2.95
CA CYS A 61 -0.47 8.30 2.04
C CYS A 61 0.28 7.26 2.84
N ALA A 62 0.70 6.18 2.16
CA ALA A 62 1.45 5.12 2.82
C ALA A 62 2.76 4.88 2.07
N ASN A 63 3.85 4.64 2.82
CA ASN A 63 5.16 4.42 2.21
C ASN A 63 5.82 3.17 2.80
N LYS A 64 7.01 2.84 2.31
CA LYS A 64 7.74 1.66 2.79
C LYS A 64 6.88 0.41 2.59
N VAL A 65 6.38 0.24 1.36
CA VAL A 65 5.52 -0.89 1.03
C VAL A 65 6.36 -2.17 0.98
N VAL A 66 5.99 -3.13 1.81
CA VAL A 66 6.69 -4.42 1.87
C VAL A 66 5.69 -5.57 1.72
N ALA A 67 5.92 -6.42 0.72
CA ALA A 67 5.04 -7.57 0.48
C ALA A 67 5.24 -8.65 1.53
N VAL A 68 4.13 -9.18 2.04
CA VAL A 68 4.18 -10.23 3.06
C VAL A 68 2.91 -11.10 2.99
N MET A 1 5.74 -0.29 13.81
CA MET A 1 5.43 -0.48 12.36
C MET A 1 3.92 -0.65 12.19
N SER A 2 3.48 -0.71 10.93
CA SER A 2 2.06 -0.87 10.61
C SER A 2 1.90 -1.63 9.30
N LYS A 3 0.82 -2.41 9.22
CA LYS A 3 0.53 -3.19 8.01
C LYS A 3 -0.97 -3.50 7.92
N GLY A 4 -1.49 -3.49 6.70
CA GLY A 4 -2.91 -3.75 6.46
C GLY A 4 -3.09 -4.70 5.29
N ILE A 5 -4.31 -4.74 4.76
CA ILE A 5 -4.61 -5.61 3.61
C ILE A 5 -5.08 -4.76 2.44
N VAL A 6 -4.48 -5.00 1.27
CA VAL A 6 -4.80 -4.25 0.07
C VAL A 6 -6.20 -4.60 -0.44
N LYS A 7 -7.04 -3.58 -0.54
CA LYS A 7 -8.40 -3.77 -1.04
C LYS A 7 -8.34 -4.19 -2.50
N TRP A 8 -7.49 -3.49 -3.26
CA TRP A 8 -7.30 -3.77 -4.67
C TRP A 8 -5.99 -3.13 -5.15
N PHE A 9 -5.12 -3.94 -5.77
CA PHE A 9 -3.84 -3.41 -6.27
C PHE A 9 -3.88 -3.31 -7.80
N ASN A 10 -3.76 -2.09 -8.33
CA ASN A 10 -3.77 -1.88 -9.78
C ASN A 10 -2.41 -1.39 -10.29
N SER A 11 -1.51 -2.35 -10.56
CA SER A 11 -0.17 -2.02 -11.05
C SER A 11 -0.23 -1.30 -12.40
N ASP A 12 -1.23 -1.67 -13.22
CA ASP A 12 -1.38 -1.04 -14.54
C ASP A 12 -1.59 0.45 -14.37
N LYS A 13 -2.43 0.80 -13.40
CA LYS A 13 -2.71 2.22 -13.10
C LYS A 13 -1.53 2.85 -12.34
N GLY A 14 -0.74 1.99 -11.67
CA GLY A 14 0.42 2.45 -10.90
C GLY A 14 0.08 2.75 -9.43
N PHE A 15 -1.16 2.42 -9.01
CA PHE A 15 -1.58 2.67 -7.63
C PHE A 15 -2.72 1.73 -7.23
N GLY A 16 -3.07 1.78 -5.94
CA GLY A 16 -4.14 0.93 -5.42
C GLY A 16 -4.66 1.48 -4.10
N PHE A 17 -5.72 0.85 -3.58
CA PHE A 17 -6.32 1.27 -2.32
C PHE A 17 -6.14 0.18 -1.28
N ILE A 18 -5.72 0.57 -0.07
CA ILE A 18 -5.50 -0.41 1.01
C ILE A 18 -6.50 -0.22 2.14
N THR A 19 -6.89 -1.34 2.73
CA THR A 19 -7.85 -1.33 3.83
C THR A 19 -7.11 -1.46 5.18
N PRO A 20 -7.01 -0.40 5.98
CA PRO A 20 -6.33 -0.46 7.31
C PRO A 20 -6.92 -1.56 8.20
N GLU A 21 -6.06 -2.38 8.78
CA GLU A 21 -6.51 -3.47 9.65
C GLU A 21 -7.18 -2.92 10.92
N ASP A 22 -6.77 -1.72 11.34
CA ASP A 22 -7.32 -1.07 12.52
C ASP A 22 -8.77 -0.61 12.30
N GLY A 23 -9.16 -0.48 11.03
CA GLY A 23 -10.51 -0.04 10.67
C GLY A 23 -10.53 1.41 10.17
N SER A 24 -9.33 1.98 9.94
CA SER A 24 -9.21 3.34 9.45
C SER A 24 -9.59 3.41 7.97
N LYS A 25 -9.79 4.64 7.47
CA LYS A 25 -10.17 4.84 6.08
C LYS A 25 -9.07 4.38 5.12
N ASP A 26 -9.46 4.02 3.90
CA ASP A 26 -8.50 3.55 2.90
C ASP A 26 -7.45 4.60 2.60
N LEU A 27 -6.22 4.12 2.35
CA LEU A 27 -5.09 5.01 2.06
C LEU A 27 -4.53 4.71 0.66
N PHE A 28 -3.94 5.74 0.04
CA PHE A 28 -3.37 5.61 -1.30
C PHE A 28 -1.99 4.95 -1.23
N VAL A 29 -1.78 3.96 -2.08
CA VAL A 29 -0.50 3.24 -2.13
C VAL A 29 0.00 3.16 -3.58
N HIS A 30 1.29 3.45 -3.79
CA HIS A 30 1.89 3.39 -5.12
C HIS A 30 2.84 2.20 -5.24
N HIS A 31 2.88 1.61 -6.44
CA HIS A 31 3.73 0.46 -6.72
C HIS A 31 5.21 0.81 -6.58
N SER A 32 5.62 1.93 -7.17
CA SER A 32 7.02 2.36 -7.16
C SER A 32 7.55 2.66 -5.76
N GLU A 33 6.66 2.93 -4.81
CA GLU A 33 7.07 3.26 -3.44
C GLU A 33 7.62 2.05 -2.67
N ILE A 34 7.43 0.82 -3.19
CA ILE A 34 7.91 -0.37 -2.49
C ILE A 34 9.42 -0.28 -2.21
N GLN A 35 9.80 -0.68 -0.99
CA GLN A 35 11.22 -0.64 -0.58
C GLN A 35 12.05 -1.64 -1.37
N SER A 36 11.50 -2.83 -1.62
CA SER A 36 12.23 -3.86 -2.36
C SER A 36 12.58 -3.39 -3.76
N GLY A 37 11.61 -2.78 -4.43
CA GLY A 37 11.81 -2.27 -5.79
C GLY A 37 12.20 -3.40 -6.75
N GLY A 38 11.68 -4.60 -6.49
CA GLY A 38 11.99 -5.77 -7.32
C GLY A 38 10.88 -6.05 -8.33
N GLU A 39 11.28 -6.39 -9.56
CA GLU A 39 10.34 -6.69 -10.63
C GLU A 39 9.52 -7.94 -10.28
N TYR A 40 10.18 -8.92 -9.66
CA TYR A 40 9.52 -10.17 -9.28
C TYR A 40 8.37 -9.93 -8.34
N ALA A 41 8.55 -8.98 -7.40
CA ALA A 41 7.52 -8.66 -6.43
C ALA A 41 6.24 -8.20 -7.13
N THR A 42 5.12 -8.82 -6.75
CA THR A 42 3.82 -8.49 -7.33
C THR A 42 2.77 -8.29 -6.23
N LEU A 43 1.67 -7.63 -6.61
CA LEU A 43 0.57 -7.38 -5.68
C LEU A 43 -0.76 -7.51 -6.43
N ALA A 44 -1.82 -7.85 -5.69
CA ALA A 44 -3.14 -8.02 -6.28
C ALA A 44 -4.24 -7.58 -5.29
N ASP A 45 -5.45 -8.14 -5.40
CA ASP A 45 -6.53 -7.78 -4.51
C ASP A 45 -6.48 -8.62 -3.24
N GLY A 46 -6.20 -7.96 -2.11
CA GLY A 46 -6.11 -8.65 -0.82
C GLY A 46 -4.66 -8.89 -0.36
N GLN A 47 -3.69 -8.42 -1.14
CA GLN A 47 -2.28 -8.59 -0.80
C GLN A 47 -1.97 -7.92 0.54
N THR A 48 -1.27 -8.65 1.41
CA THR A 48 -0.89 -8.12 2.72
C THR A 48 0.41 -7.36 2.58
N VAL A 49 0.41 -6.08 3.00
CA VAL A 49 1.61 -5.25 2.90
C VAL A 49 1.84 -4.44 4.17
N GLU A 50 3.06 -3.93 4.30
CA GLU A 50 3.45 -3.11 5.44
C GLU A 50 3.63 -1.67 4.97
N TYR A 51 3.04 -0.71 5.69
CA TYR A 51 3.13 0.69 5.29
C TYR A 51 3.13 1.65 6.49
N GLU A 52 3.56 2.88 6.22
CA GLU A 52 3.58 3.93 7.23
C GLU A 52 2.64 5.04 6.80
N VAL A 53 1.82 5.51 7.74
CA VAL A 53 0.84 6.56 7.45
C VAL A 53 1.45 7.95 7.69
N GLY A 54 1.52 8.75 6.63
CA GLY A 54 2.08 10.10 6.71
C GLY A 54 1.07 11.13 6.21
N GLN A 55 0.61 11.99 7.11
CA GLN A 55 -0.38 13.01 6.76
C GLN A 55 0.19 13.98 5.72
N GLY A 56 -0.72 14.52 4.91
CA GLY A 56 -0.34 15.47 3.86
C GLY A 56 -1.55 16.24 3.36
N GLN A 57 -1.33 17.09 2.35
CA GLN A 57 -2.40 17.91 1.78
C GLN A 57 -3.48 17.03 1.15
N LYS A 58 -3.05 15.95 0.49
CA LYS A 58 -3.97 15.02 -0.17
C LYS A 58 -4.46 13.93 0.79
N GLY A 59 -4.30 14.18 2.10
CA GLY A 59 -4.72 13.22 3.11
C GLY A 59 -3.60 12.22 3.41
N PRO A 60 -3.69 11.41 4.47
CA PRO A 60 -2.63 10.42 4.79
C PRO A 60 -2.39 9.42 3.66
N CYS A 61 -1.12 9.10 3.45
CA CYS A 61 -0.73 8.17 2.40
C CYS A 61 0.07 7.03 3.02
N ALA A 62 0.35 5.99 2.23
CA ALA A 62 1.13 4.86 2.73
C ALA A 62 2.41 4.72 1.91
N ASN A 63 3.55 4.77 2.59
CA ASN A 63 4.85 4.66 1.92
C ASN A 63 5.66 3.51 2.49
N LYS A 64 6.81 3.24 1.88
CA LYS A 64 7.68 2.14 2.31
C LYS A 64 6.90 0.82 2.30
N VAL A 65 6.31 0.53 1.14
CA VAL A 65 5.51 -0.68 0.98
C VAL A 65 6.40 -1.92 0.93
N VAL A 66 6.19 -2.81 1.89
CA VAL A 66 6.94 -4.06 1.98
C VAL A 66 5.94 -5.23 2.00
N ALA A 67 6.12 -6.17 1.07
CA ALA A 67 5.22 -7.32 0.98
C ALA A 67 5.25 -8.12 2.28
N VAL A 68 4.06 -8.29 2.88
CA VAL A 68 3.92 -9.04 4.14
C VAL A 68 4.78 -8.37 5.23
N MET A 1 5.54 0.36 9.65
CA MET A 1 5.42 -0.40 10.93
C MET A 1 4.07 -1.11 10.96
N SER A 2 3.02 -0.38 10.60
CA SER A 2 1.67 -0.95 10.59
C SER A 2 1.51 -1.94 9.45
N LYS A 3 0.47 -2.78 9.53
CA LYS A 3 0.21 -3.78 8.50
C LYS A 3 -1.29 -3.84 8.21
N GLY A 4 -1.65 -3.66 6.94
CA GLY A 4 -3.04 -3.70 6.51
C GLY A 4 -3.20 -4.61 5.31
N ILE A 5 -4.43 -4.70 4.80
CA ILE A 5 -4.72 -5.55 3.65
C ILE A 5 -5.13 -4.71 2.46
N VAL A 6 -4.50 -4.95 1.32
CA VAL A 6 -4.76 -4.19 0.10
C VAL A 6 -6.17 -4.50 -0.41
N LYS A 7 -6.98 -3.45 -0.53
CA LYS A 7 -8.34 -3.60 -1.03
C LYS A 7 -8.29 -4.04 -2.50
N TRP A 8 -7.41 -3.37 -3.26
CA TRP A 8 -7.24 -3.68 -4.67
C TRP A 8 -5.94 -3.09 -5.18
N PHE A 9 -5.08 -3.93 -5.77
CA PHE A 9 -3.81 -3.46 -6.32
C PHE A 9 -3.85 -3.47 -7.85
N ASN A 10 -3.62 -2.30 -8.46
CA ASN A 10 -3.63 -2.19 -9.92
C ASN A 10 -2.33 -1.59 -10.45
N SER A 11 -1.38 -2.47 -10.81
CA SER A 11 -0.09 -2.04 -11.33
C SER A 11 -0.24 -1.29 -12.66
N ASP A 12 -1.24 -1.70 -13.46
CA ASP A 12 -1.47 -1.06 -14.75
C ASP A 12 -1.74 0.42 -14.53
N LYS A 13 -2.56 0.72 -13.52
CA LYS A 13 -2.88 2.09 -13.16
C LYS A 13 -1.67 2.74 -12.45
N GLY A 14 -0.86 1.89 -11.80
CA GLY A 14 0.33 2.35 -11.08
C GLY A 14 0.05 2.64 -9.61
N PHE A 15 -1.16 2.29 -9.13
CA PHE A 15 -1.53 2.53 -7.74
C PHE A 15 -2.65 1.60 -7.29
N GLY A 16 -2.94 1.65 -5.99
CA GLY A 16 -3.99 0.82 -5.40
C GLY A 16 -4.47 1.42 -4.09
N PHE A 17 -5.54 0.83 -3.54
CA PHE A 17 -6.11 1.29 -2.28
C PHE A 17 -5.95 0.21 -1.23
N ILE A 18 -5.55 0.61 -0.01
CA ILE A 18 -5.35 -0.36 1.07
C ILE A 18 -6.36 -0.13 2.19
N THR A 19 -6.83 -1.25 2.77
CA THR A 19 -7.81 -1.21 3.84
C THR A 19 -7.10 -1.38 5.21
N PRO A 20 -6.99 -0.32 6.02
CA PRO A 20 -6.34 -0.42 7.37
C PRO A 20 -6.99 -1.50 8.24
N GLU A 21 -6.16 -2.35 8.84
CA GLU A 21 -6.67 -3.43 9.70
C GLU A 21 -7.41 -2.87 10.92
N ASP A 22 -6.98 -1.68 11.37
CA ASP A 22 -7.60 -1.03 12.53
C ASP A 22 -9.02 -0.55 12.21
N GLY A 23 -9.34 -0.41 10.92
CA GLY A 23 -10.66 0.06 10.50
C GLY A 23 -10.61 1.51 10.01
N SER A 24 -9.40 2.07 9.87
CA SER A 24 -9.23 3.44 9.41
C SER A 24 -9.56 3.55 7.93
N LYS A 25 -9.66 4.78 7.45
CA LYS A 25 -9.99 5.03 6.04
C LYS A 25 -8.87 4.54 5.12
N ASP A 26 -9.26 4.14 3.91
CA ASP A 26 -8.30 3.63 2.93
C ASP A 26 -7.22 4.65 2.63
N LEU A 27 -6.00 4.14 2.40
CA LEU A 27 -4.84 4.99 2.11
C LEU A 27 -4.32 4.74 0.71
N PHE A 28 -3.72 5.77 0.10
CA PHE A 28 -3.17 5.66 -1.25
C PHE A 28 -1.79 5.00 -1.21
N VAL A 29 -1.61 4.00 -2.07
CA VAL A 29 -0.34 3.27 -2.16
C VAL A 29 0.07 3.15 -3.64
N HIS A 30 1.34 3.43 -3.93
CA HIS A 30 1.85 3.35 -5.31
C HIS A 30 2.79 2.16 -5.47
N HIS A 31 2.83 1.62 -6.70
CA HIS A 31 3.70 0.49 -7.01
C HIS A 31 5.16 0.88 -6.82
N SER A 32 5.52 2.05 -7.33
CA SER A 32 6.89 2.58 -7.25
C SER A 32 7.27 3.01 -5.84
N GLU A 33 6.30 2.99 -4.91
CA GLU A 33 6.55 3.42 -3.53
C GLU A 33 7.49 2.46 -2.80
N ILE A 34 7.50 1.18 -3.20
CA ILE A 34 8.36 0.19 -2.57
C ILE A 34 9.84 0.46 -2.94
N GLN A 35 10.67 0.58 -1.92
CA GLN A 35 12.10 0.85 -2.11
C GLN A 35 12.80 -0.28 -2.84
N SER A 36 12.44 -1.53 -2.51
CA SER A 36 13.07 -2.69 -3.14
C SER A 36 12.85 -2.68 -4.65
N GLY A 37 11.60 -2.41 -5.06
CA GLY A 37 11.26 -2.36 -6.48
C GLY A 37 11.58 -3.69 -7.18
N GLY A 38 11.44 -4.80 -6.44
CA GLY A 38 11.74 -6.12 -7.01
C GLY A 38 10.78 -6.45 -8.15
N GLU A 39 11.35 -6.95 -9.25
CA GLU A 39 10.56 -7.32 -10.42
C GLU A 39 9.62 -8.48 -10.09
N TYR A 40 10.14 -9.45 -9.34
CA TYR A 40 9.34 -10.62 -8.94
C TYR A 40 8.19 -10.22 -8.03
N ALA A 41 8.45 -9.27 -7.14
CA ALA A 41 7.43 -8.81 -6.21
C ALA A 41 6.21 -8.29 -6.95
N THR A 42 5.05 -8.79 -6.54
CA THR A 42 3.78 -8.39 -7.17
C THR A 42 2.70 -8.20 -6.11
N LEU A 43 1.64 -7.46 -6.49
CA LEU A 43 0.52 -7.20 -5.58
C LEU A 43 -0.80 -7.33 -6.33
N ALA A 44 -1.86 -7.70 -5.61
CA ALA A 44 -3.18 -7.86 -6.20
C ALA A 44 -4.26 -7.44 -5.20
N ASP A 45 -5.49 -7.97 -5.34
CA ASP A 45 -6.57 -7.62 -4.43
C ASP A 45 -6.55 -8.50 -3.19
N GLY A 46 -6.27 -7.88 -2.04
CA GLY A 46 -6.21 -8.61 -0.76
C GLY A 46 -4.77 -8.89 -0.31
N GLN A 47 -3.79 -8.41 -1.07
CA GLN A 47 -2.37 -8.60 -0.74
C GLN A 47 -2.04 -7.95 0.60
N THR A 48 -1.36 -8.71 1.46
CA THR A 48 -0.96 -8.21 2.79
C THR A 48 0.38 -7.45 2.68
N VAL A 49 0.39 -6.22 3.19
CA VAL A 49 1.60 -5.40 3.13
C VAL A 49 1.80 -4.58 4.40
N GLU A 50 2.98 -3.97 4.51
CA GLU A 50 3.32 -3.12 5.64
C GLU A 50 3.52 -1.70 5.13
N TYR A 51 3.06 -0.71 5.90
CA TYR A 51 3.19 0.69 5.47
C TYR A 51 3.17 1.66 6.66
N GLU A 52 3.60 2.89 6.37
CA GLU A 52 3.62 3.96 7.38
C GLU A 52 2.67 5.07 6.93
N VAL A 53 1.79 5.50 7.84
CA VAL A 53 0.82 6.54 7.52
C VAL A 53 1.41 7.92 7.79
N GLY A 54 1.47 8.73 6.73
CA GLY A 54 2.02 10.09 6.83
C GLY A 54 0.99 11.12 6.36
N GLN A 55 0.49 11.92 7.31
CA GLN A 55 -0.51 12.94 7.01
C GLN A 55 0.03 13.92 5.95
N GLY A 56 -0.85 14.30 5.03
CA GLY A 56 -0.48 15.23 3.97
C GLY A 56 -1.69 16.04 3.50
N GLN A 57 -1.46 16.95 2.56
CA GLN A 57 -2.52 17.80 2.03
C GLN A 57 -3.58 16.97 1.31
N LYS A 58 -3.14 15.95 0.58
CA LYS A 58 -4.05 15.07 -0.16
C LYS A 58 -4.51 13.88 0.72
N GLY A 59 -4.40 14.04 2.04
CA GLY A 59 -4.80 12.99 2.98
C GLY A 59 -3.61 12.07 3.28
N PRO A 60 -3.64 11.32 4.39
CA PRO A 60 -2.52 10.39 4.75
C PRO A 60 -2.23 9.38 3.64
N CYS A 61 -0.94 9.12 3.42
CA CYS A 61 -0.50 8.17 2.40
C CYS A 61 0.23 7.02 3.08
N ALA A 62 0.51 5.96 2.32
CA ALA A 62 1.24 4.81 2.87
C ALA A 62 2.53 4.59 2.09
N ASN A 63 3.65 4.54 2.82
CA ASN A 63 4.95 4.33 2.18
C ASN A 63 5.64 3.12 2.79
N LYS A 64 6.85 2.81 2.30
CA LYS A 64 7.59 1.65 2.81
C LYS A 64 6.76 0.38 2.63
N VAL A 65 6.25 0.20 1.40
CA VAL A 65 5.41 -0.96 1.09
C VAL A 65 6.26 -2.23 1.05
N VAL A 66 5.95 -3.15 1.97
CA VAL A 66 6.66 -4.43 2.05
C VAL A 66 5.66 -5.57 1.94
N ALA A 67 5.88 -6.46 0.97
CA ALA A 67 5.01 -7.60 0.75
C ALA A 67 5.26 -8.68 1.80
N VAL A 68 4.18 -9.23 2.35
CA VAL A 68 4.28 -10.27 3.37
C VAL A 68 3.17 -11.31 3.17
N MET A 1 5.41 -0.93 14.35
CA MET A 1 5.06 -0.53 12.96
C MET A 1 3.60 -0.86 12.69
N SER A 2 3.13 -0.54 11.48
CA SER A 2 1.74 -0.80 11.10
C SER A 2 1.69 -1.59 9.79
N LYS A 3 0.61 -2.37 9.63
CA LYS A 3 0.43 -3.17 8.42
C LYS A 3 -1.06 -3.45 8.19
N GLY A 4 -1.47 -3.41 6.92
CA GLY A 4 -2.87 -3.64 6.56
C GLY A 4 -2.97 -4.57 5.37
N ILE A 5 -4.19 -4.68 4.82
CA ILE A 5 -4.44 -5.53 3.65
C ILE A 5 -4.89 -4.69 2.48
N VAL A 6 -4.23 -4.91 1.34
CA VAL A 6 -4.53 -4.15 0.13
C VAL A 6 -5.90 -4.52 -0.42
N LYS A 7 -6.78 -3.52 -0.54
CA LYS A 7 -8.12 -3.72 -1.07
C LYS A 7 -8.01 -4.10 -2.56
N TRP A 8 -7.15 -3.37 -3.28
CA TRP A 8 -6.95 -3.63 -4.70
C TRP A 8 -5.65 -2.97 -5.17
N PHE A 9 -4.77 -3.75 -5.80
CA PHE A 9 -3.51 -3.21 -6.31
C PHE A 9 -3.50 -3.24 -7.84
N ASN A 10 -3.24 -2.07 -8.47
CA ASN A 10 -3.21 -2.00 -9.94
C ASN A 10 -1.93 -1.31 -10.43
N SER A 11 -0.95 -2.13 -10.82
CA SER A 11 0.32 -1.62 -11.32
C SER A 11 0.14 -0.81 -12.61
N ASP A 12 -0.77 -1.28 -13.47
CA ASP A 12 -1.03 -0.60 -14.74
C ASP A 12 -1.45 0.84 -14.47
N LYS A 13 -2.32 1.02 -13.47
CA LYS A 13 -2.76 2.35 -13.08
C LYS A 13 -1.62 3.06 -12.33
N GLY A 14 -0.76 2.26 -11.67
CA GLY A 14 0.38 2.77 -10.92
C GLY A 14 0.06 3.02 -9.45
N PHE A 15 -1.13 2.60 -8.99
CA PHE A 15 -1.52 2.81 -7.60
C PHE A 15 -2.62 1.84 -7.17
N GLY A 16 -2.92 1.86 -5.88
CA GLY A 16 -3.96 0.99 -5.31
C GLY A 16 -4.48 1.55 -3.99
N PHE A 17 -5.52 0.93 -3.47
CA PHE A 17 -6.12 1.35 -2.21
C PHE A 17 -5.93 0.26 -1.17
N ILE A 18 -5.52 0.64 0.04
CA ILE A 18 -5.30 -0.35 1.11
C ILE A 18 -6.31 -0.16 2.24
N THR A 19 -6.74 -1.30 2.78
CA THR A 19 -7.72 -1.31 3.87
C THR A 19 -7.01 -1.45 5.22
N PRO A 20 -6.94 -0.40 6.05
CA PRO A 20 -6.29 -0.50 7.40
C PRO A 20 -6.91 -1.60 8.25
N GLU A 21 -6.08 -2.44 8.85
CA GLU A 21 -6.56 -3.54 9.70
C GLU A 21 -7.28 -2.99 10.94
N ASP A 22 -6.84 -1.82 11.41
CA ASP A 22 -7.45 -1.18 12.58
C ASP A 22 -8.88 -0.72 12.29
N GLY A 23 -9.22 -0.58 11.01
CA GLY A 23 -10.56 -0.12 10.61
C GLY A 23 -10.56 1.33 10.13
N SER A 24 -9.36 1.91 9.97
CA SER A 24 -9.21 3.29 9.51
C SER A 24 -9.57 3.40 8.03
N LYS A 25 -9.69 4.64 7.56
CA LYS A 25 -10.03 4.89 6.16
C LYS A 25 -8.90 4.43 5.23
N ASP A 26 -9.28 4.07 4.00
CA ASP A 26 -8.30 3.58 3.02
C ASP A 26 -7.21 4.61 2.76
N LEU A 27 -5.99 4.10 2.54
CA LEU A 27 -4.83 4.96 2.29
C LEU A 27 -4.30 4.74 0.87
N PHE A 28 -3.71 5.79 0.29
CA PHE A 28 -3.18 5.72 -1.06
C PHE A 28 -1.78 5.11 -1.06
N VAL A 29 -1.56 4.13 -1.93
CA VAL A 29 -0.27 3.45 -2.05
C VAL A 29 0.12 3.35 -3.53
N HIS A 30 1.39 3.67 -3.82
CA HIS A 30 1.90 3.64 -5.20
C HIS A 30 2.92 2.51 -5.38
N HIS A 31 3.09 2.07 -6.62
CA HIS A 31 4.06 1.02 -6.94
C HIS A 31 5.49 1.51 -6.62
N SER A 32 5.75 2.77 -6.95
CA SER A 32 7.05 3.38 -6.72
C SER A 32 7.40 3.38 -5.22
N GLU A 33 6.39 3.57 -4.38
CA GLU A 33 6.59 3.61 -2.92
C GLU A 33 6.97 2.24 -2.34
N ILE A 34 6.58 1.15 -3.02
CA ILE A 34 6.91 -0.19 -2.53
C ILE A 34 8.22 -0.68 -3.17
N GLN A 35 9.04 -1.32 -2.33
CA GLN A 35 10.34 -1.84 -2.77
C GLN A 35 10.34 -3.36 -2.71
N SER A 36 10.95 -3.98 -3.72
CA SER A 36 11.02 -5.45 -3.78
C SER A 36 12.39 -5.90 -4.25
N GLY A 37 12.69 -7.18 -4.00
CA GLY A 37 13.97 -7.76 -4.39
C GLY A 37 14.17 -7.70 -5.90
N GLY A 38 13.10 -7.95 -6.65
CA GLY A 38 13.16 -7.93 -8.10
C GLY A 38 11.78 -7.67 -8.71
N GLU A 39 11.75 -7.58 -10.05
CA GLU A 39 10.51 -7.32 -10.77
C GLU A 39 9.48 -8.46 -10.60
N TYR A 40 9.94 -9.61 -10.10
CA TYR A 40 9.05 -10.76 -9.90
C TYR A 40 7.95 -10.43 -8.90
N ALA A 41 8.29 -9.67 -7.87
CA ALA A 41 7.33 -9.30 -6.83
C ALA A 41 6.17 -8.53 -7.45
N THR A 42 4.96 -8.96 -7.13
CA THR A 42 3.74 -8.33 -7.63
C THR A 42 2.73 -8.13 -6.50
N LEU A 43 1.70 -7.33 -6.77
CA LEU A 43 0.64 -7.07 -5.80
C LEU A 43 -0.72 -7.12 -6.49
N ALA A 44 -1.75 -7.55 -5.75
CA ALA A 44 -3.10 -7.67 -6.30
C ALA A 44 -4.15 -7.34 -5.23
N ASP A 45 -5.34 -7.96 -5.30
CA ASP A 45 -6.40 -7.71 -4.33
C ASP A 45 -6.23 -8.61 -3.11
N GLY A 46 -5.91 -8.01 -1.97
CA GLY A 46 -5.72 -8.76 -0.72
C GLY A 46 -4.25 -8.91 -0.33
N GLN A 47 -3.34 -8.28 -1.09
CA GLN A 47 -1.92 -8.35 -0.80
C GLN A 47 -1.62 -7.76 0.58
N THR A 48 -0.89 -8.53 1.41
CA THR A 48 -0.54 -8.09 2.76
C THR A 48 0.74 -7.26 2.71
N VAL A 49 0.69 -6.05 3.30
CA VAL A 49 1.86 -5.17 3.31
C VAL A 49 2.01 -4.44 4.64
N GLU A 50 3.20 -3.89 4.85
CA GLU A 50 3.51 -3.12 6.06
C GLU A 50 3.73 -1.67 5.62
N TYR A 51 3.03 -0.72 6.27
CA TYR A 51 3.16 0.69 5.88
C TYR A 51 3.05 1.64 7.07
N GLU A 52 3.50 2.87 6.83
CA GLU A 52 3.44 3.93 7.84
C GLU A 52 2.52 5.04 7.34
N VAL A 53 1.59 5.46 8.21
CA VAL A 53 0.63 6.52 7.86
C VAL A 53 1.29 7.90 7.93
N GLY A 54 1.38 8.54 6.76
CA GLY A 54 1.96 9.88 6.66
C GLY A 54 0.83 10.86 6.36
N GLN A 55 1.19 12.10 6.02
CA GLN A 55 0.19 13.13 5.71
C GLN A 55 0.38 13.67 4.30
N GLY A 56 -0.71 14.23 3.76
CA GLY A 56 -0.70 14.81 2.41
C GLY A 56 -1.81 15.84 2.25
N GLN A 57 -1.78 16.58 1.16
CA GLN A 57 -2.79 17.60 0.90
C GLN A 57 -4.17 16.99 0.74
N LYS A 58 -4.24 15.85 0.03
CA LYS A 58 -5.52 15.17 -0.18
C LYS A 58 -5.90 14.30 1.02
N GLY A 59 -4.90 13.92 1.83
CA GLY A 59 -5.13 13.10 3.01
C GLY A 59 -3.92 12.21 3.32
N PRO A 60 -3.95 11.39 4.37
CA PRO A 60 -2.80 10.50 4.72
C PRO A 60 -2.42 9.54 3.61
N CYS A 61 -1.13 9.20 3.57
CA CYS A 61 -0.60 8.28 2.57
C CYS A 61 0.15 7.15 3.27
N ALA A 62 0.47 6.08 2.53
CA ALA A 62 1.21 4.95 3.10
C ALA A 62 2.55 4.80 2.40
N ASN A 63 3.63 4.78 3.18
CA ASN A 63 4.97 4.64 2.61
C ASN A 63 5.70 3.46 3.25
N LYS A 64 6.94 3.20 2.79
CA LYS A 64 7.73 2.09 3.31
C LYS A 64 6.93 0.79 3.19
N VAL A 65 6.35 0.59 2.01
CA VAL A 65 5.53 -0.60 1.76
C VAL A 65 6.42 -1.84 1.61
N VAL A 66 6.18 -2.81 2.48
CA VAL A 66 6.92 -4.07 2.47
C VAL A 66 5.95 -5.23 2.27
N ALA A 67 6.17 -6.02 1.21
CA ALA A 67 5.30 -7.15 0.90
C ALA A 67 5.53 -8.28 1.90
N VAL A 68 4.42 -8.89 2.35
CA VAL A 68 4.49 -10.00 3.31
C VAL A 68 5.18 -9.54 4.59
N MET A 1 5.58 -0.18 12.49
CA MET A 1 5.52 -1.39 11.63
C MET A 1 4.05 -1.66 11.23
N SER A 2 3.33 -0.60 10.90
CA SER A 2 1.93 -0.70 10.51
C SER A 2 1.81 -1.51 9.22
N LYS A 3 0.75 -2.33 9.14
CA LYS A 3 0.50 -3.15 7.95
C LYS A 3 -0.97 -3.53 7.87
N GLY A 4 -1.48 -3.64 6.66
CA GLY A 4 -2.89 -3.98 6.44
C GLY A 4 -3.06 -4.84 5.21
N ILE A 5 -4.30 -4.90 4.70
CA ILE A 5 -4.60 -5.68 3.50
C ILE A 5 -5.05 -4.77 2.38
N VAL A 6 -4.43 -4.95 1.21
CA VAL A 6 -4.73 -4.12 0.06
C VAL A 6 -6.13 -4.41 -0.48
N LYS A 7 -6.96 -3.36 -0.53
CA LYS A 7 -8.32 -3.49 -1.04
C LYS A 7 -8.25 -3.84 -2.52
N TRP A 8 -7.37 -3.14 -3.24
CA TRP A 8 -7.20 -3.37 -4.67
C TRP A 8 -5.90 -2.72 -5.15
N PHE A 9 -5.05 -3.50 -5.83
CA PHE A 9 -3.79 -2.95 -6.36
C PHE A 9 -3.82 -2.89 -7.88
N ASN A 10 -3.59 -1.70 -8.44
CA ASN A 10 -3.59 -1.50 -9.89
C ASN A 10 -2.25 -0.93 -10.37
N SER A 11 -1.34 -1.82 -10.74
CA SER A 11 -0.02 -1.41 -11.23
C SER A 11 -0.12 -0.59 -12.51
N ASP A 12 -1.11 -0.92 -13.35
CA ASP A 12 -1.29 -0.20 -14.61
C ASP A 12 -1.55 1.27 -14.32
N LYS A 13 -2.39 1.52 -13.31
CA LYS A 13 -2.69 2.89 -12.88
C LYS A 13 -1.49 3.46 -12.12
N GLY A 14 -0.73 2.57 -11.47
CA GLY A 14 0.45 2.97 -10.70
C GLY A 14 0.12 3.21 -9.22
N PHE A 15 -1.12 2.87 -8.80
CA PHE A 15 -1.53 3.05 -7.41
C PHE A 15 -2.68 2.13 -7.04
N GLY A 16 -3.03 2.13 -5.75
CA GLY A 16 -4.12 1.30 -5.25
C GLY A 16 -4.59 1.81 -3.90
N PHE A 17 -5.63 1.17 -3.36
CA PHE A 17 -6.18 1.54 -2.05
C PHE A 17 -6.01 0.40 -1.08
N ILE A 18 -5.57 0.72 0.15
CA ILE A 18 -5.37 -0.32 1.16
C ILE A 18 -6.36 -0.17 2.31
N THR A 19 -6.74 -1.32 2.88
CA THR A 19 -7.69 -1.36 3.98
C THR A 19 -6.95 -1.61 5.30
N PRO A 20 -6.77 -0.61 6.17
CA PRO A 20 -6.09 -0.80 7.48
C PRO A 20 -6.68 -1.96 8.29
N GLU A 21 -5.79 -2.80 8.81
CA GLU A 21 -6.21 -3.95 9.61
C GLU A 21 -6.88 -3.50 10.92
N ASP A 22 -6.59 -2.26 11.35
CA ASP A 22 -7.17 -1.71 12.58
C ASP A 22 -8.58 -1.14 12.35
N GLY A 23 -9.05 -1.14 11.10
CA GLY A 23 -10.37 -0.61 10.78
C GLY A 23 -10.34 0.87 10.42
N SER A 24 -9.13 1.42 10.26
CA SER A 24 -8.95 2.83 9.90
C SER A 24 -9.30 3.04 8.44
N LYS A 25 -9.46 4.32 8.07
CA LYS A 25 -9.81 4.68 6.70
C LYS A 25 -8.70 4.27 5.73
N ASP A 26 -9.09 3.95 4.50
CA ASP A 26 -8.13 3.53 3.48
C ASP A 26 -7.06 4.59 3.23
N LEU A 27 -5.91 4.13 2.75
CA LEU A 27 -4.79 5.03 2.47
C LEU A 27 -4.30 4.83 1.03
N PHE A 28 -3.74 5.90 0.45
CA PHE A 28 -3.23 5.84 -0.92
C PHE A 28 -1.86 5.16 -0.91
N VAL A 29 -1.68 4.21 -1.83
CA VAL A 29 -0.41 3.48 -1.92
C VAL A 29 0.06 3.41 -3.38
N HIS A 30 1.36 3.67 -3.60
CA HIS A 30 1.93 3.64 -4.94
C HIS A 30 2.89 2.45 -5.11
N HIS A 31 2.96 1.94 -6.34
CA HIS A 31 3.83 0.81 -6.66
C HIS A 31 5.31 1.16 -6.48
N SER A 32 5.69 2.33 -6.97
CA SER A 32 7.09 2.78 -6.92
C SER A 32 7.61 2.97 -5.49
N GLU A 33 6.71 3.18 -4.54
CA GLU A 33 7.10 3.42 -3.14
C GLU A 33 7.64 2.15 -2.45
N ILE A 34 7.40 0.97 -3.04
CA ILE A 34 7.87 -0.29 -2.43
C ILE A 34 9.36 -0.23 -2.10
N GLN A 35 9.82 -1.20 -1.31
CA GLN A 35 11.22 -1.29 -0.92
C GLN A 35 12.04 -1.93 -2.04
N SER A 36 13.37 -1.82 -1.95
CA SER A 36 14.24 -2.40 -2.97
C SER A 36 14.13 -3.91 -2.96
N GLY A 37 14.44 -4.53 -4.11
CA GLY A 37 14.36 -5.99 -4.24
C GLY A 37 12.89 -6.41 -4.35
N GLY A 38 12.65 -7.72 -4.37
CA GLY A 38 11.29 -8.24 -4.47
C GLY A 38 10.66 -7.87 -5.80
N GLU A 39 11.47 -7.86 -6.87
CA GLU A 39 10.97 -7.51 -8.20
C GLU A 39 9.88 -8.48 -8.65
N TYR A 40 10.07 -9.76 -8.34
CA TYR A 40 9.08 -10.80 -8.70
C TYR A 40 7.77 -10.56 -7.96
N ALA A 41 7.88 -10.13 -6.70
CA ALA A 41 6.70 -9.88 -5.88
C ALA A 41 5.75 -8.92 -6.57
N THR A 42 4.46 -9.26 -6.53
CA THR A 42 3.41 -8.44 -7.15
C THR A 42 2.33 -8.13 -6.12
N LEU A 43 1.43 -7.22 -6.49
CA LEU A 43 0.31 -6.84 -5.60
C LEU A 43 -1.00 -6.89 -6.38
N ALA A 44 -2.07 -7.33 -5.71
CA ALA A 44 -3.38 -7.44 -6.34
C ALA A 44 -4.48 -7.11 -5.31
N ASP A 45 -5.68 -7.70 -5.46
CA ASP A 45 -6.79 -7.44 -4.54
C ASP A 45 -6.71 -8.38 -3.33
N GLY A 46 -6.40 -7.81 -2.16
CA GLY A 46 -6.31 -8.61 -0.93
C GLY A 46 -4.85 -8.91 -0.52
N GLN A 47 -3.89 -8.38 -1.27
CA GLN A 47 -2.48 -8.61 -0.97
C GLN A 47 -2.08 -7.90 0.33
N THR A 48 -1.44 -8.66 1.23
CA THR A 48 -1.02 -8.12 2.52
C THR A 48 0.33 -7.40 2.37
N VAL A 49 0.40 -6.16 2.87
CA VAL A 49 1.63 -5.37 2.77
C VAL A 49 1.88 -4.57 4.05
N GLU A 50 3.10 -4.04 4.15
CA GLU A 50 3.48 -3.23 5.30
C GLU A 50 3.67 -1.79 4.83
N TYR A 51 3.17 -0.82 5.61
CA TYR A 51 3.28 0.59 5.22
C TYR A 51 3.31 1.51 6.43
N GLU A 52 3.75 2.74 6.20
CA GLU A 52 3.81 3.76 7.22
C GLU A 52 2.98 4.97 6.80
N VAL A 53 2.15 5.45 7.73
CA VAL A 53 1.28 6.59 7.45
C VAL A 53 2.09 7.84 7.11
N GLY A 54 1.50 8.70 6.28
CA GLY A 54 2.14 9.94 5.88
C GLY A 54 1.08 11.02 5.65
N GLN A 55 1.52 12.27 5.52
CA GLN A 55 0.59 13.39 5.31
C GLN A 55 0.48 13.76 3.84
N GLY A 56 -0.69 14.29 3.48
CA GLY A 56 -0.95 14.70 2.09
C GLY A 56 -2.14 15.66 2.03
N GLN A 57 -2.20 16.46 0.96
CA GLN A 57 -3.28 17.43 0.77
C GLN A 57 -4.61 16.72 0.61
N LYS A 58 -4.61 15.61 -0.13
CA LYS A 58 -5.83 14.83 -0.37
C LYS A 58 -6.02 13.74 0.70
N GLY A 59 -5.40 13.95 1.88
CA GLY A 59 -5.49 13.01 2.97
C GLY A 59 -4.16 12.28 3.17
N PRO A 60 -4.00 11.47 4.21
CA PRO A 60 -2.71 10.74 4.45
C PRO A 60 -2.47 9.62 3.43
N CYS A 61 -1.18 9.35 3.21
CA CYS A 61 -0.78 8.30 2.27
C CYS A 61 0.01 7.22 3.00
N ALA A 62 0.47 6.21 2.26
CA ALA A 62 1.25 5.12 2.84
C ALA A 62 2.51 4.90 2.00
N ASN A 63 3.61 4.57 2.68
CA ASN A 63 4.88 4.34 1.98
C ASN A 63 5.59 3.12 2.54
N LYS A 64 6.77 2.79 1.97
CA LYS A 64 7.53 1.63 2.40
C LYS A 64 6.69 0.36 2.25
N VAL A 65 6.15 0.18 1.04
CA VAL A 65 5.30 -0.98 0.75
C VAL A 65 6.17 -2.24 0.64
N VAL A 66 5.89 -3.19 1.54
CA VAL A 66 6.61 -4.46 1.56
C VAL A 66 5.62 -5.63 1.49
N ALA A 67 5.80 -6.50 0.50
CA ALA A 67 4.92 -7.65 0.32
C ALA A 67 5.18 -8.69 1.41
N VAL A 68 4.09 -9.20 2.00
CA VAL A 68 4.19 -10.20 3.06
C VAL A 68 3.63 -11.54 2.56
N MET A 1 6.30 -2.02 12.27
CA MET A 1 5.63 -1.18 11.25
C MET A 1 4.18 -1.64 11.08
N SER A 2 3.32 -0.71 10.66
CA SER A 2 1.90 -1.02 10.46
C SER A 2 1.72 -1.98 9.29
N LYS A 3 0.68 -2.80 9.35
CA LYS A 3 0.40 -3.76 8.28
C LYS A 3 -1.10 -3.88 8.06
N GLY A 4 -1.52 -3.70 6.81
CA GLY A 4 -2.93 -3.79 6.44
C GLY A 4 -3.10 -4.69 5.22
N ILE A 5 -4.33 -4.75 4.71
CA ILE A 5 -4.61 -5.58 3.53
C ILE A 5 -5.06 -4.72 2.38
N VAL A 6 -4.44 -4.92 1.21
CA VAL A 6 -4.75 -4.13 0.03
C VAL A 6 -6.16 -4.46 -0.47
N LYS A 7 -6.99 -3.42 -0.58
CA LYS A 7 -8.35 -3.59 -1.06
C LYS A 7 -8.31 -4.02 -2.51
N TRP A 8 -7.47 -3.34 -3.29
CA TRP A 8 -7.31 -3.65 -4.71
C TRP A 8 -6.02 -3.01 -5.24
N PHE A 9 -5.13 -3.85 -5.81
CA PHE A 9 -3.88 -3.33 -6.37
C PHE A 9 -3.94 -3.35 -7.90
N ASN A 10 -3.75 -2.17 -8.52
CA ASN A 10 -3.78 -2.07 -9.98
C ASN A 10 -2.50 -1.44 -10.52
N SER A 11 -1.53 -2.29 -10.88
CA SER A 11 -0.26 -1.82 -11.41
C SER A 11 -0.45 -1.09 -12.74
N ASP A 12 -1.44 -1.53 -13.53
CA ASP A 12 -1.70 -0.90 -14.83
C ASP A 12 -2.03 0.57 -14.62
N LYS A 13 -2.85 0.85 -13.60
CA LYS A 13 -3.20 2.21 -13.24
C LYS A 13 -2.00 2.90 -12.56
N GLY A 14 -1.16 2.08 -11.90
CA GLY A 14 0.01 2.58 -11.19
C GLY A 14 -0.27 2.86 -9.72
N PHE A 15 -1.46 2.48 -9.23
CA PHE A 15 -1.82 2.71 -7.83
C PHE A 15 -2.91 1.75 -7.36
N GLY A 16 -3.18 1.80 -6.06
CA GLY A 16 -4.20 0.93 -5.46
C GLY A 16 -4.67 1.51 -4.14
N PHE A 17 -5.70 0.89 -3.56
CA PHE A 17 -6.26 1.33 -2.29
C PHE A 17 -6.06 0.25 -1.24
N ILE A 18 -5.66 0.65 -0.03
CA ILE A 18 -5.43 -0.32 1.05
C ILE A 18 -6.44 -0.15 2.17
N THR A 19 -6.80 -1.27 2.80
CA THR A 19 -7.77 -1.30 3.88
C THR A 19 -7.05 -1.50 5.24
N PRO A 20 -6.92 -0.47 6.08
CA PRO A 20 -6.27 -0.61 7.42
C PRO A 20 -6.90 -1.74 8.24
N GLU A 21 -6.07 -2.61 8.80
CA GLU A 21 -6.55 -3.73 9.61
C GLU A 21 -7.28 -3.23 10.87
N ASP A 22 -6.86 -2.06 11.37
CA ASP A 22 -7.46 -1.46 12.56
C ASP A 22 -8.90 -0.99 12.28
N GLY A 23 -9.23 -0.81 11.00
CA GLY A 23 -10.57 -0.36 10.62
C GLY A 23 -10.56 1.12 10.18
N SER A 24 -9.37 1.71 10.03
CA SER A 24 -9.23 3.09 9.62
C SER A 24 -9.56 3.24 8.14
N LYS A 25 -9.72 4.49 7.71
CA LYS A 25 -10.07 4.78 6.32
C LYS A 25 -8.95 4.34 5.38
N ASP A 26 -9.32 3.96 4.16
CA ASP A 26 -8.35 3.50 3.17
C ASP A 26 -7.29 4.56 2.91
N LEU A 27 -6.12 4.09 2.49
CA LEU A 27 -4.99 4.99 2.20
C LEU A 27 -4.50 4.78 0.77
N PHE A 28 -3.96 5.86 0.18
CA PHE A 28 -3.46 5.80 -1.19
C PHE A 28 -2.07 5.16 -1.22
N VAL A 29 -1.91 4.17 -2.09
CA VAL A 29 -0.64 3.46 -2.24
C VAL A 29 -0.26 3.40 -3.72
N HIS A 30 1.00 3.72 -4.03
CA HIS A 30 1.50 3.70 -5.41
C HIS A 30 2.48 2.55 -5.61
N HIS A 31 2.49 2.02 -6.84
CA HIS A 31 3.39 0.90 -7.18
C HIS A 31 4.85 1.33 -6.99
N SER A 32 5.18 2.49 -7.53
CA SER A 32 6.55 3.03 -7.45
C SER A 32 6.92 3.46 -6.02
N GLU A 33 5.96 3.35 -5.08
CA GLU A 33 6.19 3.76 -3.69
C GLU A 33 7.17 2.81 -2.98
N ILE A 34 7.22 1.55 -3.42
CA ILE A 34 8.12 0.56 -2.83
C ILE A 34 9.57 0.88 -3.19
N GLN A 35 10.50 0.48 -2.30
CA GLN A 35 11.91 0.71 -2.53
C GLN A 35 12.70 -0.59 -2.36
N SER A 36 13.80 -0.72 -3.11
CA SER A 36 14.64 -1.91 -3.05
C SER A 36 13.81 -3.17 -3.34
N GLY A 37 12.88 -3.05 -4.29
CA GLY A 37 12.01 -4.18 -4.66
C GLY A 37 12.80 -5.22 -5.44
N GLY A 38 12.28 -6.45 -5.47
CA GLY A 38 12.94 -7.54 -6.18
C GLY A 38 12.21 -8.86 -5.96
N GLU A 39 12.82 -9.96 -6.41
CA GLU A 39 12.24 -11.29 -6.27
C GLU A 39 10.85 -11.35 -6.91
N TYR A 40 10.70 -10.67 -8.05
CA TYR A 40 9.43 -10.64 -8.77
C TYR A 40 8.29 -10.18 -7.85
N ALA A 41 8.59 -9.21 -6.98
CA ALA A 41 7.61 -8.69 -6.05
C ALA A 41 6.40 -8.13 -6.81
N THR A 42 5.21 -8.54 -6.39
CA THR A 42 3.97 -8.11 -7.02
C THR A 42 2.87 -7.90 -5.98
N LEU A 43 1.81 -7.20 -6.38
CA LEU A 43 0.68 -6.95 -5.48
C LEU A 43 -0.64 -7.13 -6.25
N ALA A 44 -1.70 -7.50 -5.54
CA ALA A 44 -3.01 -7.72 -6.16
C ALA A 44 -4.14 -7.30 -5.20
N ASP A 45 -5.35 -7.84 -5.40
CA ASP A 45 -6.49 -7.51 -4.55
C ASP A 45 -6.50 -8.41 -3.32
N GLY A 46 -6.33 -7.81 -2.15
CA GLY A 46 -6.30 -8.56 -0.88
C GLY A 46 -4.87 -8.86 -0.40
N GLN A 47 -3.88 -8.48 -1.21
CA GLN A 47 -2.47 -8.72 -0.87
C GLN A 47 -2.09 -8.00 0.42
N THR A 48 -1.42 -8.73 1.31
CA THR A 48 -0.99 -8.17 2.60
C THR A 48 0.32 -7.39 2.41
N VAL A 49 0.34 -6.16 2.91
CA VAL A 49 1.54 -5.31 2.79
C VAL A 49 1.78 -4.50 4.05
N GLU A 50 2.98 -3.92 4.15
CA GLU A 50 3.36 -3.09 5.29
C GLU A 50 3.52 -1.65 4.80
N TYR A 51 3.08 -0.68 5.61
CA TYR A 51 3.16 0.72 5.23
C TYR A 51 3.22 1.66 6.43
N GLU A 52 3.62 2.89 6.15
CA GLU A 52 3.70 3.93 7.19
C GLU A 52 2.72 5.04 6.84
N VAL A 53 1.94 5.48 7.83
CA VAL A 53 0.95 6.54 7.61
C VAL A 53 1.58 7.91 7.80
N GLY A 54 1.65 8.67 6.72
CA GLY A 54 2.22 10.02 6.76
C GLY A 54 1.25 11.05 6.19
N GLN A 55 0.83 11.98 7.04
CA GLN A 55 -0.12 13.01 6.63
C GLN A 55 0.42 13.80 5.44
N GLY A 56 -0.50 14.19 4.56
CA GLY A 56 -0.16 14.95 3.37
C GLY A 56 -1.20 16.03 3.11
N GLN A 57 -1.03 16.76 2.00
CA GLN A 57 -1.95 17.84 1.64
C GLN A 57 -3.34 17.31 1.39
N LYS A 58 -3.43 16.15 0.70
CA LYS A 58 -4.73 15.55 0.40
C LYS A 58 -5.20 14.65 1.56
N GLY A 59 -4.26 14.19 2.38
CA GLY A 59 -4.59 13.32 3.52
C GLY A 59 -3.49 12.28 3.75
N PRO A 60 -3.62 11.41 4.75
CA PRO A 60 -2.59 10.36 5.03
C PRO A 60 -2.36 9.43 3.86
N CYS A 61 -1.10 9.04 3.67
CA CYS A 61 -0.70 8.14 2.59
C CYS A 61 0.09 6.98 3.18
N ALA A 62 0.34 5.95 2.37
CA ALA A 62 1.12 4.79 2.82
C ALA A 62 2.41 4.68 2.03
N ASN A 63 3.54 4.66 2.75
CA ASN A 63 4.86 4.57 2.12
C ASN A 63 5.60 3.32 2.57
N LYS A 64 6.68 2.98 1.86
CA LYS A 64 7.48 1.79 2.18
C LYS A 64 6.62 0.53 2.10
N VAL A 65 6.04 0.31 0.91
CA VAL A 65 5.18 -0.85 0.68
C VAL A 65 6.03 -2.12 0.61
N VAL A 66 5.78 -3.05 1.54
CA VAL A 66 6.50 -4.32 1.59
C VAL A 66 5.51 -5.47 1.59
N ALA A 67 5.64 -6.36 0.61
CA ALA A 67 4.76 -7.53 0.48
C ALA A 67 5.11 -8.57 1.54
N VAL A 68 4.08 -9.16 2.15
CA VAL A 68 4.28 -10.18 3.18
C VAL A 68 3.32 -11.35 2.96
N MET A 1 5.38 1.26 12.30
CA MET A 1 5.19 0.08 11.41
C MET A 1 3.78 -0.47 11.61
N SER A 2 3.15 -0.89 10.49
CA SER A 2 1.80 -1.44 10.54
C SER A 2 1.57 -2.38 9.37
N LYS A 3 0.53 -3.22 9.48
CA LYS A 3 0.19 -4.15 8.42
C LYS A 3 -1.30 -4.09 8.09
N GLY A 4 -1.60 -3.85 6.82
CA GLY A 4 -2.98 -3.75 6.36
C GLY A 4 -3.18 -4.63 5.14
N ILE A 5 -4.45 -4.81 4.74
CA ILE A 5 -4.77 -5.64 3.57
C ILE A 5 -5.20 -4.76 2.41
N VAL A 6 -4.50 -4.92 1.27
CA VAL A 6 -4.78 -4.12 0.10
C VAL A 6 -6.18 -4.41 -0.42
N LYS A 7 -6.98 -3.35 -0.57
CA LYS A 7 -8.33 -3.51 -1.10
C LYS A 7 -8.21 -3.99 -2.55
N TRP A 8 -7.32 -3.33 -3.29
CA TRP A 8 -7.07 -3.70 -4.68
C TRP A 8 -5.80 -3.00 -5.19
N PHE A 9 -4.95 -3.77 -5.87
CA PHE A 9 -3.71 -3.23 -6.42
C PHE A 9 -3.71 -3.32 -7.94
N ASN A 10 -3.45 -2.19 -8.62
CA ASN A 10 -3.41 -2.16 -10.08
C ASN A 10 -2.14 -1.46 -10.57
N SER A 11 -1.13 -2.26 -10.91
CA SER A 11 0.14 -1.74 -11.40
C SER A 11 -0.04 -1.00 -12.73
N ASP A 12 -0.98 -1.46 -13.55
CA ASP A 12 -1.24 -0.82 -14.84
C ASP A 12 -1.61 0.64 -14.62
N LYS A 13 -2.47 0.87 -13.61
CA LYS A 13 -2.86 2.22 -13.25
C LYS A 13 -1.71 2.92 -12.50
N GLY A 14 -0.88 2.10 -11.83
CA GLY A 14 0.28 2.59 -11.10
C GLY A 14 -0.02 2.87 -9.62
N PHE A 15 -1.21 2.48 -9.15
CA PHE A 15 -1.58 2.70 -7.75
C PHE A 15 -2.70 1.78 -7.30
N GLY A 16 -3.02 1.86 -6.00
CA GLY A 16 -4.07 1.03 -5.42
C GLY A 16 -4.50 1.61 -4.08
N PHE A 17 -5.50 0.99 -3.46
CA PHE A 17 -6.01 1.42 -2.16
C PHE A 17 -5.89 0.29 -1.16
N ILE A 18 -5.53 0.65 0.09
CA ILE A 18 -5.36 -0.36 1.13
C ILE A 18 -6.38 -0.17 2.26
N THR A 19 -6.78 -1.30 2.85
CA THR A 19 -7.76 -1.30 3.93
C THR A 19 -7.07 -1.55 5.29
N PRO A 20 -6.90 -0.53 6.14
CA PRO A 20 -6.25 -0.70 7.48
C PRO A 20 -6.89 -1.83 8.30
N GLU A 21 -6.05 -2.70 8.86
CA GLU A 21 -6.53 -3.81 9.68
C GLU A 21 -7.27 -3.32 10.94
N ASP A 22 -7.00 -2.06 11.33
CA ASP A 22 -7.63 -1.47 12.51
C ASP A 22 -9.00 -0.84 12.19
N GLY A 23 -9.39 -0.86 10.91
CA GLY A 23 -10.67 -0.29 10.50
C GLY A 23 -10.55 1.20 10.11
N SER A 24 -9.31 1.71 10.05
CA SER A 24 -9.08 3.10 9.68
C SER A 24 -9.38 3.31 8.20
N LYS A 25 -9.52 4.56 7.81
CA LYS A 25 -9.84 4.91 6.42
C LYS A 25 -8.72 4.43 5.49
N ASP A 26 -9.11 4.05 4.27
CA ASP A 26 -8.14 3.56 3.29
C ASP A 26 -7.06 4.60 3.02
N LEU A 27 -5.89 4.11 2.60
CA LEU A 27 -4.74 4.98 2.31
C LEU A 27 -4.27 4.80 0.87
N PHE A 28 -3.75 5.88 0.29
CA PHE A 28 -3.25 5.84 -1.08
C PHE A 28 -1.88 5.17 -1.11
N VAL A 29 -1.73 4.18 -1.98
CA VAL A 29 -0.46 3.45 -2.11
C VAL A 29 -0.07 3.34 -3.59
N HIS A 30 1.20 3.66 -3.88
CA HIS A 30 1.71 3.60 -5.25
C HIS A 30 2.66 2.43 -5.43
N HIS A 31 2.72 1.92 -6.67
CA HIS A 31 3.61 0.79 -6.98
C HIS A 31 5.07 1.18 -6.75
N SER A 32 5.45 2.35 -7.26
CA SER A 32 6.83 2.84 -7.12
C SER A 32 7.23 3.09 -5.66
N GLU A 33 6.23 3.23 -4.78
CA GLU A 33 6.47 3.49 -3.36
C GLU A 33 6.92 2.23 -2.59
N ILE A 34 7.36 1.19 -3.29
CA ILE A 34 7.80 -0.05 -2.63
C ILE A 34 9.31 -0.02 -2.37
N GLN A 35 9.76 -0.94 -1.52
CA GLN A 35 11.18 -1.05 -1.19
C GLN A 35 11.98 -1.46 -2.42
N SER A 36 13.22 -0.95 -2.51
CA SER A 36 14.08 -1.25 -3.65
C SER A 36 14.24 -2.76 -3.83
N GLY A 37 14.23 -3.20 -5.08
CA GLY A 37 14.34 -4.63 -5.39
C GLY A 37 12.97 -5.30 -5.27
N GLY A 38 12.97 -6.64 -5.28
CA GLY A 38 11.72 -7.39 -5.18
C GLY A 38 10.86 -7.20 -6.43
N GLU A 39 11.53 -7.20 -7.60
CA GLU A 39 10.84 -7.02 -8.87
C GLU A 39 9.81 -8.13 -9.09
N TYR A 40 10.18 -9.35 -8.70
CA TYR A 40 9.27 -10.50 -8.85
C TYR A 40 8.01 -10.30 -8.02
N ALA A 41 8.18 -9.73 -6.82
CA ALA A 41 7.07 -9.48 -5.92
C ALA A 41 6.01 -8.64 -6.62
N THR A 42 4.75 -9.06 -6.44
CA THR A 42 3.62 -8.35 -7.04
C THR A 42 2.52 -8.11 -6.00
N LEU A 43 1.50 -7.36 -6.39
CA LEU A 43 0.37 -7.07 -5.51
C LEU A 43 -0.95 -7.26 -6.26
N ALA A 44 -1.99 -7.66 -5.54
CA ALA A 44 -3.31 -7.89 -6.12
C ALA A 44 -4.41 -7.48 -5.13
N ASP A 45 -5.60 -8.10 -5.22
CA ASP A 45 -6.70 -7.77 -4.32
C ASP A 45 -6.61 -8.58 -3.02
N GLY A 46 -6.37 -7.89 -1.91
CA GLY A 46 -6.27 -8.54 -0.59
C GLY A 46 -4.82 -8.87 -0.20
N GLN A 47 -3.85 -8.43 -1.00
CA GLN A 47 -2.44 -8.70 -0.73
C GLN A 47 -2.00 -8.02 0.57
N THR A 48 -1.33 -8.80 1.44
CA THR A 48 -0.85 -8.29 2.73
C THR A 48 0.41 -7.45 2.52
N VAL A 49 0.44 -6.27 3.12
CA VAL A 49 1.60 -5.37 2.98
C VAL A 49 1.88 -4.59 4.26
N GLU A 50 3.07 -3.96 4.28
CA GLU A 50 3.50 -3.14 5.40
C GLU A 50 3.60 -1.70 4.92
N TYR A 51 3.12 -0.76 5.75
CA TYR A 51 3.16 0.66 5.35
C TYR A 51 3.22 1.60 6.56
N GLU A 52 3.62 2.83 6.29
CA GLU A 52 3.70 3.86 7.31
C GLU A 52 2.73 4.99 6.95
N VAL A 53 1.88 5.36 7.91
CA VAL A 53 0.89 6.41 7.69
C VAL A 53 1.54 7.80 7.76
N GLY A 54 1.64 8.44 6.59
CA GLY A 54 2.22 9.78 6.50
C GLY A 54 1.09 10.78 6.28
N GLN A 55 1.46 12.04 6.03
CA GLN A 55 0.45 13.08 5.81
C GLN A 55 0.68 13.80 4.48
N GLY A 56 -0.41 14.29 3.90
CA GLY A 56 -0.35 15.00 2.63
C GLY A 56 -1.45 16.04 2.55
N GLN A 57 -1.40 16.89 1.52
CA GLN A 57 -2.40 17.94 1.33
C GLN A 57 -3.79 17.34 1.14
N LYS A 58 -3.86 16.28 0.33
CA LYS A 58 -5.13 15.60 0.07
C LYS A 58 -5.54 14.74 1.27
N GLY A 59 -4.55 14.31 2.07
CA GLY A 59 -4.82 13.47 3.24
C GLY A 59 -3.65 12.49 3.47
N PRO A 60 -3.75 11.60 4.46
CA PRO A 60 -2.67 10.60 4.74
C PRO A 60 -2.36 9.69 3.56
N CYS A 61 -1.16 9.10 3.61
CA CYS A 61 -0.70 8.19 2.57
C CYS A 61 0.09 7.05 3.21
N ALA A 62 0.45 6.04 2.40
CA ALA A 62 1.23 4.91 2.92
C ALA A 62 2.51 4.75 2.12
N ASN A 63 3.65 4.67 2.83
CA ASN A 63 4.94 4.52 2.18
C ASN A 63 5.65 3.27 2.72
N LYS A 64 6.84 2.98 2.19
CA LYS A 64 7.61 1.81 2.61
C LYS A 64 6.75 0.55 2.42
N VAL A 65 6.22 0.40 1.21
CA VAL A 65 5.35 -0.74 0.88
C VAL A 65 6.19 -2.02 0.73
N VAL A 66 5.92 -2.98 1.60
CA VAL A 66 6.63 -4.27 1.57
C VAL A 66 5.61 -5.41 1.58
N ALA A 67 5.71 -6.30 0.60
CA ALA A 67 4.80 -7.43 0.49
C ALA A 67 5.09 -8.47 1.57
N VAL A 68 4.04 -9.01 2.17
CA VAL A 68 4.17 -10.03 3.23
C VAL A 68 3.22 -11.19 2.96
N MET A 1 4.92 1.65 13.26
CA MET A 1 4.61 1.08 11.91
C MET A 1 3.21 0.47 11.92
N SER A 2 2.77 -0.01 10.76
CA SER A 2 1.46 -0.63 10.63
C SER A 2 1.42 -1.56 9.42
N LYS A 3 0.34 -2.33 9.31
CA LYS A 3 0.16 -3.26 8.18
C LYS A 3 -1.29 -3.68 8.07
N GLY A 4 -1.77 -3.82 6.83
CA GLY A 4 -3.15 -4.21 6.58
C GLY A 4 -3.25 -5.08 5.34
N ILE A 5 -4.46 -5.13 4.77
CA ILE A 5 -4.70 -5.91 3.55
C ILE A 5 -5.15 -5.01 2.42
N VAL A 6 -4.49 -5.15 1.27
CA VAL A 6 -4.79 -4.32 0.11
C VAL A 6 -6.18 -4.66 -0.44
N LYS A 7 -7.02 -3.62 -0.52
CA LYS A 7 -8.37 -3.77 -1.04
C LYS A 7 -8.29 -4.13 -2.53
N TRP A 8 -7.42 -3.41 -3.24
CA TRP A 8 -7.23 -3.66 -4.67
C TRP A 8 -5.94 -2.98 -5.13
N PHE A 9 -5.06 -3.75 -5.80
CA PHE A 9 -3.81 -3.19 -6.31
C PHE A 9 -3.83 -3.14 -7.83
N ASN A 10 -3.65 -1.92 -8.39
CA ASN A 10 -3.65 -1.74 -9.84
C ASN A 10 -2.32 -1.15 -10.33
N SER A 11 -1.39 -2.03 -10.68
CA SER A 11 -0.07 -1.61 -11.15
C SER A 11 -0.18 -0.81 -12.46
N ASP A 12 -1.15 -1.18 -13.31
CA ASP A 12 -1.35 -0.48 -14.58
C ASP A 12 -1.64 0.99 -14.30
N LYS A 13 -2.50 1.24 -13.31
CA LYS A 13 -2.82 2.60 -12.91
C LYS A 13 -1.65 3.23 -12.15
N GLY A 14 -0.86 2.37 -11.49
CA GLY A 14 0.31 2.82 -10.72
C GLY A 14 -0.02 3.08 -9.25
N PHE A 15 -1.23 2.70 -8.82
CA PHE A 15 -1.63 2.89 -7.43
C PHE A 15 -2.74 1.92 -7.02
N GLY A 16 -3.06 1.93 -5.72
CA GLY A 16 -4.10 1.06 -5.19
C GLY A 16 -4.60 1.57 -3.84
N PHE A 17 -5.63 0.92 -3.32
CA PHE A 17 -6.23 1.30 -2.03
C PHE A 17 -6.07 0.15 -1.05
N ILE A 18 -5.71 0.47 0.20
CA ILE A 18 -5.52 -0.57 1.22
C ILE A 18 -6.56 -0.45 2.33
N THR A 19 -6.95 -1.62 2.86
CA THR A 19 -7.94 -1.69 3.92
C THR A 19 -7.25 -1.90 5.28
N PRO A 20 -7.15 -0.87 6.14
CA PRO A 20 -6.50 -1.01 7.47
C PRO A 20 -7.08 -2.17 8.28
N GLU A 21 -6.20 -3.01 8.83
CA GLU A 21 -6.63 -4.15 9.63
C GLU A 21 -7.39 -3.68 10.89
N ASP A 22 -7.07 -2.46 11.34
CA ASP A 22 -7.73 -1.89 12.52
C ASP A 22 -9.15 -1.39 12.19
N GLY A 23 -9.50 -1.35 10.91
CA GLY A 23 -10.82 -0.89 10.48
C GLY A 23 -10.85 0.61 10.15
N SER A 24 -9.67 1.24 10.11
CA SER A 24 -9.58 2.67 9.81
C SER A 24 -9.77 2.90 8.30
N LYS A 25 -9.91 4.16 7.93
CA LYS A 25 -10.13 4.55 6.53
C LYS A 25 -8.98 4.10 5.62
N ASP A 26 -9.33 3.79 4.37
CA ASP A 26 -8.35 3.34 3.38
C ASP A 26 -7.28 4.40 3.12
N LEU A 27 -6.06 3.92 2.87
CA LEU A 27 -4.93 4.80 2.60
C LEU A 27 -4.39 4.58 1.18
N PHE A 28 -3.83 5.64 0.59
CA PHE A 28 -3.29 5.56 -0.77
C PHE A 28 -1.88 4.95 -0.75
N VAL A 29 -1.67 3.97 -1.64
CA VAL A 29 -0.37 3.30 -1.73
C VAL A 29 0.03 3.20 -3.21
N HIS A 30 1.29 3.54 -3.52
CA HIS A 30 1.78 3.50 -4.90
C HIS A 30 2.74 2.33 -5.11
N HIS A 31 2.74 1.80 -6.34
CA HIS A 31 3.61 0.68 -6.71
C HIS A 31 5.08 1.08 -6.54
N SER A 32 5.42 2.25 -7.08
CA SER A 32 6.80 2.75 -7.02
C SER A 32 7.21 3.19 -5.61
N GLU A 33 6.27 3.13 -4.66
CA GLU A 33 6.55 3.54 -3.27
C GLU A 33 7.51 2.56 -2.58
N ILE A 34 7.50 1.30 -3.01
CA ILE A 34 8.38 0.28 -2.42
C ILE A 34 9.82 0.48 -2.89
N GLN A 35 10.77 0.23 -1.98
CA GLN A 35 12.19 0.38 -2.30
C GLN A 35 12.81 -1.00 -2.54
N SER A 36 13.41 -1.17 -3.72
CA SER A 36 14.05 -2.43 -4.08
C SER A 36 13.07 -3.61 -3.92
N GLY A 37 11.81 -3.37 -4.30
CA GLY A 37 10.78 -4.40 -4.21
C GLY A 37 11.13 -5.62 -5.06
N GLY A 38 11.67 -5.35 -6.25
CA GLY A 38 12.07 -6.43 -7.17
C GLY A 38 10.96 -6.76 -8.15
N GLU A 39 11.35 -7.33 -9.30
CA GLU A 39 10.41 -7.71 -10.34
C GLU A 39 9.45 -8.80 -9.84
N TYR A 40 10.00 -9.74 -9.07
CA TYR A 40 9.20 -10.85 -8.54
C TYR A 40 8.07 -10.35 -7.66
N ALA A 41 8.36 -9.32 -6.85
CA ALA A 41 7.36 -8.77 -5.95
C ALA A 41 6.18 -8.21 -6.72
N THR A 42 4.99 -8.70 -6.39
CA THR A 42 3.75 -8.26 -7.05
C THR A 42 2.67 -7.97 -6.02
N LEU A 43 1.64 -7.22 -6.45
CA LEU A 43 0.53 -6.89 -5.58
C LEU A 43 -0.79 -6.99 -6.35
N ALA A 44 -1.85 -7.43 -5.68
CA ALA A 44 -3.16 -7.59 -6.31
C ALA A 44 -4.28 -7.28 -5.30
N ASP A 45 -5.46 -7.91 -5.47
CA ASP A 45 -6.59 -7.68 -4.57
C ASP A 45 -6.50 -8.61 -3.36
N GLY A 46 -6.24 -8.03 -2.18
CA GLY A 46 -6.14 -8.81 -0.93
C GLY A 46 -4.69 -9.04 -0.49
N GLN A 47 -3.72 -8.52 -1.26
CA GLN A 47 -2.32 -8.68 -0.93
C GLN A 47 -1.99 -8.02 0.41
N THR A 48 -1.35 -8.77 1.30
CA THR A 48 -0.99 -8.26 2.63
C THR A 48 0.32 -7.48 2.55
N VAL A 49 0.31 -6.26 3.09
CA VAL A 49 1.50 -5.40 3.05
C VAL A 49 1.69 -4.63 4.36
N GLU A 50 2.87 -4.04 4.51
CA GLU A 50 3.20 -3.23 5.68
C GLU A 50 3.38 -1.79 5.21
N TYR A 51 2.90 -0.83 6.01
CA TYR A 51 3.01 0.58 5.62
C TYR A 51 3.06 1.51 6.83
N GLU A 52 3.50 2.74 6.57
CA GLU A 52 3.58 3.78 7.61
C GLU A 52 2.79 4.99 7.14
N VAL A 53 1.93 5.51 8.02
CA VAL A 53 1.11 6.68 7.69
C VAL A 53 2.00 7.88 7.35
N GLY A 54 1.47 8.73 6.47
CA GLY A 54 2.19 9.93 6.05
C GLY A 54 1.20 11.07 5.82
N GLN A 55 1.70 12.30 5.73
CA GLN A 55 0.84 13.47 5.53
C GLN A 55 0.94 13.98 4.10
N GLY A 56 -0.19 14.44 3.56
CA GLY A 56 -0.26 14.97 2.21
C GLY A 56 -1.26 16.12 2.13
N GLN A 57 -1.08 16.99 1.14
CA GLN A 57 -1.98 18.13 0.95
C GLN A 57 -3.40 17.66 0.66
N LYS A 58 -3.51 16.62 -0.18
CA LYS A 58 -4.82 16.07 -0.54
C LYS A 58 -5.30 15.07 0.51
N GLY A 59 -4.35 14.49 1.26
CA GLY A 59 -4.68 13.51 2.29
C GLY A 59 -3.44 12.68 2.66
N PRO A 60 -3.52 11.77 3.63
CA PRO A 60 -2.35 10.93 4.05
C PRO A 60 -2.03 9.82 3.04
N CYS A 61 -0.81 9.33 3.13
CA CYS A 61 -0.35 8.25 2.25
C CYS A 61 0.31 7.16 3.09
N ALA A 62 0.69 6.06 2.44
CA ALA A 62 1.35 4.95 3.14
C ALA A 62 2.65 4.59 2.42
N ASN A 63 3.79 4.89 3.08
CA ASN A 63 5.09 4.60 2.49
C ASN A 63 5.67 3.29 3.05
N LYS A 64 6.83 2.90 2.54
CA LYS A 64 7.49 1.66 2.98
C LYS A 64 6.56 0.47 2.80
N VAL A 65 6.27 0.15 1.54
CA VAL A 65 5.39 -0.96 1.21
C VAL A 65 6.20 -2.26 1.17
N VAL A 66 5.90 -3.16 2.10
CA VAL A 66 6.59 -4.45 2.18
C VAL A 66 5.57 -5.58 2.06
N ALA A 67 5.77 -6.45 1.07
CA ALA A 67 4.86 -7.57 0.84
C ALA A 67 5.03 -8.63 1.92
N VAL A 68 3.90 -9.16 2.40
CA VAL A 68 3.92 -10.20 3.44
C VAL A 68 3.60 -11.55 2.82
N MET A 1 4.92 1.41 12.64
CA MET A 1 4.78 -0.03 12.31
C MET A 1 3.29 -0.38 12.18
N SER A 2 2.88 -0.73 10.96
CA SER A 2 1.48 -1.08 10.69
C SER A 2 1.39 -2.09 9.56
N LYS A 3 0.37 -2.95 9.63
CA LYS A 3 0.16 -3.97 8.61
C LYS A 3 -1.32 -4.09 8.28
N GLY A 4 -1.66 -3.90 6.99
CA GLY A 4 -3.04 -3.98 6.55
C GLY A 4 -3.18 -4.87 5.32
N ILE A 5 -4.40 -4.90 4.75
CA ILE A 5 -4.65 -5.72 3.57
C ILE A 5 -5.08 -4.83 2.41
N VAL A 6 -4.45 -5.05 1.25
CA VAL A 6 -4.74 -4.26 0.07
C VAL A 6 -6.13 -4.58 -0.46
N LYS A 7 -6.96 -3.54 -0.57
CA LYS A 7 -8.32 -3.71 -1.06
C LYS A 7 -8.27 -4.12 -2.54
N TRP A 8 -7.39 -3.45 -3.29
CA TRP A 8 -7.22 -3.75 -4.71
C TRP A 8 -5.92 -3.12 -5.21
N PHE A 9 -5.06 -3.93 -5.83
CA PHE A 9 -3.80 -3.42 -6.38
C PHE A 9 -3.84 -3.42 -7.91
N ASN A 10 -3.63 -2.23 -8.51
CA ASN A 10 -3.64 -2.11 -9.97
C ASN A 10 -2.33 -1.49 -10.47
N SER A 11 -1.38 -2.36 -10.84
CA SER A 11 -0.09 -1.89 -11.35
C SER A 11 -0.25 -1.13 -12.66
N ASP A 12 -1.22 -1.55 -13.49
CA ASP A 12 -1.47 -0.89 -14.77
C ASP A 12 -1.76 0.59 -14.53
N LYS A 13 -2.60 0.85 -13.53
CA LYS A 13 -2.93 2.22 -13.15
C LYS A 13 -1.75 2.86 -12.41
N GLY A 14 -0.93 2.01 -11.78
CA GLY A 14 0.25 2.47 -11.03
C GLY A 14 -0.06 2.74 -9.56
N PHE A 15 -1.27 2.37 -9.10
CA PHE A 15 -1.66 2.60 -7.70
C PHE A 15 -2.77 1.65 -7.27
N GLY A 16 -3.06 1.67 -5.97
CA GLY A 16 -4.10 0.82 -5.40
C GLY A 16 -4.58 1.41 -4.07
N PHE A 17 -5.63 0.79 -3.52
CA PHE A 17 -6.21 1.23 -2.25
C PHE A 17 -6.04 0.14 -1.21
N ILE A 18 -5.64 0.53 0.01
CA ILE A 18 -5.42 -0.44 1.08
C ILE A 18 -6.45 -0.27 2.20
N THR A 19 -6.84 -1.40 2.78
CA THR A 19 -7.82 -1.41 3.86
C THR A 19 -7.13 -1.62 5.23
N PRO A 20 -7.03 -0.59 6.07
CA PRO A 20 -6.40 -0.73 7.42
C PRO A 20 -7.05 -1.84 8.24
N GLU A 21 -6.23 -2.71 8.84
CA GLU A 21 -6.75 -3.83 9.64
C GLU A 21 -7.51 -3.30 10.87
N ASP A 22 -7.08 -2.15 11.38
CA ASP A 22 -7.71 -1.53 12.55
C ASP A 22 -9.13 -1.05 12.23
N GLY A 23 -9.42 -0.86 10.94
CA GLY A 23 -10.74 -0.38 10.51
C GLY A 23 -10.69 1.09 10.08
N SER A 24 -9.49 1.65 9.97
CA SER A 24 -9.32 3.04 9.56
C SER A 24 -9.63 3.19 8.08
N LYS A 25 -9.76 4.45 7.65
CA LYS A 25 -10.09 4.75 6.26
C LYS A 25 -8.96 4.30 5.33
N ASP A 26 -9.32 3.94 4.09
CA ASP A 26 -8.35 3.47 3.11
C ASP A 26 -7.29 4.53 2.82
N LEU A 27 -6.07 4.07 2.56
CA LEU A 27 -4.95 4.96 2.26
C LEU A 27 -4.43 4.70 0.85
N PHE A 28 -3.86 5.74 0.23
CA PHE A 28 -3.32 5.62 -1.13
C PHE A 28 -1.95 4.96 -1.12
N VAL A 29 -1.78 3.98 -2.00
CA VAL A 29 -0.52 3.25 -2.11
C VAL A 29 -0.09 3.17 -3.58
N HIS A 30 1.20 3.47 -3.86
CA HIS A 30 1.72 3.44 -5.23
C HIS A 30 2.67 2.26 -5.41
N HIS A 31 2.71 1.74 -6.65
CA HIS A 31 3.59 0.62 -6.99
C HIS A 31 5.06 1.00 -6.78
N SER A 32 5.42 2.19 -7.26
CA SER A 32 6.79 2.69 -7.16
C SER A 32 7.14 3.16 -5.74
N GLU A 33 6.18 3.07 -4.80
CA GLU A 33 6.41 3.50 -3.43
C GLU A 33 7.38 2.56 -2.70
N ILE A 34 7.43 1.29 -3.12
CA ILE A 34 8.32 0.31 -2.51
C ILE A 34 9.77 0.56 -2.93
N GLN A 35 10.64 0.76 -1.94
CA GLN A 35 12.06 1.01 -2.18
C GLN A 35 12.73 -0.19 -2.84
N SER A 36 12.34 -1.39 -2.39
CA SER A 36 12.91 -2.63 -2.93
C SER A 36 12.64 -2.76 -4.43
N GLY A 37 11.44 -2.35 -4.85
CA GLY A 37 11.05 -2.42 -6.26
C GLY A 37 10.08 -3.56 -6.50
N GLY A 38 9.38 -3.50 -7.64
CA GLY A 38 8.41 -4.53 -7.99
C GLY A 38 8.94 -5.45 -9.10
N GLU A 39 10.26 -5.66 -9.12
CA GLU A 39 10.87 -6.52 -10.14
C GLU A 39 10.31 -7.94 -10.03
N TYR A 40 10.16 -8.42 -8.78
CA TYR A 40 9.62 -9.75 -8.55
C TYR A 40 8.35 -9.67 -7.71
N ALA A 41 8.36 -8.77 -6.72
CA ALA A 41 7.23 -8.59 -5.84
C ALA A 41 5.99 -8.14 -6.63
N THR A 42 4.88 -8.82 -6.37
CA THR A 42 3.61 -8.50 -7.04
C THR A 42 2.52 -8.24 -6.00
N LEU A 43 1.49 -7.50 -6.41
CA LEU A 43 0.37 -7.18 -5.52
C LEU A 43 -0.94 -7.28 -6.28
N ALA A 44 -2.00 -7.70 -5.57
CA ALA A 44 -3.32 -7.85 -6.19
C ALA A 44 -4.43 -7.50 -5.16
N ASP A 45 -5.62 -8.09 -5.28
CA ASP A 45 -6.72 -7.83 -4.37
C ASP A 45 -6.62 -8.70 -3.12
N GLY A 46 -6.34 -8.09 -1.98
CA GLY A 46 -6.23 -8.82 -0.71
C GLY A 46 -4.78 -9.08 -0.30
N GLN A 47 -3.81 -8.59 -1.08
CA GLN A 47 -2.40 -8.77 -0.78
C GLN A 47 -2.02 -8.02 0.50
N THR A 48 -1.37 -8.72 1.44
CA THR A 48 -0.96 -8.11 2.70
C THR A 48 0.32 -7.31 2.51
N VAL A 49 0.42 -6.19 3.23
CA VAL A 49 1.60 -5.34 3.13
C VAL A 49 1.84 -4.57 4.44
N GLU A 50 3.01 -3.95 4.53
CA GLU A 50 3.38 -3.14 5.69
C GLU A 50 3.57 -1.70 5.23
N TYR A 51 3.08 -0.73 6.01
CA TYR A 51 3.18 0.67 5.61
C TYR A 51 3.13 1.62 6.80
N GLU A 52 3.55 2.86 6.53
CA GLU A 52 3.53 3.92 7.55
C GLU A 52 2.61 5.04 7.07
N VAL A 53 1.70 5.47 7.96
CA VAL A 53 0.75 6.53 7.63
C VAL A 53 1.39 7.91 7.80
N GLY A 54 1.50 8.64 6.69
CA GLY A 54 2.09 9.98 6.72
C GLY A 54 1.19 10.98 5.99
N GLN A 55 0.74 12.02 6.71
CA GLN A 55 -0.13 13.03 6.15
C GLN A 55 0.58 13.80 5.05
N GLY A 56 -0.20 14.20 4.04
CA GLY A 56 0.33 14.96 2.91
C GLY A 56 -0.64 16.07 2.52
N GLN A 57 -0.37 16.70 1.39
CA GLN A 57 -1.21 17.78 0.90
C GLN A 57 -2.62 17.28 0.61
N LYS A 58 -2.71 16.09 0.00
CA LYS A 58 -4.01 15.50 -0.33
C LYS A 58 -4.58 14.72 0.86
N GLY A 59 -3.72 14.31 1.78
CA GLY A 59 -4.15 13.56 2.97
C GLY A 59 -3.17 12.42 3.29
N PRO A 60 -3.52 11.51 4.22
CA PRO A 60 -2.64 10.36 4.59
C PRO A 60 -2.28 9.47 3.41
N CYS A 61 -1.10 8.87 3.50
CA CYS A 61 -0.61 7.96 2.47
C CYS A 61 0.20 6.85 3.13
N ALA A 62 0.56 5.82 2.35
CA ALA A 62 1.35 4.71 2.90
C ALA A 62 2.70 4.64 2.21
N ASN A 63 3.77 4.64 3.02
CA ASN A 63 5.14 4.58 2.48
C ASN A 63 5.85 3.32 2.96
N LYS A 64 6.92 2.95 2.25
CA LYS A 64 7.71 1.76 2.59
C LYS A 64 6.83 0.50 2.53
N VAL A 65 6.22 0.29 1.35
CA VAL A 65 5.34 -0.86 1.15
C VAL A 65 6.18 -2.14 1.07
N VAL A 66 5.92 -3.06 2.00
CA VAL A 66 6.63 -4.34 2.04
C VAL A 66 5.61 -5.48 1.98
N ALA A 67 5.76 -6.35 0.97
CA ALA A 67 4.85 -7.47 0.79
C ALA A 67 5.08 -8.53 1.87
N VAL A 68 3.97 -9.07 2.40
CA VAL A 68 4.05 -10.09 3.45
C VAL A 68 3.45 -11.39 2.93
N MET A 1 5.87 -1.72 13.02
CA MET A 1 5.16 -0.88 12.00
C MET A 1 3.76 -1.44 11.77
N SER A 2 2.86 -0.58 11.30
CA SER A 2 1.47 -0.99 11.03
C SER A 2 1.40 -1.93 9.84
N LYS A 3 0.41 -2.81 9.85
CA LYS A 3 0.22 -3.77 8.76
C LYS A 3 -1.25 -3.86 8.37
N GLY A 4 -1.53 -3.65 7.08
CA GLY A 4 -2.89 -3.68 6.58
C GLY A 4 -2.99 -4.58 5.35
N ILE A 5 -4.22 -4.74 4.85
CA ILE A 5 -4.46 -5.59 3.67
C ILE A 5 -4.89 -4.74 2.48
N VAL A 6 -4.20 -4.94 1.36
CA VAL A 6 -4.46 -4.18 0.15
C VAL A 6 -5.84 -4.53 -0.41
N LYS A 7 -6.69 -3.51 -0.52
CA LYS A 7 -8.03 -3.68 -1.07
C LYS A 7 -7.92 -4.06 -2.54
N TRP A 8 -7.06 -3.35 -3.26
CA TRP A 8 -6.86 -3.60 -4.69
C TRP A 8 -5.55 -2.95 -5.15
N PHE A 9 -4.67 -3.75 -5.76
CA PHE A 9 -3.39 -3.21 -6.26
C PHE A 9 -3.41 -3.18 -7.79
N ASN A 10 -3.17 -1.98 -8.37
CA ASN A 10 -3.15 -1.83 -9.83
C ASN A 10 -1.88 -1.14 -10.31
N SER A 11 -0.88 -1.94 -10.70
CA SER A 11 0.39 -1.41 -11.19
C SER A 11 0.18 -0.66 -12.51
N ASP A 12 -0.82 -1.08 -13.29
CA ASP A 12 -1.11 -0.43 -14.57
C ASP A 12 -1.40 1.05 -14.33
N LYS A 13 -2.25 1.31 -13.34
CA LYS A 13 -2.59 2.67 -12.96
C LYS A 13 -1.40 3.31 -12.20
N GLY A 14 -0.58 2.46 -11.58
CA GLY A 14 0.59 2.92 -10.83
C GLY A 14 0.29 3.14 -9.35
N PHE A 15 -0.91 2.73 -8.91
CA PHE A 15 -1.30 2.90 -7.50
C PHE A 15 -2.38 1.91 -7.08
N GLY A 16 -2.69 1.91 -5.79
CA GLY A 16 -3.70 1.03 -5.24
C GLY A 16 -4.24 1.58 -3.92
N PHE A 17 -5.31 0.95 -3.43
CA PHE A 17 -5.93 1.36 -2.17
C PHE A 17 -5.77 0.24 -1.14
N ILE A 18 -5.39 0.60 0.08
CA ILE A 18 -5.19 -0.40 1.14
C ILE A 18 -6.18 -0.20 2.28
N THR A 19 -6.67 -1.32 2.81
CA THR A 19 -7.64 -1.31 3.89
C THR A 19 -6.94 -1.48 5.26
N PRO A 20 -6.87 -0.44 6.10
CA PRO A 20 -6.23 -0.54 7.46
C PRO A 20 -6.87 -1.65 8.29
N GLU A 21 -6.03 -2.50 8.88
CA GLU A 21 -6.53 -3.61 9.72
C GLU A 21 -7.33 -3.08 10.92
N ASP A 22 -6.95 -1.90 11.39
CA ASP A 22 -7.63 -1.27 12.53
C ASP A 22 -9.06 -0.83 12.17
N GLY A 23 -9.33 -0.68 10.87
CA GLY A 23 -10.65 -0.25 10.41
C GLY A 23 -10.64 1.22 9.97
N SER A 24 -9.44 1.82 9.89
CA SER A 24 -9.28 3.21 9.49
C SER A 24 -9.56 3.36 8.00
N LYS A 25 -9.65 4.61 7.54
CA LYS A 25 -9.93 4.91 6.14
C LYS A 25 -8.81 4.41 5.25
N ASP A 26 -9.14 4.05 4.01
CA ASP A 26 -8.16 3.52 3.07
C ASP A 26 -6.99 4.50 2.90
N LEU A 27 -5.82 3.93 2.58
CA LEU A 27 -4.61 4.74 2.40
C LEU A 27 -4.09 4.61 0.97
N PHE A 28 -3.50 5.70 0.45
CA PHE A 28 -2.97 5.72 -0.91
C PHE A 28 -1.57 5.11 -0.94
N VAL A 29 -1.38 4.13 -1.82
CA VAL A 29 -0.09 3.46 -1.96
C VAL A 29 0.30 3.40 -3.45
N HIS A 30 1.56 3.75 -3.74
CA HIS A 30 2.07 3.75 -5.11
C HIS A 30 3.09 2.62 -5.30
N HIS A 31 3.27 2.19 -6.56
CA HIS A 31 4.23 1.14 -6.88
C HIS A 31 5.64 1.60 -6.51
N SER A 32 5.95 2.86 -6.85
CA SER A 32 7.26 3.45 -6.56
C SER A 32 7.53 3.47 -5.06
N GLU A 33 6.49 3.74 -4.28
CA GLU A 33 6.64 3.82 -2.81
C GLU A 33 6.91 2.44 -2.20
N ILE A 34 6.49 1.37 -2.88
CA ILE A 34 6.71 0.01 -2.40
C ILE A 34 7.94 -0.61 -3.09
N GLN A 35 8.79 -1.23 -2.28
CA GLN A 35 10.00 -1.87 -2.80
C GLN A 35 9.68 -3.30 -3.27
N SER A 36 10.10 -3.62 -4.49
CA SER A 36 9.85 -4.94 -5.07
C SER A 36 11.14 -5.74 -5.14
N GLY A 37 11.04 -7.03 -4.77
CA GLY A 37 12.20 -7.93 -4.79
C GLY A 37 12.75 -8.09 -6.20
N GLY A 38 11.84 -8.16 -7.18
CA GLY A 38 12.23 -8.33 -8.57
C GLY A 38 11.01 -8.26 -9.50
N GLU A 39 11.20 -8.68 -10.75
CA GLU A 39 10.12 -8.67 -11.73
C GLU A 39 8.98 -9.58 -11.28
N TYR A 40 9.33 -10.73 -10.70
CA TYR A 40 8.33 -11.70 -10.23
C TYR A 40 7.48 -11.08 -9.13
N ALA A 41 8.12 -10.31 -8.25
CA ALA A 41 7.41 -9.68 -7.14
C ALA A 41 6.31 -8.77 -7.67
N THR A 42 5.10 -8.97 -7.15
CA THR A 42 3.95 -8.17 -7.56
C THR A 42 2.94 -8.05 -6.42
N LEU A 43 1.86 -7.31 -6.68
CA LEU A 43 0.79 -7.12 -5.70
C LEU A 43 -0.56 -7.17 -6.40
N ALA A 44 -1.59 -7.60 -5.66
CA ALA A 44 -2.95 -7.71 -6.23
C ALA A 44 -4.01 -7.37 -5.16
N ASP A 45 -5.20 -7.98 -5.25
CA ASP A 45 -6.27 -7.72 -4.29
C ASP A 45 -6.12 -8.62 -3.06
N GLY A 46 -5.80 -8.02 -1.93
CA GLY A 46 -5.64 -8.76 -0.67
C GLY A 46 -4.17 -8.93 -0.26
N GLN A 47 -3.25 -8.31 -1.00
CA GLN A 47 -1.83 -8.41 -0.69
C GLN A 47 -1.54 -7.81 0.69
N THR A 48 -0.79 -8.56 1.50
CA THR A 48 -0.43 -8.12 2.85
C THR A 48 0.86 -7.30 2.82
N VAL A 49 0.79 -6.08 3.37
CA VAL A 49 1.95 -5.19 3.40
C VAL A 49 2.04 -4.43 4.72
N GLU A 50 3.19 -3.79 4.96
CA GLU A 50 3.39 -2.98 6.16
C GLU A 50 3.69 -1.55 5.74
N TYR A 51 3.04 -0.58 6.37
CA TYR A 51 3.23 0.83 6.02
C TYR A 51 3.02 1.77 7.20
N GLU A 52 3.42 3.03 6.99
CA GLU A 52 3.25 4.07 8.01
C GLU A 52 2.32 5.14 7.47
N VAL A 53 1.38 5.59 8.31
CA VAL A 53 0.41 6.61 7.92
C VAL A 53 1.02 8.01 8.01
N GLY A 54 1.08 8.68 6.85
CA GLY A 54 1.61 10.03 6.77
C GLY A 54 0.47 10.99 6.44
N GLN A 55 0.81 12.24 6.15
CA GLN A 55 -0.20 13.25 5.81
C GLN A 55 0.13 13.95 4.50
N GLY A 56 -0.92 14.44 3.82
CA GLY A 56 -0.74 15.13 2.55
C GLY A 56 -1.98 15.91 2.17
N GLN A 57 -1.90 16.65 1.05
CA GLN A 57 -3.01 17.46 0.56
C GLN A 57 -4.21 16.58 0.20
N LYS A 58 -3.93 15.42 -0.39
CA LYS A 58 -4.97 14.49 -0.81
C LYS A 58 -5.34 13.52 0.34
N GLY A 59 -5.02 13.91 1.58
CA GLY A 59 -5.31 13.09 2.74
C GLY A 59 -4.11 12.21 3.11
N PRO A 60 -4.18 11.40 4.18
CA PRO A 60 -3.05 10.52 4.59
C PRO A 60 -2.59 9.57 3.50
N CYS A 61 -1.33 9.18 3.58
CA CYS A 61 -0.73 8.27 2.62
C CYS A 61 0.08 7.20 3.34
N ALA A 62 0.55 6.20 2.60
CA ALA A 62 1.34 5.13 3.20
C ALA A 62 2.72 5.08 2.56
N ASN A 63 3.77 5.04 3.40
CA ASN A 63 5.14 5.01 2.91
C ASN A 63 5.89 3.82 3.49
N LYS A 64 7.09 3.56 2.96
CA LYS A 64 7.90 2.43 3.43
C LYS A 64 7.08 1.14 3.34
N VAL A 65 6.48 0.92 2.16
CA VAL A 65 5.64 -0.25 1.94
C VAL A 65 6.52 -1.46 1.61
N VAL A 66 6.34 -2.51 2.42
CA VAL A 66 7.10 -3.76 2.24
C VAL A 66 6.14 -4.95 2.18
N ALA A 67 6.36 -5.83 1.21
CA ALA A 67 5.52 -7.01 1.02
C ALA A 67 5.73 -8.02 2.14
N VAL A 68 4.61 -8.52 2.68
CA VAL A 68 4.63 -9.50 3.78
C VAL A 68 5.70 -9.20 4.82
N MET A 1 1.92 -2.06 14.22
CA MET A 1 2.10 -3.20 13.27
C MET A 1 2.47 -2.67 11.89
N SER A 2 1.83 -1.55 11.49
CA SER A 2 2.09 -0.94 10.19
C SER A 2 1.89 -1.97 9.07
N LYS A 3 0.81 -2.74 9.18
CA LYS A 3 0.47 -3.76 8.19
C LYS A 3 -1.03 -3.87 8.03
N GLY A 4 -1.50 -3.71 6.79
CA GLY A 4 -2.93 -3.80 6.49
C GLY A 4 -3.15 -4.71 5.30
N ILE A 5 -4.40 -4.75 4.80
CA ILE A 5 -4.74 -5.60 3.65
C ILE A 5 -5.19 -4.74 2.48
N VAL A 6 -4.59 -4.99 1.32
CA VAL A 6 -4.90 -4.20 0.13
C VAL A 6 -6.31 -4.52 -0.35
N LYS A 7 -7.12 -3.46 -0.47
CA LYS A 7 -8.50 -3.60 -0.95
C LYS A 7 -8.46 -4.04 -2.41
N TRP A 8 -7.60 -3.38 -3.19
CA TRP A 8 -7.45 -3.68 -4.61
C TRP A 8 -6.15 -3.08 -5.14
N PHE A 9 -5.28 -3.93 -5.71
CA PHE A 9 -4.01 -3.44 -6.26
C PHE A 9 -4.06 -3.46 -7.79
N ASN A 10 -3.82 -2.30 -8.41
CA ASN A 10 -3.83 -2.20 -9.88
C ASN A 10 -2.51 -1.63 -10.40
N SER A 11 -1.58 -2.52 -10.74
CA SER A 11 -0.27 -2.11 -11.27
C SER A 11 -0.40 -1.38 -12.60
N ASP A 12 -1.41 -1.76 -13.40
CA ASP A 12 -1.62 -1.13 -14.71
C ASP A 12 -1.87 0.36 -14.49
N LYS A 13 -2.69 0.67 -13.49
CA LYS A 13 -2.99 2.06 -13.14
C LYS A 13 -1.78 2.68 -12.43
N GLY A 14 -0.99 1.82 -11.76
CA GLY A 14 0.20 2.26 -11.03
C GLY A 14 -0.10 2.57 -9.56
N PHE A 15 -1.32 2.24 -9.11
CA PHE A 15 -1.70 2.50 -7.72
C PHE A 15 -2.86 1.59 -7.28
N GLY A 16 -3.16 1.65 -5.99
CA GLY A 16 -4.23 0.85 -5.42
C GLY A 16 -4.70 1.44 -4.09
N PHE A 17 -5.76 0.85 -3.53
CA PHE A 17 -6.31 1.32 -2.26
C PHE A 17 -6.14 0.22 -1.22
N ILE A 18 -5.69 0.60 -0.02
CA ILE A 18 -5.47 -0.36 1.06
C ILE A 18 -6.43 -0.14 2.21
N THR A 19 -6.86 -1.25 2.81
CA THR A 19 -7.80 -1.22 3.92
C THR A 19 -7.05 -1.40 5.26
N PRO A 20 -6.91 -0.34 6.08
CA PRO A 20 -6.22 -0.45 7.41
C PRO A 20 -6.84 -1.55 8.27
N GLU A 21 -5.98 -2.39 8.87
CA GLU A 21 -6.45 -3.48 9.72
C GLU A 21 -7.17 -2.94 10.97
N ASP A 22 -6.75 -1.75 11.42
CA ASP A 22 -7.36 -1.11 12.59
C ASP A 22 -8.79 -0.65 12.31
N GLY A 23 -9.14 -0.50 11.03
CA GLY A 23 -10.47 -0.05 10.63
C GLY A 23 -10.45 1.42 10.17
N SER A 24 -9.25 1.98 10.01
CA SER A 24 -9.09 3.36 9.55
C SER A 24 -9.46 3.49 8.08
N LYS A 25 -9.60 4.72 7.62
CA LYS A 25 -9.96 5.00 6.23
C LYS A 25 -8.86 4.51 5.28
N ASP A 26 -9.26 4.11 4.08
CA ASP A 26 -8.31 3.60 3.09
C ASP A 26 -7.19 4.60 2.83
N LEU A 27 -6.03 4.08 2.43
CA LEU A 27 -4.86 4.91 2.15
C LEU A 27 -4.38 4.69 0.73
N PHE A 28 -3.80 5.74 0.12
CA PHE A 28 -3.29 5.64 -1.23
C PHE A 28 -1.93 4.92 -1.23
N VAL A 29 -1.79 3.94 -2.12
CA VAL A 29 -0.56 3.16 -2.21
C VAL A 29 -0.08 3.10 -3.68
N HIS A 30 1.20 3.35 -3.90
CA HIS A 30 1.78 3.33 -5.25
C HIS A 30 2.71 2.13 -5.42
N HIS A 31 2.73 1.57 -6.64
CA HIS A 31 3.58 0.42 -6.96
C HIS A 31 5.07 0.76 -6.80
N SER A 32 5.48 1.88 -7.37
CA SER A 32 6.89 2.31 -7.35
C SER A 32 7.43 2.57 -5.93
N GLU A 33 6.54 2.85 -4.98
CA GLU A 33 6.95 3.15 -3.60
C GLU A 33 7.48 1.92 -2.84
N ILE A 34 7.27 0.71 -3.39
CA ILE A 34 7.72 -0.51 -2.71
C ILE A 34 9.22 -0.44 -2.40
N GLN A 35 9.69 -1.35 -1.55
CA GLN A 35 11.09 -1.39 -1.15
C GLN A 35 11.93 -2.09 -2.23
N SER A 36 13.17 -1.63 -2.37
CA SER A 36 14.10 -2.19 -3.36
C SER A 36 14.41 -3.65 -3.02
N GLY A 37 14.48 -4.49 -4.06
CA GLY A 37 14.78 -5.91 -3.88
C GLY A 37 14.55 -6.68 -5.18
N GLY A 38 15.06 -6.12 -6.29
CA GLY A 38 14.91 -6.75 -7.59
C GLY A 38 13.63 -6.28 -8.32
N GLU A 39 12.78 -5.52 -7.62
CA GLU A 39 11.53 -5.02 -8.21
C GLU A 39 10.66 -6.17 -8.72
N TYR A 40 10.71 -7.32 -8.03
CA TYR A 40 9.91 -8.48 -8.41
C TYR A 40 8.65 -8.61 -7.54
N ALA A 41 8.52 -7.75 -6.53
CA ALA A 41 7.36 -7.81 -5.64
C ALA A 41 6.08 -7.55 -6.42
N THR A 42 5.09 -8.42 -6.18
CA THR A 42 3.79 -8.30 -6.86
C THR A 42 2.69 -8.07 -5.83
N LEU A 43 1.61 -7.40 -6.26
CA LEU A 43 0.48 -7.12 -5.39
C LEU A 43 -0.83 -7.29 -6.16
N ALA A 44 -1.90 -7.65 -5.44
CA ALA A 44 -3.21 -7.85 -6.07
C ALA A 44 -4.34 -7.41 -5.11
N ASP A 45 -5.56 -7.92 -5.32
CA ASP A 45 -6.69 -7.56 -4.45
C ASP A 45 -6.72 -8.45 -3.22
N GLY A 46 -6.50 -7.83 -2.05
CA GLY A 46 -6.50 -8.56 -0.78
C GLY A 46 -5.07 -8.92 -0.31
N GLN A 47 -4.07 -8.48 -1.07
CA GLN A 47 -2.67 -8.76 -0.75
C GLN A 47 -2.25 -8.02 0.53
N THR A 48 -1.59 -8.77 1.43
CA THR A 48 -1.13 -8.20 2.70
C THR A 48 0.20 -7.47 2.48
N VAL A 49 0.27 -6.22 2.96
CA VAL A 49 1.48 -5.42 2.81
C VAL A 49 1.76 -4.59 4.06
N GLU A 50 2.99 -4.04 4.12
CA GLU A 50 3.40 -3.19 5.23
C GLU A 50 3.59 -1.77 4.72
N TYR A 51 3.13 -0.78 5.50
CA TYR A 51 3.24 0.61 5.07
C TYR A 51 3.28 1.58 6.25
N GLU A 52 3.71 2.81 5.96
CA GLU A 52 3.79 3.87 6.95
C GLU A 52 2.78 4.95 6.60
N VAL A 53 1.94 5.32 7.57
CA VAL A 53 0.91 6.35 7.34
C VAL A 53 1.50 7.74 7.60
N GLY A 54 1.56 8.55 6.53
CA GLY A 54 2.09 9.90 6.65
C GLY A 54 1.11 10.92 6.09
N GLN A 55 0.59 11.79 6.95
CA GLN A 55 -0.37 12.82 6.55
C GLN A 55 0.20 13.67 5.42
N GLY A 56 -0.60 13.88 4.38
CA GLY A 56 -0.20 14.68 3.23
C GLY A 56 -1.09 15.90 3.11
N GLN A 57 -0.84 16.70 2.06
CA GLN A 57 -1.62 17.91 1.82
C GLN A 57 -3.07 17.57 1.51
N LYS A 58 -3.28 16.51 0.72
CA LYS A 58 -4.64 16.09 0.36
C LYS A 58 -5.17 15.02 1.31
N GLY A 59 -4.25 14.32 1.99
CA GLY A 59 -4.63 13.26 2.92
C GLY A 59 -3.44 12.33 3.20
N PRO A 60 -3.57 11.35 4.10
CA PRO A 60 -2.45 10.40 4.41
C PRO A 60 -2.17 9.41 3.28
N CYS A 61 -0.90 9.00 3.19
CA CYS A 61 -0.47 8.06 2.17
C CYS A 61 0.28 6.91 2.83
N ALA A 62 0.59 5.86 2.06
CA ALA A 62 1.33 4.72 2.58
C ALA A 62 2.70 4.64 1.91
N ASN A 63 3.75 4.48 2.72
CA ASN A 63 5.12 4.41 2.20
C ASN A 63 5.81 3.11 2.61
N LYS A 64 6.88 2.76 1.87
CA LYS A 64 7.64 1.54 2.15
C LYS A 64 6.73 0.31 2.03
N VAL A 65 6.14 0.14 0.85
CA VAL A 65 5.24 -1.00 0.60
C VAL A 65 6.06 -2.29 0.50
N VAL A 66 5.77 -3.22 1.42
CA VAL A 66 6.46 -4.51 1.45
C VAL A 66 5.44 -5.65 1.44
N ALA A 67 5.57 -6.55 0.46
CA ALA A 67 4.66 -7.69 0.35
C ALA A 67 4.94 -8.72 1.43
N VAL A 68 3.87 -9.26 2.03
CA VAL A 68 3.99 -10.25 3.09
C VAL A 68 3.93 -11.66 2.49
N MET A 1 5.58 -2.32 13.26
CA MET A 1 5.12 -1.47 12.12
C MET A 1 3.68 -1.85 11.77
N SER A 2 2.90 -0.84 11.38
CA SER A 2 1.51 -1.05 11.01
C SER A 2 1.41 -1.96 9.79
N LYS A 3 0.42 -2.86 9.80
CA LYS A 3 0.21 -3.78 8.67
C LYS A 3 -1.25 -3.80 8.27
N GLY A 4 -1.51 -3.64 6.97
CA GLY A 4 -2.88 -3.62 6.46
C GLY A 4 -3.05 -4.54 5.26
N ILE A 5 -4.28 -4.59 4.74
CA ILE A 5 -4.57 -5.42 3.57
C ILE A 5 -5.00 -4.55 2.40
N VAL A 6 -4.38 -4.77 1.25
CA VAL A 6 -4.66 -3.97 0.07
C VAL A 6 -6.09 -4.24 -0.42
N LYS A 7 -6.87 -3.17 -0.52
CA LYS A 7 -8.24 -3.27 -1.00
C LYS A 7 -8.21 -3.69 -2.47
N TRP A 8 -7.33 -3.05 -3.23
CA TRP A 8 -7.16 -3.35 -4.65
C TRP A 8 -5.85 -2.75 -5.16
N PHE A 9 -5.03 -3.58 -5.81
CA PHE A 9 -3.76 -3.11 -6.36
C PHE A 9 -3.81 -3.07 -7.89
N ASN A 10 -3.57 -1.88 -8.46
CA ASN A 10 -3.59 -1.72 -9.92
C ASN A 10 -2.28 -1.15 -10.43
N SER A 11 -1.35 -2.04 -10.82
CA SER A 11 -0.05 -1.64 -11.33
C SER A 11 -0.18 -0.86 -12.63
N ASP A 12 -1.20 -1.19 -13.44
CA ASP A 12 -1.42 -0.51 -14.71
C ASP A 12 -1.62 0.98 -14.47
N LYS A 13 -2.43 1.30 -13.46
CA LYS A 13 -2.67 2.69 -13.07
C LYS A 13 -1.44 3.26 -12.34
N GLY A 14 -0.67 2.35 -11.71
CA GLY A 14 0.53 2.74 -10.97
C GLY A 14 0.25 2.98 -9.49
N PHE A 15 -0.97 2.65 -9.02
CA PHE A 15 -1.32 2.85 -7.62
C PHE A 15 -2.47 1.95 -7.20
N GLY A 16 -2.77 1.97 -5.90
CA GLY A 16 -3.84 1.16 -5.33
C GLY A 16 -4.32 1.75 -4.00
N PHE A 17 -5.38 1.16 -3.46
CA PHE A 17 -5.95 1.61 -2.18
C PHE A 17 -5.81 0.51 -1.15
N ILE A 18 -5.39 0.86 0.07
CA ILE A 18 -5.20 -0.13 1.13
C ILE A 18 -6.22 0.06 2.26
N THR A 19 -6.65 -1.06 2.83
CA THR A 19 -7.62 -1.06 3.91
C THR A 19 -6.93 -1.30 5.27
N PRO A 20 -6.77 -0.27 6.11
CA PRO A 20 -6.13 -0.42 7.46
C PRO A 20 -6.78 -1.54 8.27
N GLU A 21 -5.95 -2.41 8.86
CA GLU A 21 -6.44 -3.52 9.67
C GLU A 21 -7.24 -3.01 10.88
N ASP A 22 -7.01 -1.75 11.27
CA ASP A 22 -7.71 -1.15 12.41
C ASP A 22 -9.04 -0.50 11.99
N GLY A 23 -9.37 -0.54 10.69
CA GLY A 23 -10.61 0.05 10.19
C GLY A 23 -10.44 1.54 9.84
N SER A 24 -9.20 2.04 9.90
CA SER A 24 -8.94 3.44 9.57
C SER A 24 -9.18 3.69 8.09
N LYS A 25 -9.28 4.97 7.73
CA LYS A 25 -9.53 5.38 6.35
C LYS A 25 -8.44 4.84 5.43
N ASP A 26 -8.84 4.44 4.22
CA ASP A 26 -7.91 3.89 3.23
C ASP A 26 -6.78 4.90 2.92
N LEU A 27 -5.58 4.36 2.69
CA LEU A 27 -4.42 5.18 2.38
C LEU A 27 -3.96 4.94 0.94
N PHE A 28 -3.37 5.97 0.33
CA PHE A 28 -2.88 5.87 -1.04
C PHE A 28 -1.52 5.19 -1.06
N VAL A 29 -1.37 4.19 -1.93
CA VAL A 29 -0.11 3.45 -2.05
C VAL A 29 0.28 3.33 -3.53
N HIS A 30 1.56 3.57 -3.82
CA HIS A 30 2.06 3.50 -5.20
C HIS A 30 2.95 2.27 -5.40
N HIS A 31 2.98 1.76 -6.63
CA HIS A 31 3.80 0.60 -6.97
C HIS A 31 5.28 0.93 -6.74
N SER A 32 5.71 2.08 -7.26
CA SER A 32 7.10 2.52 -7.12
C SER A 32 7.44 2.95 -5.69
N GLU A 33 6.46 2.87 -4.77
CA GLU A 33 6.69 3.27 -3.38
C GLU A 33 7.61 2.28 -2.66
N ILE A 34 7.63 1.02 -3.10
CA ILE A 34 8.48 0.00 -2.49
C ILE A 34 9.95 0.25 -2.86
N GLN A 35 10.79 0.37 -1.84
CA GLN A 35 12.22 0.62 -2.05
C GLN A 35 12.89 -0.53 -2.78
N SER A 36 12.51 -1.76 -2.45
CA SER A 36 13.10 -2.94 -3.08
C SER A 36 12.85 -2.93 -4.59
N GLY A 37 11.59 -2.69 -4.98
CA GLY A 37 11.23 -2.65 -6.39
C GLY A 37 11.47 -3.99 -7.08
N GLY A 38 11.33 -5.08 -6.32
CA GLY A 38 11.56 -6.43 -6.86
C GLY A 38 10.56 -6.75 -7.96
N GLU A 39 11.07 -7.30 -9.07
CA GLU A 39 10.23 -7.67 -10.21
C GLU A 39 9.28 -8.80 -9.83
N TYR A 40 9.80 -9.77 -9.06
CA TYR A 40 9.01 -10.93 -8.63
C TYR A 40 7.85 -10.50 -7.75
N ALA A 41 8.11 -9.52 -6.87
CA ALA A 41 7.09 -9.03 -5.95
C ALA A 41 5.91 -8.44 -6.72
N THR A 42 4.71 -8.93 -6.41
CA THR A 42 3.49 -8.47 -7.06
C THR A 42 2.42 -8.15 -6.01
N LEU A 43 1.42 -7.35 -6.41
CA LEU A 43 0.33 -6.98 -5.52
C LEU A 43 -0.99 -7.04 -6.28
N ALA A 44 -2.06 -7.42 -5.58
CA ALA A 44 -3.39 -7.53 -6.18
C ALA A 44 -4.48 -7.14 -5.16
N ASP A 45 -5.69 -7.71 -5.30
CA ASP A 45 -6.79 -7.40 -4.38
C ASP A 45 -6.73 -8.30 -3.14
N GLY A 46 -6.42 -7.70 -2.00
CA GLY A 46 -6.35 -8.44 -0.72
C GLY A 46 -4.91 -8.76 -0.32
N GLN A 47 -3.93 -8.30 -1.11
CA GLN A 47 -2.52 -8.56 -0.81
C GLN A 47 -2.10 -7.85 0.47
N THR A 48 -1.49 -8.60 1.40
CA THR A 48 -1.03 -8.03 2.67
C THR A 48 0.27 -7.27 2.47
N VAL A 49 0.44 -6.17 3.21
CA VAL A 49 1.65 -5.36 3.10
C VAL A 49 1.96 -4.64 4.42
N GLU A 50 3.18 -4.12 4.49
CA GLU A 50 3.63 -3.35 5.64
C GLU A 50 3.83 -1.91 5.21
N TYR A 51 3.33 -0.95 5.99
CA TYR A 51 3.46 0.46 5.60
C TYR A 51 3.45 1.40 6.81
N GLU A 52 3.90 2.62 6.56
CA GLU A 52 3.92 3.66 7.58
C GLU A 52 3.03 4.83 7.13
N VAL A 53 2.18 5.29 8.05
CA VAL A 53 1.26 6.38 7.75
C VAL A 53 2.02 7.66 7.37
N GLY A 54 1.36 8.48 6.55
CA GLY A 54 1.94 9.75 6.08
C GLY A 54 0.84 10.80 5.96
N GLN A 55 1.25 12.07 5.88
CA GLN A 55 0.29 13.17 5.76
C GLN A 55 0.16 13.64 4.32
N GLY A 56 -1.07 14.00 3.94
CA GLY A 56 -1.34 14.48 2.59
C GLY A 56 -2.66 15.25 2.55
N GLN A 57 -2.77 16.17 1.59
CA GLN A 57 -3.97 16.98 1.44
C GLN A 57 -5.17 16.12 1.03
N LYS A 58 -4.92 15.15 0.16
CA LYS A 58 -5.97 14.25 -0.32
C LYS A 58 -6.15 13.04 0.62
N GLY A 59 -5.71 13.18 1.87
CA GLY A 59 -5.82 12.10 2.85
C GLY A 59 -4.42 11.54 3.19
N PRO A 60 -4.30 10.63 4.16
CA PRO A 60 -2.98 10.05 4.54
C PRO A 60 -2.44 9.10 3.47
N CYS A 61 -1.11 8.99 3.43
CA CYS A 61 -0.44 8.12 2.47
C CYS A 61 0.32 7.03 3.21
N ALA A 62 0.74 5.99 2.49
CA ALA A 62 1.50 4.90 3.09
C ALA A 62 2.79 4.67 2.30
N ASN A 63 3.89 4.40 3.01
CA ASN A 63 5.18 4.17 2.34
C ASN A 63 5.87 2.94 2.90
N LYS A 64 7.03 2.60 2.31
CA LYS A 64 7.79 1.42 2.74
C LYS A 64 6.91 0.17 2.61
N VAL A 65 6.36 -0.01 1.40
CA VAL A 65 5.48 -1.14 1.12
C VAL A 65 6.29 -2.44 1.00
N VAL A 66 6.01 -3.37 1.92
CA VAL A 66 6.69 -4.67 1.92
C VAL A 66 5.64 -5.78 1.85
N ALA A 67 5.74 -6.63 0.83
CA ALA A 67 4.79 -7.73 0.65
C ALA A 67 4.95 -8.77 1.76
N VAL A 68 3.82 -9.22 2.30
CA VAL A 68 3.82 -10.22 3.38
C VAL A 68 4.61 -9.69 4.57
N MET A 1 5.59 -2.47 12.90
CA MET A 1 5.20 -1.75 11.66
C MET A 1 3.74 -2.07 11.32
N SER A 2 3.00 -1.07 10.86
CA SER A 2 1.61 -1.24 10.50
C SER A 2 1.46 -2.22 9.34
N LYS A 3 0.42 -3.06 9.40
CA LYS A 3 0.16 -4.04 8.35
C LYS A 3 -1.34 -4.16 8.13
N GLY A 4 -1.77 -3.97 6.87
CA GLY A 4 -3.18 -4.05 6.51
C GLY A 4 -3.36 -4.93 5.28
N ILE A 5 -4.60 -4.96 4.77
CA ILE A 5 -4.91 -5.77 3.59
C ILE A 5 -5.36 -4.87 2.45
N VAL A 6 -4.74 -5.05 1.29
CA VAL A 6 -5.04 -4.22 0.12
C VAL A 6 -6.43 -4.56 -0.42
N LYS A 7 -7.28 -3.53 -0.50
CA LYS A 7 -8.62 -3.70 -1.04
C LYS A 7 -8.53 -4.06 -2.52
N TRP A 8 -7.66 -3.34 -3.22
CA TRP A 8 -7.45 -3.57 -4.65
C TRP A 8 -6.15 -2.91 -5.10
N PHE A 9 -5.25 -3.69 -5.73
CA PHE A 9 -3.98 -3.14 -6.22
C PHE A 9 -3.95 -3.13 -7.75
N ASN A 10 -3.71 -1.96 -8.34
CA ASN A 10 -3.65 -1.83 -9.80
C ASN A 10 -2.30 -1.28 -10.26
N SER A 11 -1.39 -2.19 -10.62
CA SER A 11 -0.05 -1.81 -11.08
C SER A 11 -0.13 -1.00 -12.36
N ASP A 12 -1.05 -1.38 -13.26
CA ASP A 12 -1.21 -0.68 -14.54
C ASP A 12 -1.51 0.79 -14.28
N LYS A 13 -2.39 1.04 -13.30
CA LYS A 13 -2.74 2.40 -12.91
C LYS A 13 -1.57 3.03 -12.14
N GLY A 14 -0.79 2.18 -11.47
CA GLY A 14 0.36 2.62 -10.69
C GLY A 14 -0.01 2.91 -9.23
N PHE A 15 -1.24 2.57 -8.82
CA PHE A 15 -1.70 2.81 -7.45
C PHE A 15 -2.86 1.90 -7.08
N GLY A 16 -3.21 1.92 -5.80
CA GLY A 16 -4.31 1.10 -5.28
C GLY A 16 -4.80 1.64 -3.94
N PHE A 17 -5.85 1.02 -3.41
CA PHE A 17 -6.42 1.41 -2.13
C PHE A 17 -6.28 0.27 -1.14
N ILE A 18 -5.87 0.59 0.10
CA ILE A 18 -5.68 -0.44 1.13
C ILE A 18 -6.67 -0.27 2.27
N THR A 19 -7.08 -1.40 2.83
CA THR A 19 -8.02 -1.43 3.94
C THR A 19 -7.26 -1.62 5.26
N PRO A 20 -7.12 -0.58 6.10
CA PRO A 20 -6.40 -0.71 7.41
C PRO A 20 -6.96 -1.84 8.28
N GLU A 21 -6.04 -2.60 8.86
CA GLU A 21 -6.41 -3.71 9.74
C GLU A 21 -7.22 -3.22 10.93
N ASP A 22 -6.80 -2.09 11.51
CA ASP A 22 -7.47 -1.52 12.67
C ASP A 22 -8.90 -1.08 12.35
N GLY A 23 -9.22 -0.96 11.06
CA GLY A 23 -10.55 -0.52 10.64
C GLY A 23 -10.55 0.96 10.24
N SER A 24 -9.35 1.55 10.14
CA SER A 24 -9.22 2.96 9.77
C SER A 24 -9.59 3.16 8.30
N LYS A 25 -9.76 4.42 7.90
CA LYS A 25 -10.12 4.75 6.52
C LYS A 25 -9.02 4.32 5.55
N ASP A 26 -9.42 3.98 4.32
CA ASP A 26 -8.47 3.54 3.30
C ASP A 26 -7.37 4.56 3.07
N LEU A 27 -6.16 4.05 2.82
CA LEU A 27 -4.99 4.89 2.56
C LEU A 27 -4.49 4.67 1.15
N PHE A 28 -3.90 5.71 0.55
CA PHE A 28 -3.37 5.62 -0.81
C PHE A 28 -2.03 4.89 -0.81
N VAL A 29 -1.88 3.93 -1.73
CA VAL A 29 -0.65 3.15 -1.84
C VAL A 29 -0.19 3.14 -3.30
N HIS A 30 1.10 3.42 -3.53
CA HIS A 30 1.66 3.44 -4.89
C HIS A 30 2.62 2.30 -5.11
N HIS A 31 2.61 1.75 -6.33
CA HIS A 31 3.48 0.64 -6.71
C HIS A 31 4.95 1.07 -6.63
N SER A 32 5.23 2.25 -7.16
CA SER A 32 6.60 2.79 -7.19
C SER A 32 7.12 3.18 -5.80
N GLU A 33 6.23 3.20 -4.79
CA GLU A 33 6.62 3.59 -3.43
C GLU A 33 7.53 2.54 -2.79
N ILE A 34 7.41 1.28 -3.23
CA ILE A 34 8.23 0.19 -2.68
C ILE A 34 9.72 0.47 -2.92
N GLN A 35 10.53 0.21 -1.90
CA GLN A 35 11.98 0.42 -2.00
C GLN A 35 12.68 -0.94 -2.09
N SER A 36 13.32 -1.19 -3.24
CA SER A 36 14.04 -2.44 -3.47
C SER A 36 13.10 -3.64 -3.30
N GLY A 37 13.55 -4.80 -3.80
CA GLY A 37 12.77 -6.03 -3.70
C GLY A 37 11.56 -6.03 -4.64
N GLY A 38 11.56 -5.11 -5.62
CA GLY A 38 10.45 -5.01 -6.58
C GLY A 38 10.67 -5.88 -7.83
N GLU A 39 11.80 -6.61 -7.87
CA GLU A 39 12.11 -7.46 -9.01
C GLU A 39 11.06 -8.56 -9.18
N TYR A 40 10.63 -9.14 -8.06
CA TYR A 40 9.62 -10.21 -8.08
C TYR A 40 8.38 -9.85 -7.26
N ALA A 41 8.53 -8.90 -6.32
CA ALA A 41 7.41 -8.50 -5.47
C ALA A 41 6.27 -7.92 -6.29
N THR A 42 5.08 -8.46 -6.07
CA THR A 42 3.87 -8.01 -6.77
C THR A 42 2.73 -7.79 -5.79
N LEU A 43 1.72 -7.02 -6.21
CA LEU A 43 0.56 -6.74 -5.37
C LEU A 43 -0.72 -6.89 -6.20
N ALA A 44 -1.80 -7.31 -5.54
CA ALA A 44 -3.10 -7.50 -6.23
C ALA A 44 -4.26 -7.15 -5.27
N ASP A 45 -5.45 -7.70 -5.52
CA ASP A 45 -6.61 -7.42 -4.68
C ASP A 45 -6.65 -8.37 -3.48
N GLY A 46 -6.46 -7.81 -2.28
CA GLY A 46 -6.47 -8.60 -1.05
C GLY A 46 -5.05 -8.93 -0.55
N GLN A 47 -4.03 -8.42 -1.26
CA GLN A 47 -2.64 -8.65 -0.91
C GLN A 47 -2.29 -7.97 0.42
N THR A 48 -1.63 -8.72 1.31
CA THR A 48 -1.23 -8.19 2.61
C THR A 48 0.12 -7.47 2.47
N VAL A 49 0.17 -6.23 2.97
CA VAL A 49 1.39 -5.43 2.89
C VAL A 49 1.64 -4.64 4.17
N GLU A 50 2.85 -4.10 4.29
CA GLU A 50 3.24 -3.29 5.44
C GLU A 50 3.59 -1.90 4.95
N TYR A 51 3.20 -0.87 5.71
CA TYR A 51 3.46 0.51 5.31
C TYR A 51 3.47 1.47 6.50
N GLU A 52 4.01 2.67 6.25
CA GLU A 52 4.07 3.72 7.26
C GLU A 52 3.27 4.92 6.77
N VAL A 53 2.34 5.38 7.61
CA VAL A 53 1.49 6.53 7.25
C VAL A 53 2.35 7.75 6.89
N GLY A 54 1.82 8.57 5.99
CA GLY A 54 2.52 9.78 5.54
C GLY A 54 1.55 10.95 5.48
N GLN A 55 2.06 12.17 5.62
CA GLN A 55 1.22 13.37 5.59
C GLN A 55 1.05 13.87 4.15
N GLY A 56 -0.21 14.07 3.75
CA GLY A 56 -0.52 14.57 2.41
C GLY A 56 -1.56 15.69 2.49
N GLN A 57 -1.48 16.64 1.55
CA GLN A 57 -2.41 17.76 1.52
C GLN A 57 -3.84 17.29 1.25
N LYS A 58 -3.98 16.35 0.32
CA LYS A 58 -5.30 15.81 -0.03
C LYS A 58 -5.71 14.66 0.89
N GLY A 59 -4.71 14.03 1.52
CA GLY A 59 -4.96 12.91 2.44
C GLY A 59 -3.66 12.14 2.70
N PRO A 60 -3.59 11.29 3.73
CA PRO A 60 -2.35 10.52 4.04
C PRO A 60 -2.08 9.40 3.03
N CYS A 61 -0.80 9.05 2.89
CA CYS A 61 -0.38 7.99 1.98
C CYS A 61 0.37 6.92 2.76
N ALA A 62 0.81 5.86 2.05
CA ALA A 62 1.55 4.78 2.70
C ALA A 62 2.97 4.71 2.12
N ASN A 63 3.96 4.56 3.01
CA ASN A 63 5.36 4.48 2.59
C ASN A 63 5.97 3.13 2.98
N LYS A 64 7.08 2.77 2.32
CA LYS A 64 7.75 1.51 2.61
C LYS A 64 6.79 0.33 2.41
N VAL A 65 6.16 0.30 1.24
CA VAL A 65 5.21 -0.76 0.91
C VAL A 65 5.97 -2.05 0.61
N VAL A 66 5.67 -3.09 1.38
CA VAL A 66 6.32 -4.40 1.19
C VAL A 66 5.32 -5.54 1.39
N ALA A 67 5.32 -6.47 0.44
CA ALA A 67 4.43 -7.63 0.49
C ALA A 67 4.90 -8.64 1.53
N VAL A 68 3.95 -9.27 2.20
CA VAL A 68 4.26 -10.27 3.24
C VAL A 68 4.80 -11.54 2.57
N MET A 1 5.24 -1.24 13.21
CA MET A 1 5.19 -1.28 11.72
C MET A 1 3.75 -1.50 11.27
N SER A 2 3.10 -0.42 10.84
CA SER A 2 1.72 -0.49 10.38
C SER A 2 1.61 -1.37 9.14
N LYS A 3 0.52 -2.15 9.07
CA LYS A 3 0.27 -3.04 7.94
C LYS A 3 -1.21 -3.41 7.88
N GLY A 4 -1.71 -3.63 6.66
CA GLY A 4 -3.12 -3.98 6.48
C GLY A 4 -3.31 -4.87 5.26
N ILE A 5 -4.54 -4.91 4.75
CA ILE A 5 -4.86 -5.73 3.57
C ILE A 5 -5.31 -4.83 2.44
N VAL A 6 -4.70 -5.03 1.27
CA VAL A 6 -5.00 -4.21 0.11
C VAL A 6 -6.40 -4.51 -0.42
N LYS A 7 -7.23 -3.47 -0.50
CA LYS A 7 -8.59 -3.61 -1.00
C LYS A 7 -8.52 -3.99 -2.48
N TRP A 8 -7.64 -3.29 -3.21
CA TRP A 8 -7.46 -3.54 -4.64
C TRP A 8 -6.14 -2.94 -5.11
N PHE A 9 -5.26 -3.77 -5.70
CA PHE A 9 -3.98 -3.28 -6.22
C PHE A 9 -3.98 -3.28 -7.74
N ASN A 10 -3.71 -2.11 -8.35
CA ASN A 10 -3.68 -2.01 -9.81
C ASN A 10 -2.37 -1.40 -10.31
N SER A 11 -1.43 -2.27 -10.72
CA SER A 11 -0.13 -1.82 -11.22
C SER A 11 -0.28 -0.97 -12.47
N ASP A 12 -1.23 -1.36 -13.34
CA ASP A 12 -1.45 -0.63 -14.59
C ASP A 12 -1.74 0.84 -14.28
N LYS A 13 -2.60 1.06 -13.30
CA LYS A 13 -2.92 2.41 -12.85
C LYS A 13 -1.73 2.99 -12.06
N GLY A 14 -0.89 2.10 -11.53
CA GLY A 14 0.30 2.49 -10.76
C GLY A 14 -0.02 2.74 -9.28
N PHE A 15 -1.24 2.41 -8.85
CA PHE A 15 -1.64 2.62 -7.46
C PHE A 15 -2.84 1.74 -7.09
N GLY A 16 -3.20 1.79 -5.81
CA GLY A 16 -4.32 1.01 -5.30
C GLY A 16 -4.80 1.57 -3.96
N PHE A 17 -5.86 0.97 -3.42
CA PHE A 17 -6.40 1.39 -2.13
C PHE A 17 -6.25 0.26 -1.12
N ILE A 18 -5.80 0.60 0.09
CA ILE A 18 -5.60 -0.42 1.13
C ILE A 18 -6.57 -0.23 2.29
N THR A 19 -7.00 -1.36 2.85
CA THR A 19 -7.94 -1.36 3.96
C THR A 19 -7.19 -1.57 5.30
N PRO A 20 -7.05 -0.54 6.13
CA PRO A 20 -6.35 -0.69 7.45
C PRO A 20 -6.96 -1.80 8.29
N GLU A 21 -6.10 -2.66 8.84
CA GLU A 21 -6.56 -3.77 9.68
C GLU A 21 -7.22 -3.26 10.96
N ASP A 22 -6.77 -2.09 11.43
CA ASP A 22 -7.32 -1.49 12.64
C ASP A 22 -8.77 -1.01 12.43
N GLY A 23 -9.14 -0.82 11.16
CA GLY A 23 -10.49 -0.35 10.82
C GLY A 23 -10.49 1.13 10.38
N SER A 24 -9.29 1.70 10.18
CA SER A 24 -9.15 3.08 9.76
C SER A 24 -9.53 3.24 8.29
N LYS A 25 -9.68 4.49 7.86
CA LYS A 25 -10.06 4.78 6.47
C LYS A 25 -8.97 4.34 5.51
N ASP A 26 -9.38 3.99 4.28
CA ASP A 26 -8.44 3.51 3.27
C ASP A 26 -7.33 4.53 3.02
N LEU A 27 -6.12 4.00 2.78
CA LEU A 27 -4.95 4.84 2.52
C LEU A 27 -4.47 4.64 1.09
N PHE A 28 -3.89 5.70 0.51
CA PHE A 28 -3.38 5.64 -0.85
C PHE A 28 -2.03 4.91 -0.89
N VAL A 29 -1.89 3.96 -1.81
CA VAL A 29 -0.66 3.19 -1.96
C VAL A 29 -0.23 3.19 -3.43
N HIS A 30 1.06 3.48 -3.67
CA HIS A 30 1.59 3.53 -5.04
C HIS A 30 2.54 2.36 -5.29
N HIS A 31 2.52 1.85 -6.53
CA HIS A 31 3.38 0.73 -6.92
C HIS A 31 4.86 1.14 -6.80
N SER A 32 5.17 2.32 -7.35
CA SER A 32 6.55 2.84 -7.34
C SER A 32 7.08 3.09 -5.92
N GLU A 33 6.16 3.18 -4.94
CA GLU A 33 6.53 3.43 -3.55
C GLU A 33 7.27 2.24 -2.93
N ILE A 34 7.02 1.04 -3.44
CA ILE A 34 7.65 -0.18 -2.90
C ILE A 34 9.18 -0.01 -2.83
N GLN A 35 9.81 -0.75 -1.92
CA GLN A 35 11.28 -0.68 -1.74
C GLN A 35 11.94 -2.02 -2.08
N SER A 36 11.30 -2.82 -2.94
CA SER A 36 11.85 -4.11 -3.34
C SER A 36 13.20 -3.96 -4.01
N GLY A 37 13.35 -2.91 -4.83
CA GLY A 37 14.60 -2.65 -5.54
C GLY A 37 14.85 -3.70 -6.61
N GLY A 38 15.97 -4.43 -6.48
CA GLY A 38 16.33 -5.46 -7.45
C GLY A 38 15.25 -6.53 -7.53
N GLU A 39 14.71 -6.91 -6.37
CA GLU A 39 13.66 -7.93 -6.31
C GLU A 39 12.36 -7.35 -6.86
N TYR A 40 11.53 -8.23 -7.45
CA TYR A 40 10.25 -7.79 -8.02
C TYR A 40 9.09 -8.18 -7.12
N ALA A 41 8.43 -7.17 -6.55
CA ALA A 41 7.30 -7.40 -5.67
C ALA A 41 5.99 -7.26 -6.43
N THR A 42 5.08 -8.21 -6.21
CA THR A 42 3.77 -8.19 -6.87
C THR A 42 2.67 -7.98 -5.85
N LEU A 43 1.60 -7.30 -6.27
CA LEU A 43 0.46 -7.03 -5.40
C LEU A 43 -0.84 -7.14 -6.19
N ALA A 44 -1.92 -7.51 -5.51
CA ALA A 44 -3.23 -7.67 -6.17
C ALA A 44 -4.37 -7.26 -5.22
N ASP A 45 -5.59 -7.76 -5.45
CA ASP A 45 -6.73 -7.43 -4.62
C ASP A 45 -6.79 -8.36 -3.41
N GLY A 46 -6.58 -7.79 -2.21
CA GLY A 46 -6.60 -8.57 -0.97
C GLY A 46 -5.19 -8.91 -0.47
N GLN A 47 -4.16 -8.49 -1.22
CA GLN A 47 -2.77 -8.76 -0.87
C GLN A 47 -2.38 -8.02 0.42
N THR A 48 -1.77 -8.75 1.35
CA THR A 48 -1.35 -8.18 2.62
C THR A 48 0.02 -7.51 2.46
N VAL A 49 0.13 -6.26 2.91
CA VAL A 49 1.39 -5.52 2.81
C VAL A 49 1.66 -4.72 4.08
N GLU A 50 2.90 -4.25 4.19
CA GLU A 50 3.32 -3.43 5.34
C GLU A 50 3.69 -2.04 4.83
N TYR A 51 3.31 -1.02 5.59
CA TYR A 51 3.58 0.37 5.19
C TYR A 51 3.59 1.31 6.39
N GLU A 52 4.09 2.53 6.16
CA GLU A 52 4.13 3.56 7.18
C GLU A 52 3.33 4.76 6.70
N VAL A 53 2.47 5.28 7.58
CA VAL A 53 1.63 6.43 7.23
C VAL A 53 2.49 7.63 6.85
N GLY A 54 1.95 8.47 5.98
CA GLY A 54 2.64 9.68 5.52
C GLY A 54 1.68 10.86 5.51
N GLN A 55 2.21 12.08 5.62
CA GLN A 55 1.38 13.28 5.64
C GLN A 55 1.15 13.80 4.22
N GLY A 56 -0.13 14.02 3.88
CA GLY A 56 -0.50 14.52 2.56
C GLY A 56 -1.56 15.62 2.69
N GLN A 57 -1.52 16.59 1.78
CA GLN A 57 -2.47 17.71 1.80
C GLN A 57 -3.90 17.22 1.56
N LYS A 58 -4.06 16.30 0.61
CA LYS A 58 -5.39 15.76 0.29
C LYS A 58 -5.75 14.61 1.25
N GLY A 59 -4.73 13.97 1.82
CA GLY A 59 -4.94 12.86 2.75
C GLY A 59 -3.63 12.09 2.96
N PRO A 60 -3.53 11.22 3.97
CA PRO A 60 -2.28 10.45 4.23
C PRO A 60 -2.04 9.35 3.20
N CYS A 61 -0.77 9.01 3.01
CA CYS A 61 -0.36 7.98 2.05
C CYS A 61 0.42 6.89 2.78
N ALA A 62 0.82 5.84 2.05
CA ALA A 62 1.60 4.76 2.64
C ALA A 62 2.98 4.69 1.99
N ASN A 63 4.03 4.59 2.82
CA ASN A 63 5.40 4.52 2.33
C ASN A 63 6.03 3.17 2.65
N LYS A 64 7.05 2.80 1.87
CA LYS A 64 7.74 1.51 2.08
C LYS A 64 6.75 0.37 1.95
N VAL A 65 6.24 0.20 0.74
CA VAL A 65 5.26 -0.83 0.46
C VAL A 65 5.97 -2.16 0.17
N VAL A 66 5.69 -3.15 1.02
CA VAL A 66 6.29 -4.48 0.86
C VAL A 66 5.22 -5.57 0.98
N ALA A 67 5.50 -6.73 0.40
CA ALA A 67 4.56 -7.86 0.43
C ALA A 67 4.88 -8.79 1.59
N VAL A 68 3.81 -9.23 2.29
CA VAL A 68 3.97 -10.13 3.43
C VAL A 68 3.96 -11.58 2.94
N MET A 1 6.10 -0.54 12.23
CA MET A 1 5.41 -0.37 10.93
C MET A 1 4.07 -1.09 10.95
N SER A 2 3.00 -0.37 10.59
CA SER A 2 1.66 -0.95 10.57
C SER A 2 1.52 -1.95 9.43
N LYS A 3 0.50 -2.80 9.52
CA LYS A 3 0.23 -3.80 8.49
C LYS A 3 -1.26 -3.92 8.22
N GLY A 4 -1.63 -3.73 6.95
CA GLY A 4 -3.03 -3.80 6.54
C GLY A 4 -3.18 -4.71 5.34
N ILE A 5 -4.41 -4.76 4.80
CA ILE A 5 -4.69 -5.61 3.64
C ILE A 5 -5.11 -4.76 2.44
N VAL A 6 -4.46 -5.02 1.30
CA VAL A 6 -4.73 -4.26 0.09
C VAL A 6 -6.14 -4.58 -0.42
N LYS A 7 -6.95 -3.53 -0.56
CA LYS A 7 -8.31 -3.69 -1.06
C LYS A 7 -8.26 -4.15 -2.51
N TRP A 8 -7.39 -3.49 -3.29
CA TRP A 8 -7.22 -3.82 -4.70
C TRP A 8 -5.91 -3.23 -5.22
N PHE A 9 -5.05 -4.08 -5.79
CA PHE A 9 -3.77 -3.60 -6.33
C PHE A 9 -3.82 -3.61 -7.87
N ASN A 10 -3.58 -2.44 -8.48
CA ASN A 10 -3.59 -2.33 -9.94
C ASN A 10 -2.31 -1.69 -10.47
N SER A 11 -1.34 -2.54 -10.84
CA SER A 11 -0.08 -2.08 -11.37
C SER A 11 -0.26 -1.34 -12.69
N ASP A 12 -1.26 -1.77 -13.49
CA ASP A 12 -1.53 -1.13 -14.77
C ASP A 12 -1.84 0.35 -14.54
N LYS A 13 -2.64 0.61 -13.52
CA LYS A 13 -2.97 1.99 -13.14
C LYS A 13 -1.77 2.66 -12.47
N GLY A 14 -0.91 1.83 -11.84
CA GLY A 14 0.28 2.31 -11.16
C GLY A 14 0.03 2.59 -9.67
N PHE A 15 -1.14 2.21 -9.16
CA PHE A 15 -1.48 2.43 -7.75
C PHE A 15 -2.55 1.46 -7.27
N GLY A 16 -2.79 1.48 -5.97
CA GLY A 16 -3.79 0.60 -5.35
C GLY A 16 -4.36 1.23 -4.08
N PHE A 17 -5.46 0.68 -3.61
CA PHE A 17 -6.11 1.15 -2.39
C PHE A 17 -5.96 0.11 -1.30
N ILE A 18 -5.57 0.53 -0.09
CA ILE A 18 -5.38 -0.42 1.01
C ILE A 18 -6.38 -0.19 2.14
N THR A 19 -6.85 -1.30 2.71
CA THR A 19 -7.82 -1.27 3.80
C THR A 19 -7.11 -1.44 5.15
N PRO A 20 -6.97 -0.38 5.97
CA PRO A 20 -6.32 -0.48 7.31
C PRO A 20 -6.96 -1.55 8.20
N GLU A 21 -6.12 -2.38 8.82
CA GLU A 21 -6.60 -3.45 9.70
C GLU A 21 -7.32 -2.87 10.93
N ASP A 22 -7.02 -1.60 11.27
CA ASP A 22 -7.62 -0.94 12.42
C ASP A 22 -8.97 -0.29 12.08
N GLY A 23 -9.37 -0.37 10.80
CA GLY A 23 -10.65 0.22 10.37
C GLY A 23 -10.50 1.67 9.90
N SER A 24 -9.25 2.16 9.82
CA SER A 24 -8.98 3.53 9.36
C SER A 24 -9.35 3.65 7.88
N LYS A 25 -9.45 4.89 7.42
CA LYS A 25 -9.82 5.17 6.03
C LYS A 25 -8.74 4.65 5.07
N ASP A 26 -9.19 4.22 3.88
CA ASP A 26 -8.29 3.69 2.86
C ASP A 26 -7.16 4.66 2.57
N LEU A 27 -5.94 4.11 2.40
CA LEU A 27 -4.76 4.92 2.12
C LEU A 27 -4.26 4.66 0.69
N PHE A 28 -3.66 5.69 0.10
CA PHE A 28 -3.14 5.59 -1.26
C PHE A 28 -1.73 4.98 -1.27
N VAL A 29 -1.54 3.97 -2.12
CA VAL A 29 -0.25 3.29 -2.22
C VAL A 29 0.13 3.14 -3.71
N HIS A 30 1.39 3.43 -4.03
CA HIS A 30 1.88 3.33 -5.42
C HIS A 30 2.79 2.11 -5.59
N HIS A 31 2.82 1.58 -6.81
CA HIS A 31 3.65 0.41 -7.12
C HIS A 31 5.13 0.74 -6.87
N SER A 32 5.56 1.88 -7.40
CA SER A 32 6.95 2.33 -7.25
C SER A 32 7.27 2.77 -5.82
N GLU A 33 6.26 2.73 -4.93
CA GLU A 33 6.44 3.14 -3.54
C GLU A 33 7.33 2.16 -2.77
N ILE A 34 7.34 0.90 -3.18
CA ILE A 34 8.16 -0.13 -2.52
C ILE A 34 9.65 0.23 -2.65
N GLN A 35 10.33 0.26 -1.50
CA GLN A 35 11.75 0.60 -1.46
C GLN A 35 12.59 -0.42 -2.21
N SER A 36 12.25 -1.71 -2.06
CA SER A 36 12.98 -2.78 -2.71
C SER A 36 12.93 -2.65 -4.23
N GLY A 37 11.73 -2.34 -4.74
CA GLY A 37 11.54 -2.18 -6.19
C GLY A 37 11.83 -3.47 -6.95
N GLY A 38 11.58 -4.62 -6.30
CA GLY A 38 11.83 -5.91 -6.92
C GLY A 38 10.82 -6.20 -8.03
N GLU A 39 11.34 -6.59 -9.20
CA GLU A 39 10.50 -6.91 -10.36
C GLU A 39 9.64 -8.15 -10.07
N TYR A 40 10.25 -9.13 -9.40
CA TYR A 40 9.56 -10.38 -9.08
C TYR A 40 8.37 -10.13 -8.15
N ALA A 41 8.55 -9.20 -7.20
CA ALA A 41 7.50 -8.89 -6.24
C ALA A 41 6.25 -8.38 -6.96
N THR A 42 5.12 -9.00 -6.64
CA THR A 42 3.84 -8.63 -7.24
C THR A 42 2.77 -8.44 -6.16
N LEU A 43 1.69 -7.74 -6.53
CA LEU A 43 0.58 -7.50 -5.61
C LEU A 43 -0.75 -7.56 -6.35
N ALA A 44 -1.81 -7.91 -5.63
CA ALA A 44 -3.15 -8.04 -6.22
C ALA A 44 -4.22 -7.59 -5.20
N ASP A 45 -5.45 -8.11 -5.33
CA ASP A 45 -6.52 -7.74 -4.41
C ASP A 45 -6.48 -8.61 -3.16
N GLY A 46 -6.22 -7.98 -2.01
CA GLY A 46 -6.16 -8.68 -0.73
C GLY A 46 -4.71 -8.98 -0.29
N GLN A 47 -3.72 -8.51 -1.06
CA GLN A 47 -2.32 -8.73 -0.73
C GLN A 47 -1.97 -8.10 0.61
N THR A 48 -1.27 -8.88 1.46
CA THR A 48 -0.86 -8.39 2.78
C THR A 48 0.40 -7.54 2.62
N VAL A 49 0.35 -6.32 3.13
CA VAL A 49 1.49 -5.40 3.03
C VAL A 49 1.66 -4.57 4.30
N GLU A 50 2.83 -3.94 4.44
CA GLU A 50 3.11 -3.07 5.59
C GLU A 50 3.37 -1.66 5.08
N TYR A 51 2.96 -0.66 5.85
CA TYR A 51 3.12 0.74 5.44
C TYR A 51 3.15 1.70 6.62
N GLU A 52 3.59 2.93 6.34
CA GLU A 52 3.64 3.98 7.35
C GLU A 52 2.69 5.10 6.96
N VAL A 53 1.83 5.51 7.90
CA VAL A 53 0.85 6.57 7.65
C VAL A 53 1.50 7.95 7.79
N GLY A 54 1.55 8.68 6.67
CA GLY A 54 2.14 10.02 6.66
C GLY A 54 1.11 11.06 6.25
N GLN A 55 0.71 11.90 7.21
CA GLN A 55 -0.28 12.95 6.95
C GLN A 55 0.27 13.99 5.98
N GLY A 56 -0.62 14.53 5.16
CA GLY A 56 -0.24 15.54 4.17
C GLY A 56 -1.47 16.35 3.75
N GLN A 57 -1.25 17.26 2.79
CA GLN A 57 -2.32 18.11 2.29
C GLN A 57 -3.41 17.27 1.62
N LYS A 58 -2.99 16.24 0.89
CA LYS A 58 -3.93 15.35 0.20
C LYS A 58 -4.42 14.24 1.13
N GLY A 59 -4.31 14.45 2.45
CA GLY A 59 -4.75 13.46 3.43
C GLY A 59 -3.64 12.42 3.67
N PRO A 60 -3.79 11.53 4.67
CA PRO A 60 -2.77 10.48 4.96
C PRO A 60 -2.51 9.56 3.78
N CYS A 61 -1.28 9.06 3.70
CA CYS A 61 -0.86 8.16 2.64
C CYS A 61 -0.05 7.03 3.24
N ALA A 62 0.25 6.01 2.43
CA ALA A 62 1.04 4.86 2.90
C ALA A 62 2.30 4.72 2.07
N ASN A 63 3.45 4.73 2.74
CA ASN A 63 4.74 4.59 2.05
C ASN A 63 5.51 3.39 2.58
N LYS A 64 6.66 3.12 1.97
CA LYS A 64 7.50 1.99 2.37
C LYS A 64 6.67 0.69 2.30
N VAL A 65 5.92 0.54 1.21
CA VAL A 65 5.07 -0.64 1.01
C VAL A 65 5.93 -1.88 0.75
N VAL A 66 5.84 -2.84 1.68
CA VAL A 66 6.59 -4.10 1.55
C VAL A 66 5.65 -5.30 1.67
N ALA A 67 5.69 -6.19 0.68
CA ALA A 67 4.84 -7.37 0.67
C ALA A 67 5.28 -8.37 1.72
N VAL A 68 4.29 -8.96 2.42
CA VAL A 68 4.57 -9.96 3.47
C VAL A 68 5.40 -9.32 4.58
N MET A 1 5.74 -0.73 13.15
CA MET A 1 5.23 -0.54 11.75
C MET A 1 3.76 -0.90 11.67
N SER A 2 3.18 -0.78 10.48
CA SER A 2 1.77 -1.10 10.27
C SER A 2 1.62 -2.12 9.15
N LYS A 3 0.58 -2.95 9.25
CA LYS A 3 0.32 -3.98 8.24
C LYS A 3 -1.20 -4.10 8.01
N GLY A 4 -1.61 -3.91 6.76
CA GLY A 4 -3.03 -3.99 6.40
C GLY A 4 -3.22 -4.85 5.16
N ILE A 5 -4.48 -4.98 4.72
CA ILE A 5 -4.79 -5.79 3.54
C ILE A 5 -5.27 -4.89 2.40
N VAL A 6 -4.60 -5.02 1.25
CA VAL A 6 -4.92 -4.18 0.09
C VAL A 6 -6.30 -4.51 -0.45
N LYS A 7 -7.14 -3.47 -0.56
CA LYS A 7 -8.49 -3.63 -1.09
C LYS A 7 -8.36 -4.03 -2.56
N TRP A 8 -7.50 -3.29 -3.28
CA TRP A 8 -7.24 -3.58 -4.69
C TRP A 8 -5.99 -2.83 -5.16
N PHE A 9 -5.14 -3.55 -5.91
CA PHE A 9 -3.90 -2.97 -6.42
C PHE A 9 -3.88 -3.03 -7.95
N ASN A 10 -3.60 -1.89 -8.59
CA ASN A 10 -3.53 -1.84 -10.06
C ASN A 10 -2.28 -1.10 -10.52
N SER A 11 -1.27 -1.87 -10.92
CA SER A 11 0.00 -1.31 -11.39
C SER A 11 -0.20 -0.51 -12.67
N ASP A 12 -1.14 -0.96 -13.51
CA ASP A 12 -1.41 -0.27 -14.78
C ASP A 12 -1.83 1.17 -14.47
N LYS A 13 -2.66 1.32 -13.46
CA LYS A 13 -3.09 2.64 -13.00
C LYS A 13 -1.94 3.33 -12.26
N GLY A 14 -1.12 2.49 -11.59
CA GLY A 14 0.03 2.98 -10.82
C GLY A 14 -0.31 3.24 -9.35
N PHE A 15 -1.52 2.83 -8.92
CA PHE A 15 -1.92 3.04 -7.53
C PHE A 15 -3.02 2.06 -7.11
N GLY A 16 -3.32 2.08 -5.81
CA GLY A 16 -4.33 1.21 -5.23
C GLY A 16 -4.75 1.72 -3.87
N PHE A 17 -5.75 1.07 -3.29
CA PHE A 17 -6.26 1.45 -1.97
C PHE A 17 -6.12 0.28 -1.02
N ILE A 18 -5.74 0.58 0.24
CA ILE A 18 -5.55 -0.46 1.23
C ILE A 18 -6.52 -0.31 2.40
N THR A 19 -6.96 -1.45 2.92
CA THR A 19 -7.89 -1.48 4.03
C THR A 19 -7.16 -1.72 5.37
N PRO A 20 -7.03 -0.70 6.22
CA PRO A 20 -6.34 -0.86 7.55
C PRO A 20 -6.95 -2.01 8.36
N GLU A 21 -6.10 -2.87 8.91
CA GLU A 21 -6.56 -4.02 9.69
C GLU A 21 -7.34 -3.54 10.93
N ASP A 22 -6.96 -2.38 11.47
CA ASP A 22 -7.63 -1.81 12.63
C ASP A 22 -9.06 -1.35 12.30
N GLY A 23 -9.33 -1.13 11.01
CA GLY A 23 -10.64 -0.66 10.57
C GLY A 23 -10.64 0.83 10.20
N SER A 24 -9.44 1.42 10.15
CA SER A 24 -9.28 2.83 9.81
C SER A 24 -9.60 3.07 8.34
N LYS A 25 -9.74 4.34 7.98
CA LYS A 25 -10.05 4.74 6.61
C LYS A 25 -8.95 4.31 5.65
N ASP A 26 -9.35 3.88 4.45
CA ASP A 26 -8.39 3.41 3.44
C ASP A 26 -7.32 4.46 3.17
N LEU A 27 -6.09 3.99 2.92
CA LEU A 27 -4.96 4.87 2.65
C LEU A 27 -4.47 4.68 1.22
N PHE A 28 -3.90 5.75 0.64
CA PHE A 28 -3.39 5.71 -0.72
C PHE A 28 -2.02 5.03 -0.75
N VAL A 29 -1.88 4.05 -1.65
CA VAL A 29 -0.63 3.30 -1.79
C VAL A 29 -0.22 3.29 -3.26
N HIS A 30 1.05 3.64 -3.54
CA HIS A 30 1.54 3.67 -4.92
C HIS A 30 2.61 2.60 -5.15
N HIS A 31 2.69 2.11 -6.38
CA HIS A 31 3.66 1.08 -6.75
C HIS A 31 5.09 1.61 -6.66
N SER A 32 5.28 2.84 -7.14
CA SER A 32 6.61 3.48 -7.18
C SER A 32 7.20 3.72 -5.79
N GLU A 33 6.38 3.70 -4.74
CA GLU A 33 6.86 3.96 -3.38
C GLU A 33 7.77 2.83 -2.85
N ILE A 34 7.60 1.61 -3.37
CA ILE A 34 8.42 0.49 -2.92
C ILE A 34 9.85 0.63 -3.45
N GLN A 35 10.80 0.75 -2.54
CA GLN A 35 12.22 0.89 -2.90
C GLN A 35 12.70 -0.36 -3.64
N SER A 36 12.28 -1.52 -3.14
CA SER A 36 12.65 -2.80 -3.74
C SER A 36 11.94 -3.95 -3.02
N GLY A 37 12.32 -4.17 -1.75
CA GLY A 37 11.71 -5.23 -0.95
C GLY A 37 12.46 -6.57 -1.10
N GLY A 38 13.36 -6.66 -2.08
CA GLY A 38 14.12 -7.88 -2.32
C GLY A 38 13.32 -8.93 -3.11
N GLU A 39 12.07 -8.59 -3.47
CA GLU A 39 11.21 -9.51 -4.21
C GLU A 39 10.47 -8.78 -5.33
N TYR A 40 10.14 -9.51 -6.40
CA TYR A 40 9.43 -8.94 -7.53
C TYR A 40 7.94 -9.32 -7.51
N ALA A 41 7.45 -9.87 -6.38
CA ALA A 41 6.06 -10.28 -6.27
C ALA A 41 5.13 -9.12 -6.57
N THR A 42 4.13 -9.41 -7.40
CA THR A 42 3.14 -8.40 -7.79
C THR A 42 2.09 -8.22 -6.69
N LEU A 43 1.23 -7.22 -6.86
CA LEU A 43 0.16 -6.95 -5.91
C LEU A 43 -1.19 -6.96 -6.62
N ALA A 44 -2.22 -7.41 -5.91
CA ALA A 44 -3.57 -7.49 -6.48
C ALA A 44 -4.62 -7.19 -5.40
N ASP A 45 -5.80 -7.82 -5.47
CA ASP A 45 -6.86 -7.58 -4.48
C ASP A 45 -6.69 -8.51 -3.28
N GLY A 46 -6.37 -7.92 -2.12
CA GLY A 46 -6.20 -8.69 -0.88
C GLY A 46 -4.73 -8.91 -0.52
N GLN A 47 -3.81 -8.33 -1.31
CA GLN A 47 -2.37 -8.48 -1.04
C GLN A 47 -2.02 -7.84 0.30
N THR A 48 -1.31 -8.61 1.15
CA THR A 48 -0.89 -8.12 2.45
C THR A 48 0.42 -7.35 2.33
N VAL A 49 0.45 -6.15 2.91
CA VAL A 49 1.64 -5.31 2.86
C VAL A 49 1.85 -4.54 4.16
N GLU A 50 3.00 -3.88 4.27
CA GLU A 50 3.34 -3.07 5.43
C GLU A 50 3.82 -1.70 4.96
N TYR A 51 3.45 -0.66 5.70
CA TYR A 51 3.83 0.71 5.32
C TYR A 51 3.74 1.68 6.50
N GLU A 52 4.26 2.89 6.28
CA GLU A 52 4.22 3.95 7.29
C GLU A 52 3.24 5.03 6.83
N VAL A 53 2.26 5.34 7.67
CA VAL A 53 1.26 6.36 7.34
C VAL A 53 1.89 7.76 7.34
N GLY A 54 1.92 8.38 6.17
CA GLY A 54 2.48 9.72 6.01
C GLY A 54 1.35 10.72 5.84
N GLN A 55 1.70 12.00 5.69
CA GLN A 55 0.69 13.04 5.52
C GLN A 55 0.76 13.62 4.11
N GLY A 56 -0.41 13.70 3.47
CA GLY A 56 -0.50 14.25 2.12
C GLY A 56 -1.58 15.33 2.06
N GLN A 57 -1.51 16.17 1.03
CA GLN A 57 -2.47 17.25 0.86
C GLN A 57 -3.88 16.70 0.68
N LYS A 58 -3.99 15.63 -0.11
CA LYS A 58 -5.29 14.99 -0.36
C LYS A 58 -5.67 14.03 0.77
N GLY A 59 -4.67 13.57 1.53
CA GLY A 59 -4.90 12.64 2.64
C GLY A 59 -3.61 11.87 2.98
N PRO A 60 -3.68 10.86 3.85
CA PRO A 60 -2.47 10.05 4.24
C PRO A 60 -2.00 9.14 3.11
N CYS A 61 -0.75 8.70 3.19
CA CYS A 61 -0.17 7.83 2.18
C CYS A 61 0.68 6.74 2.83
N ALA A 62 1.12 5.77 2.02
CA ALA A 62 1.96 4.67 2.51
C ALA A 62 3.38 4.83 2.00
N ASN A 63 4.35 4.70 2.92
CA ASN A 63 5.77 4.82 2.56
C ASN A 63 6.50 3.51 2.87
N LYS A 64 7.54 3.20 2.09
CA LYS A 64 8.31 1.98 2.29
C LYS A 64 7.39 0.75 2.26
N VAL A 65 6.60 0.65 1.19
CA VAL A 65 5.67 -0.46 1.04
C VAL A 65 6.45 -1.75 0.76
N VAL A 66 6.25 -2.74 1.64
CA VAL A 66 6.93 -4.03 1.49
C VAL A 66 5.90 -5.16 1.52
N ALA A 67 5.96 -6.01 0.49
CA ALA A 67 5.03 -7.14 0.38
C ALA A 67 5.36 -8.21 1.43
N VAL A 68 4.31 -8.79 2.01
CA VAL A 68 4.47 -9.83 3.03
C VAL A 68 3.11 -10.40 3.43
N MET A 1 5.88 -2.63 13.21
CA MET A 1 5.55 -1.92 11.95
C MET A 1 4.08 -2.18 11.59
N SER A 2 3.36 -1.10 11.26
CA SER A 2 1.96 -1.20 10.90
C SER A 2 1.79 -1.94 9.58
N LYS A 3 0.68 -2.66 9.45
CA LYS A 3 0.40 -3.43 8.23
C LYS A 3 -1.10 -3.67 8.08
N GLY A 4 -1.57 -3.63 6.84
CA GLY A 4 -2.99 -3.83 6.56
C GLY A 4 -3.19 -4.73 5.36
N ILE A 5 -4.43 -4.75 4.84
CA ILE A 5 -4.75 -5.57 3.68
C ILE A 5 -5.16 -4.68 2.51
N VAL A 6 -4.53 -4.92 1.36
CA VAL A 6 -4.79 -4.13 0.17
C VAL A 6 -6.19 -4.41 -0.37
N LYS A 7 -6.97 -3.34 -0.52
CA LYS A 7 -8.33 -3.47 -1.06
C LYS A 7 -8.21 -3.93 -2.52
N TRP A 8 -7.30 -3.27 -3.25
CA TRP A 8 -7.03 -3.62 -4.64
C TRP A 8 -5.78 -2.90 -5.14
N PHE A 9 -4.95 -3.63 -5.89
CA PHE A 9 -3.72 -3.06 -6.45
C PHE A 9 -3.74 -3.16 -7.97
N ASN A 10 -3.46 -2.02 -8.64
CA ASN A 10 -3.43 -1.99 -10.10
C ASN A 10 -2.15 -1.32 -10.60
N SER A 11 -1.18 -2.15 -11.00
CA SER A 11 0.09 -1.64 -11.51
C SER A 11 -0.09 -0.87 -12.82
N ASP A 12 -1.11 -1.25 -13.60
CA ASP A 12 -1.39 -0.57 -14.87
C ASP A 12 -1.66 0.91 -14.60
N LYS A 13 -2.46 1.15 -13.56
CA LYS A 13 -2.76 2.52 -13.13
C LYS A 13 -1.53 3.13 -12.43
N GLY A 14 -0.72 2.25 -11.83
CA GLY A 14 0.50 2.68 -11.11
C GLY A 14 0.22 2.92 -9.62
N PHE A 15 -0.97 2.57 -9.15
CA PHE A 15 -1.32 2.78 -7.73
C PHE A 15 -2.46 1.86 -7.29
N GLY A 16 -2.74 1.89 -5.99
CA GLY A 16 -3.79 1.08 -5.41
C GLY A 16 -4.23 1.66 -4.07
N PHE A 17 -5.29 1.07 -3.51
CA PHE A 17 -5.82 1.51 -2.22
C PHE A 17 -5.74 0.38 -1.22
N ILE A 18 -5.37 0.72 0.02
CA ILE A 18 -5.24 -0.30 1.07
C ILE A 18 -6.24 -0.05 2.20
N THR A 19 -6.70 -1.15 2.79
CA THR A 19 -7.65 -1.09 3.88
C THR A 19 -6.91 -1.30 5.22
N PRO A 20 -6.70 -0.25 6.03
CA PRO A 20 -6.01 -0.38 7.34
C PRO A 20 -6.61 -1.47 8.22
N GLU A 21 -5.73 -2.27 8.81
CA GLU A 21 -6.14 -3.35 9.70
C GLU A 21 -6.94 -2.82 10.88
N ASP A 22 -6.49 -1.70 11.43
CA ASP A 22 -7.17 -1.09 12.59
C ASP A 22 -8.57 -0.59 12.22
N GLY A 23 -8.86 -0.49 10.92
CA GLY A 23 -10.16 0.00 10.45
C GLY A 23 -10.09 1.47 10.06
N SER A 24 -8.88 2.01 9.97
CA SER A 24 -8.68 3.41 9.60
C SER A 24 -9.02 3.63 8.13
N LYS A 25 -9.15 4.90 7.75
CA LYS A 25 -9.49 5.27 6.37
C LYS A 25 -8.44 4.75 5.39
N ASP A 26 -8.89 4.32 4.20
CA ASP A 26 -8.00 3.79 3.18
C ASP A 26 -6.84 4.75 2.90
N LEU A 27 -5.66 4.17 2.67
CA LEU A 27 -4.45 4.96 2.40
C LEU A 27 -4.00 4.80 0.94
N PHE A 28 -3.46 5.89 0.38
CA PHE A 28 -2.97 5.87 -0.99
C PHE A 28 -1.60 5.20 -1.05
N VAL A 29 -1.47 4.21 -1.92
CA VAL A 29 -0.20 3.48 -2.07
C VAL A 29 0.15 3.36 -3.56
N HIS A 30 1.41 3.65 -3.89
CA HIS A 30 1.87 3.60 -5.28
C HIS A 30 2.82 2.42 -5.50
N HIS A 31 2.84 1.93 -6.75
CA HIS A 31 3.71 0.80 -7.11
C HIS A 31 5.18 1.18 -6.90
N SER A 32 5.54 2.37 -7.37
CA SER A 32 6.92 2.86 -7.27
C SER A 32 7.30 3.24 -5.83
N GLU A 33 6.33 3.22 -4.91
CA GLU A 33 6.58 3.60 -3.51
C GLU A 33 7.47 2.59 -2.80
N ILE A 34 7.44 1.32 -3.24
CA ILE A 34 8.27 0.27 -2.62
C ILE A 34 9.73 0.43 -3.04
N GLN A 35 10.60 0.70 -2.06
CA GLN A 35 12.03 0.86 -2.33
C GLN A 35 12.62 -0.46 -2.87
N SER A 36 12.18 -1.58 -2.27
CA SER A 36 12.64 -2.89 -2.68
C SER A 36 11.64 -3.96 -2.28
N GLY A 37 11.73 -5.14 -2.91
CA GLY A 37 10.82 -6.24 -2.61
C GLY A 37 11.15 -7.46 -3.46
N GLY A 38 12.37 -7.99 -3.28
CA GLY A 38 12.82 -9.16 -4.02
C GLY A 38 12.78 -8.89 -5.52
N GLU A 39 12.21 -9.84 -6.27
CA GLU A 39 12.11 -9.71 -7.72
C GLU A 39 10.72 -10.12 -8.21
N TYR A 40 10.27 -9.47 -9.28
CA TYR A 40 8.95 -9.78 -9.87
C TYR A 40 7.83 -9.65 -8.83
N ALA A 41 8.00 -8.71 -7.90
CA ALA A 41 6.99 -8.49 -6.85
C ALA A 41 5.68 -8.05 -7.48
N THR A 42 4.59 -8.71 -7.09
CA THR A 42 3.26 -8.39 -7.62
C THR A 42 2.26 -8.22 -6.48
N LEU A 43 1.16 -7.53 -6.79
CA LEU A 43 0.09 -7.29 -5.82
C LEU A 43 -1.27 -7.33 -6.52
N ALA A 44 -2.31 -7.70 -5.76
CA ALA A 44 -3.66 -7.79 -6.30
C ALA A 44 -4.68 -7.37 -5.23
N ASP A 45 -5.90 -7.94 -5.27
CA ASP A 45 -6.93 -7.60 -4.29
C ASP A 45 -6.81 -8.49 -3.05
N GLY A 46 -6.46 -7.87 -1.92
CA GLY A 46 -6.32 -8.60 -0.66
C GLY A 46 -4.85 -8.86 -0.29
N GLN A 47 -3.91 -8.34 -1.09
CA GLN A 47 -2.48 -8.53 -0.82
C GLN A 47 -2.12 -7.93 0.54
N THR A 48 -1.42 -8.71 1.36
CA THR A 48 -1.01 -8.24 2.69
C THR A 48 0.32 -7.50 2.58
N VAL A 49 0.34 -6.26 3.11
CA VAL A 49 1.56 -5.45 3.05
C VAL A 49 1.78 -4.67 4.35
N GLU A 50 2.99 -4.13 4.49
CA GLU A 50 3.36 -3.33 5.66
C GLU A 50 3.52 -1.89 5.18
N TYR A 51 3.07 -0.91 5.98
CA TYR A 51 3.19 0.49 5.57
C TYR A 51 3.28 1.44 6.76
N GLU A 52 3.71 2.67 6.47
CA GLU A 52 3.82 3.72 7.47
C GLU A 52 2.93 4.89 7.06
N VAL A 53 2.11 5.35 8.00
CA VAL A 53 1.19 6.47 7.75
C VAL A 53 1.97 7.74 7.39
N GLY A 54 1.35 8.60 6.59
CA GLY A 54 1.94 9.86 6.17
C GLY A 54 0.89 10.96 6.10
N GLN A 55 1.33 12.22 6.06
CA GLN A 55 0.40 13.35 6.00
C GLN A 55 0.30 13.89 4.57
N GLY A 56 -0.95 14.06 4.11
CA GLY A 56 -1.20 14.57 2.75
C GLY A 56 -2.45 15.44 2.72
N GLN A 57 -2.49 16.36 1.75
CA GLN A 57 -3.63 17.26 1.59
C GLN A 57 -4.90 16.50 1.23
N LYS A 58 -4.74 15.47 0.38
CA LYS A 58 -5.87 14.64 -0.05
C LYS A 58 -6.09 13.46 0.90
N GLY A 59 -5.58 13.59 2.14
CA GLY A 59 -5.71 12.54 3.14
C GLY A 59 -4.35 11.88 3.41
N PRO A 60 -4.22 11.02 4.42
CA PRO A 60 -2.92 10.37 4.73
C PRO A 60 -2.51 9.35 3.65
N CYS A 61 -1.19 9.20 3.51
CA CYS A 61 -0.62 8.28 2.52
C CYS A 61 0.14 7.18 3.24
N ALA A 62 0.49 6.11 2.51
CA ALA A 62 1.24 5.00 3.10
C ALA A 62 2.49 4.74 2.25
N ASN A 63 3.62 4.47 2.93
CA ASN A 63 4.87 4.21 2.23
C ASN A 63 5.59 3.01 2.82
N LYS A 64 6.77 2.68 2.28
CA LYS A 64 7.54 1.53 2.76
C LYS A 64 6.70 0.26 2.62
N VAL A 65 6.18 0.06 1.41
CA VAL A 65 5.34 -1.10 1.12
C VAL A 65 6.18 -2.38 1.06
N VAL A 66 5.90 -3.30 1.97
CA VAL A 66 6.61 -4.58 2.03
C VAL A 66 5.60 -5.72 1.91
N ALA A 67 5.79 -6.56 0.89
CA ALA A 67 4.89 -7.69 0.66
C ALA A 67 5.11 -8.79 1.70
N VAL A 68 4.00 -9.31 2.22
CA VAL A 68 4.07 -10.37 3.24
C VAL A 68 2.82 -11.27 3.16
N MET A 1 4.41 -4.67 12.19
CA MET A 1 4.44 -3.23 12.54
C MET A 1 3.85 -2.41 11.40
N SER A 2 2.66 -1.83 11.64
CA SER A 2 1.99 -1.02 10.63
C SER A 2 1.82 -1.81 9.33
N LYS A 3 0.69 -2.51 9.21
CA LYS A 3 0.40 -3.32 8.03
C LYS A 3 -1.09 -3.62 7.93
N GLY A 4 -1.60 -3.72 6.70
CA GLY A 4 -3.01 -4.00 6.47
C GLY A 4 -3.21 -4.89 5.25
N ILE A 5 -4.45 -4.95 4.77
CA ILE A 5 -4.78 -5.76 3.59
C ILE A 5 -5.23 -4.86 2.46
N VAL A 6 -4.63 -5.05 1.29
CA VAL A 6 -4.95 -4.22 0.13
C VAL A 6 -6.36 -4.53 -0.39
N LYS A 7 -7.17 -3.48 -0.45
CA LYS A 7 -8.54 -3.60 -0.94
C LYS A 7 -8.48 -3.96 -2.43
N TRP A 8 -7.62 -3.26 -3.16
CA TRP A 8 -7.45 -3.50 -4.59
C TRP A 8 -6.15 -2.84 -5.07
N PHE A 9 -5.32 -3.61 -5.78
CA PHE A 9 -4.06 -3.05 -6.30
C PHE A 9 -4.08 -3.02 -7.83
N ASN A 10 -3.86 -1.83 -8.40
CA ASN A 10 -3.85 -1.67 -9.87
C ASN A 10 -2.51 -1.11 -10.35
N SER A 11 -1.60 -2.02 -10.72
CA SER A 11 -0.28 -1.65 -11.21
C SER A 11 -0.37 -0.82 -12.48
N ASP A 12 -1.32 -1.21 -13.36
CA ASP A 12 -1.49 -0.51 -14.64
C ASP A 12 -1.78 0.96 -14.38
N LYS A 13 -2.65 1.22 -13.39
CA LYS A 13 -2.98 2.59 -12.99
C LYS A 13 -1.80 3.21 -12.24
N GLY A 14 -1.02 2.36 -11.57
CA GLY A 14 0.15 2.79 -10.81
C GLY A 14 -0.17 3.07 -9.34
N PHE A 15 -1.39 2.73 -8.90
CA PHE A 15 -1.79 2.96 -7.51
C PHE A 15 -2.92 2.01 -7.10
N GLY A 16 -3.22 2.02 -5.80
CA GLY A 16 -4.27 1.17 -5.24
C GLY A 16 -4.72 1.69 -3.88
N PHE A 17 -5.75 1.05 -3.33
CA PHE A 17 -6.28 1.44 -2.02
C PHE A 17 -6.11 0.29 -1.04
N ILE A 18 -5.68 0.60 0.18
CA ILE A 18 -5.49 -0.43 1.20
C ILE A 18 -6.46 -0.25 2.37
N THR A 19 -6.85 -1.38 2.95
CA THR A 19 -7.79 -1.38 4.06
C THR A 19 -7.05 -1.63 5.39
N PRO A 20 -6.87 -0.61 6.24
CA PRO A 20 -6.18 -0.80 7.56
C PRO A 20 -6.82 -1.92 8.38
N GLU A 21 -5.99 -2.81 8.91
CA GLU A 21 -6.47 -3.93 9.72
C GLU A 21 -7.18 -3.43 10.99
N ASP A 22 -6.74 -2.27 11.48
CA ASP A 22 -7.33 -1.67 12.68
C ASP A 22 -8.74 -1.14 12.41
N GLY A 23 -9.07 -0.93 11.13
CA GLY A 23 -10.38 -0.40 10.75
C GLY A 23 -10.31 1.08 10.36
N SER A 24 -9.09 1.62 10.25
CA SER A 24 -8.88 3.02 9.88
C SER A 24 -9.22 3.25 8.42
N LYS A 25 -9.38 4.52 8.05
CA LYS A 25 -9.73 4.91 6.68
C LYS A 25 -8.67 4.43 5.70
N ASP A 26 -9.11 4.00 4.52
CA ASP A 26 -8.20 3.50 3.48
C ASP A 26 -7.13 4.52 3.17
N LEU A 27 -5.92 4.01 2.90
CA LEU A 27 -4.76 4.88 2.59
C LEU A 27 -4.31 4.67 1.15
N PHE A 28 -3.78 5.73 0.54
CA PHE A 28 -3.29 5.66 -0.83
C PHE A 28 -1.91 4.99 -0.87
N VAL A 29 -1.75 4.02 -1.78
CA VAL A 29 -0.49 3.29 -1.91
C VAL A 29 -0.07 3.24 -3.39
N HIS A 30 1.21 3.54 -3.66
CA HIS A 30 1.72 3.53 -5.03
C HIS A 30 2.67 2.34 -5.24
N HIS A 31 2.62 1.79 -6.46
CA HIS A 31 3.47 0.64 -6.81
C HIS A 31 4.95 1.03 -6.75
N SER A 32 5.29 2.17 -7.33
CA SER A 32 6.69 2.63 -7.37
C SER A 32 7.23 2.99 -5.98
N GLU A 33 6.34 3.14 -5.01
CA GLU A 33 6.75 3.51 -3.64
C GLU A 33 7.48 2.36 -2.93
N ILE A 34 7.23 1.11 -3.34
CA ILE A 34 7.88 -0.05 -2.70
C ILE A 34 9.40 0.14 -2.64
N GLN A 35 10.00 -0.26 -1.51
CA GLN A 35 11.45 -0.14 -1.32
C GLN A 35 12.10 -1.48 -1.00
N SER A 36 11.38 -2.58 -1.30
CA SER A 36 11.91 -3.92 -1.04
C SER A 36 13.18 -4.19 -1.85
N GLY A 37 13.21 -3.67 -3.08
CA GLY A 37 14.36 -3.86 -3.96
C GLY A 37 14.40 -5.28 -4.51
N GLY A 38 15.55 -5.65 -5.09
CA GLY A 38 15.72 -6.99 -5.66
C GLY A 38 14.68 -7.26 -6.73
N GLU A 39 14.01 -8.41 -6.61
CA GLU A 39 12.97 -8.80 -7.56
C GLU A 39 11.76 -7.89 -7.44
N TYR A 40 11.02 -7.73 -8.54
CA TYR A 40 9.84 -6.87 -8.56
C TYR A 40 8.73 -7.47 -7.69
N ALA A 41 8.00 -6.59 -7.02
CA ALA A 41 6.91 -7.02 -6.15
C ALA A 41 5.58 -6.95 -6.89
N THR A 42 4.74 -7.97 -6.66
CA THR A 42 3.42 -8.04 -7.30
C THR A 42 2.32 -7.84 -6.26
N LEU A 43 1.26 -7.14 -6.65
CA LEU A 43 0.13 -6.88 -5.75
C LEU A 43 -1.20 -6.99 -6.50
N ALA A 44 -2.24 -7.41 -5.78
CA ALA A 44 -3.57 -7.57 -6.38
C ALA A 44 -4.65 -7.22 -5.33
N ASP A 45 -5.84 -7.83 -5.45
CA ASP A 45 -6.94 -7.55 -4.51
C ASP A 45 -6.82 -8.48 -3.29
N GLY A 46 -6.50 -7.90 -2.13
CA GLY A 46 -6.37 -8.67 -0.89
C GLY A 46 -4.91 -8.92 -0.49
N GLN A 47 -3.96 -8.40 -1.27
CA GLN A 47 -2.54 -8.59 -0.98
C GLN A 47 -2.20 -7.95 0.37
N THR A 48 -1.52 -8.73 1.22
CA THR A 48 -1.12 -8.25 2.54
C THR A 48 0.25 -7.56 2.43
N VAL A 49 0.32 -6.32 2.94
CA VAL A 49 1.57 -5.56 2.87
C VAL A 49 1.80 -4.76 4.15
N GLU A 50 3.04 -4.28 4.31
CA GLU A 50 3.41 -3.46 5.46
C GLU A 50 3.68 -2.04 4.96
N TYR A 51 3.23 -1.04 5.72
CA TYR A 51 3.41 0.36 5.31
C TYR A 51 3.41 1.31 6.52
N GLU A 52 3.88 2.53 6.27
CA GLU A 52 3.91 3.57 7.29
C GLU A 52 3.09 4.77 6.83
N VAL A 53 2.27 5.30 7.73
CA VAL A 53 1.42 6.44 7.41
C VAL A 53 2.26 7.68 7.06
N GLY A 54 1.68 8.53 6.22
CA GLY A 54 2.34 9.77 5.79
C GLY A 54 1.29 10.86 5.60
N GLN A 55 1.74 12.10 5.41
CA GLN A 55 0.81 13.24 5.23
C GLN A 55 0.85 13.77 3.80
N GLY A 56 -0.29 14.30 3.35
CA GLY A 56 -0.41 14.86 2.00
C GLY A 56 -1.65 15.73 1.87
N GLN A 57 -1.69 16.54 0.81
CA GLN A 57 -2.82 17.44 0.55
C GLN A 57 -4.10 16.66 0.28
N LYS A 58 -3.97 15.56 -0.46
CA LYS A 58 -5.12 14.72 -0.80
C LYS A 58 -5.37 13.63 0.25
N GLY A 59 -4.86 13.86 1.47
CA GLY A 59 -5.01 12.91 2.56
C GLY A 59 -3.71 12.15 2.82
N PRO A 60 -3.64 11.32 3.85
CA PRO A 60 -2.39 10.55 4.18
C PRO A 60 -2.09 9.44 3.16
N CYS A 61 -0.80 9.15 3.01
CA CYS A 61 -0.34 8.11 2.09
C CYS A 61 0.43 7.05 2.86
N ALA A 62 0.85 5.99 2.16
CA ALA A 62 1.62 4.92 2.79
C ALA A 62 2.90 4.68 2.01
N ASN A 63 4.01 4.45 2.73
CA ASN A 63 5.31 4.22 2.10
C ASN A 63 5.95 2.96 2.68
N LYS A 64 7.14 2.60 2.15
CA LYS A 64 7.83 1.39 2.61
C LYS A 64 6.91 0.18 2.42
N VAL A 65 6.34 0.09 1.22
CA VAL A 65 5.41 -0.99 0.90
C VAL A 65 6.17 -2.27 0.58
N VAL A 66 5.91 -3.30 1.37
CA VAL A 66 6.53 -4.62 1.17
C VAL A 66 5.48 -5.72 1.21
N ALA A 67 5.78 -6.85 0.56
CA ALA A 67 4.87 -7.99 0.52
C ALA A 67 4.95 -8.80 1.80
N VAL A 68 3.79 -9.04 2.42
CA VAL A 68 3.71 -9.82 3.66
C VAL A 68 4.52 -9.12 4.76
N MET A 1 5.92 -2.22 13.01
CA MET A 1 5.69 -1.94 11.56
C MET A 1 4.23 -2.21 11.22
N SER A 2 3.48 -1.14 10.94
CA SER A 2 2.07 -1.26 10.59
C SER A 2 1.90 -1.96 9.25
N LYS A 3 0.80 -2.71 9.11
CA LYS A 3 0.51 -3.42 7.87
C LYS A 3 -0.97 -3.80 7.80
N GLY A 4 -1.53 -3.78 6.59
CA GLY A 4 -2.93 -4.10 6.38
C GLY A 4 -3.12 -4.97 5.15
N ILE A 5 -4.36 -5.07 4.69
CA ILE A 5 -4.69 -5.87 3.51
C ILE A 5 -5.21 -4.98 2.40
N VAL A 6 -4.61 -5.12 1.22
CA VAL A 6 -4.97 -4.31 0.06
C VAL A 6 -6.36 -4.67 -0.47
N LYS A 7 -7.23 -3.66 -0.51
CA LYS A 7 -8.58 -3.83 -1.02
C LYS A 7 -8.51 -4.17 -2.52
N TRP A 8 -7.66 -3.42 -3.22
CA TRP A 8 -7.46 -3.61 -4.65
C TRP A 8 -6.19 -2.88 -5.08
N PHE A 9 -5.31 -3.58 -5.82
CA PHE A 9 -4.07 -2.96 -6.30
C PHE A 9 -4.11 -2.77 -7.82
N ASN A 10 -3.99 -1.52 -8.27
CA ASN A 10 -4.01 -1.23 -9.72
C ASN A 10 -2.66 -0.69 -10.20
N SER A 11 -1.74 -1.61 -10.51
CA SER A 11 -0.41 -1.23 -10.99
C SER A 11 -0.51 -0.46 -12.31
N ASP A 12 -1.54 -0.75 -13.11
CA ASP A 12 -1.73 -0.07 -14.38
C ASP A 12 -1.89 1.43 -14.15
N LYS A 13 -2.64 1.77 -13.10
CA LYS A 13 -2.86 3.17 -12.73
C LYS A 13 -1.71 3.70 -11.86
N GLY A 14 -0.90 2.78 -11.31
CA GLY A 14 0.25 3.15 -10.48
C GLY A 14 -0.14 3.34 -9.00
N PHE A 15 -1.38 2.99 -8.63
CA PHE A 15 -1.82 3.14 -7.26
C PHE A 15 -2.98 2.19 -6.94
N GLY A 16 -3.35 2.14 -5.66
CA GLY A 16 -4.43 1.28 -5.20
C GLY A 16 -4.94 1.74 -3.84
N PHE A 17 -5.98 1.06 -3.35
CA PHE A 17 -6.56 1.37 -2.05
C PHE A 17 -6.36 0.20 -1.09
N ILE A 18 -5.94 0.50 0.14
CA ILE A 18 -5.69 -0.54 1.13
C ILE A 18 -6.65 -0.42 2.31
N THR A 19 -7.01 -1.57 2.87
CA THR A 19 -7.91 -1.63 4.01
C THR A 19 -7.10 -1.81 5.31
N PRO A 20 -6.97 -0.77 6.14
CA PRO A 20 -6.20 -0.88 7.42
C PRO A 20 -6.67 -2.04 8.29
N GLU A 21 -5.70 -2.76 8.85
CA GLU A 21 -5.98 -3.89 9.73
C GLU A 21 -6.78 -3.44 10.95
N ASP A 22 -6.39 -2.29 11.52
CA ASP A 22 -7.06 -1.75 12.69
C ASP A 22 -8.51 -1.33 12.40
N GLY A 23 -8.91 -1.39 11.12
CA GLY A 23 -10.27 -1.01 10.73
C GLY A 23 -10.36 0.48 10.36
N SER A 24 -9.20 1.15 10.25
CA SER A 24 -9.16 2.57 9.90
C SER A 24 -9.58 2.77 8.45
N LYS A 25 -9.83 4.02 8.06
CA LYS A 25 -10.24 4.35 6.70
C LYS A 25 -9.15 4.00 5.70
N ASP A 26 -9.56 3.65 4.47
CA ASP A 26 -8.62 3.27 3.43
C ASP A 26 -7.57 4.35 3.18
N LEU A 27 -6.33 3.91 2.92
CA LEU A 27 -5.22 4.83 2.65
C LEU A 27 -4.69 4.59 1.24
N PHE A 28 -4.11 5.64 0.63
CA PHE A 28 -3.55 5.54 -0.71
C PHE A 28 -2.19 4.88 -0.67
N VAL A 29 -1.96 3.94 -1.60
CA VAL A 29 -0.69 3.23 -1.69
C VAL A 29 -0.15 3.31 -3.13
N HIS A 30 1.13 3.66 -3.28
CA HIS A 30 1.74 3.77 -4.61
C HIS A 30 2.72 2.62 -4.87
N HIS A 31 2.66 2.10 -6.10
CA HIS A 31 3.54 1.00 -6.51
C HIS A 31 5.02 1.42 -6.46
N SER A 32 5.29 2.59 -7.02
CA SER A 32 6.67 3.12 -7.10
C SER A 32 7.37 3.19 -5.75
N GLU A 33 6.59 3.25 -4.66
CA GLU A 33 7.17 3.37 -3.32
C GLU A 33 7.90 2.10 -2.88
N ILE A 34 7.55 0.94 -3.44
CA ILE A 34 8.21 -0.31 -3.05
C ILE A 34 9.72 -0.24 -3.34
N GLN A 35 10.52 -0.30 -2.28
CA GLN A 35 11.98 -0.24 -2.40
C GLN A 35 12.64 -1.62 -2.21
N SER A 36 11.83 -2.68 -2.15
CA SER A 36 12.36 -4.04 -1.95
C SER A 36 13.28 -4.42 -3.10
N GLY A 37 14.41 -5.06 -2.75
CA GLY A 37 15.39 -5.48 -3.74
C GLY A 37 15.18 -6.94 -4.15
N GLY A 38 16.13 -7.47 -4.91
CA GLY A 38 16.06 -8.86 -5.37
C GLY A 38 14.80 -9.11 -6.19
N GLU A 39 14.09 -10.20 -5.86
CA GLU A 39 12.87 -10.56 -6.56
C GLU A 39 11.75 -9.59 -6.19
N TYR A 40 10.87 -9.30 -7.16
CA TYR A 40 9.76 -8.38 -6.92
C TYR A 40 8.42 -9.12 -6.97
N ALA A 41 7.62 -8.94 -5.93
CA ALA A 41 6.31 -9.57 -5.85
C ALA A 41 5.24 -8.60 -6.33
N THR A 42 4.29 -9.11 -7.13
CA THR A 42 3.21 -8.26 -7.65
C THR A 42 2.17 -8.01 -6.57
N LEU A 43 1.26 -7.08 -6.85
CA LEU A 43 0.19 -6.74 -5.92
C LEU A 43 -1.16 -6.76 -6.65
N ALA A 44 -2.19 -7.26 -5.97
CA ALA A 44 -3.53 -7.35 -6.55
C ALA A 44 -4.59 -7.13 -5.46
N ASP A 45 -5.76 -7.80 -5.56
CA ASP A 45 -6.82 -7.64 -4.58
C ASP A 45 -6.63 -8.60 -3.41
N GLY A 46 -6.31 -8.03 -2.23
CA GLY A 46 -6.11 -8.85 -1.03
C GLY A 46 -4.63 -9.03 -0.67
N GLN A 47 -3.73 -8.38 -1.41
CA GLN A 47 -2.30 -8.48 -1.16
C GLN A 47 -1.97 -7.87 0.21
N THR A 48 -1.20 -8.61 1.02
CA THR A 48 -0.82 -8.13 2.34
C THR A 48 0.48 -7.34 2.22
N VAL A 49 0.45 -6.10 2.73
CA VAL A 49 1.64 -5.24 2.66
C VAL A 49 1.81 -4.44 3.95
N GLU A 50 3.01 -3.88 4.12
CA GLU A 50 3.31 -3.05 5.29
C GLU A 50 3.63 -1.63 4.82
N TYR A 51 3.17 -0.63 5.57
CA TYR A 51 3.40 0.76 5.18
C TYR A 51 3.29 1.72 6.36
N GLU A 52 3.73 2.95 6.13
CA GLU A 52 3.67 4.00 7.15
C GLU A 52 2.74 5.11 6.68
N VAL A 53 1.79 5.49 7.53
CA VAL A 53 0.83 6.54 7.18
C VAL A 53 1.50 7.91 7.22
N GLY A 54 1.58 8.55 6.05
CA GLY A 54 2.19 9.87 5.93
C GLY A 54 1.10 10.91 5.74
N GLN A 55 1.48 12.19 5.72
CA GLN A 55 0.52 13.26 5.56
C GLN A 55 0.67 13.90 4.17
N GLY A 56 -0.45 14.05 3.47
CA GLY A 56 -0.46 14.65 2.14
C GLY A 56 -1.52 15.75 2.07
N GLN A 57 -1.35 16.66 1.10
CA GLN A 57 -2.29 17.76 0.92
C GLN A 57 -3.68 17.24 0.59
N LYS A 58 -3.73 16.23 -0.28
CA LYS A 58 -5.01 15.62 -0.68
C LYS A 58 -5.50 14.61 0.35
N GLY A 59 -4.57 14.07 1.16
CA GLY A 59 -4.91 13.09 2.18
C GLY A 59 -3.67 12.27 2.58
N PRO A 60 -3.82 11.26 3.45
CA PRO A 60 -2.66 10.40 3.88
C PRO A 60 -2.20 9.45 2.78
N CYS A 61 -0.97 8.96 2.92
CA CYS A 61 -0.39 8.04 1.95
C CYS A 61 0.40 6.94 2.64
N ALA A 62 0.83 5.93 1.88
CA ALA A 62 1.62 4.84 2.43
C ALA A 62 3.03 4.86 1.85
N ASN A 63 4.03 4.83 2.74
CA ASN A 63 5.43 4.85 2.31
C ASN A 63 6.14 3.58 2.76
N LYS A 64 7.26 3.26 2.11
CA LYS A 64 8.03 2.06 2.45
C LYS A 64 7.16 0.82 2.31
N VAL A 65 6.46 0.74 1.18
CA VAL A 65 5.56 -0.39 0.92
C VAL A 65 6.38 -1.66 0.61
N VAL A 66 6.18 -2.68 1.43
CA VAL A 66 6.88 -3.96 1.25
C VAL A 66 5.88 -5.12 1.28
N ALA A 67 5.95 -5.96 0.26
CA ALA A 67 5.05 -7.12 0.16
C ALA A 67 5.39 -8.16 1.21
N VAL A 68 4.35 -8.76 1.79
CA VAL A 68 4.52 -9.79 2.83
C VAL A 68 4.20 -11.17 2.24
#